data_9VIP
# 
_entry.id   9VIP 
# 
_audit_conform.dict_name       mmcif_pdbx.dic 
_audit_conform.dict_version    5.406 
_audit_conform.dict_location   http://mmcif.pdb.org/dictionaries/ascii/mmcif_pdbx.dic 
# 
loop_
_database_2.database_id 
_database_2.database_code 
_database_2.pdbx_database_accession 
_database_2.pdbx_DOI 
PDB   9VIP         pdb_00009vip 10.2210/pdb9vip/pdb 
WWPDB D_1300060751 ?            ?                   
# 
_pdbx_audit_revision_history.ordinal             1 
_pdbx_audit_revision_history.data_content_type   'Structure model' 
_pdbx_audit_revision_history.major_revision      1 
_pdbx_audit_revision_history.minor_revision      0 
_pdbx_audit_revision_history.revision_date       2025-10-08 
_pdbx_audit_revision_history.part_number         ? 
# 
_pdbx_audit_revision_details.ordinal             1 
_pdbx_audit_revision_details.revision_ordinal    1 
_pdbx_audit_revision_details.data_content_type   'Structure model' 
_pdbx_audit_revision_details.provider            repository 
_pdbx_audit_revision_details.type                'Initial release' 
_pdbx_audit_revision_details.description         ? 
_pdbx_audit_revision_details.details             ? 
# 
_pdbx_database_status.status_code                     REL 
_pdbx_database_status.status_code_sf                  REL 
_pdbx_database_status.status_code_mr                  ? 
_pdbx_database_status.entry_id                        9VIP 
_pdbx_database_status.recvd_initial_deposition_date   2025-06-18 
_pdbx_database_status.SG_entry                        N 
_pdbx_database_status.deposit_site                    PDBJ 
_pdbx_database_status.process_site                    PDBC 
_pdbx_database_status.status_code_cs                  ? 
_pdbx_database_status.status_code_nmr_data            ? 
_pdbx_database_status.methods_development_category    ? 
_pdbx_database_status.pdb_format_compatible           Y 
# 
_pdbx_database_related.db_name        PDB 
_pdbx_database_related.details        . 
_pdbx_database_related.db_id          9VIO 
_pdbx_database_related.content_type   unspecified 
# 
_pdbx_contact_author.id                 2 
_pdbx_contact_author.email              wangmzh@ahu.edu.cn 
_pdbx_contact_author.name_first         Mingzhu 
_pdbx_contact_author.name_last          Wang 
_pdbx_contact_author.name_mi            ? 
_pdbx_contact_author.role               'principal investigator/group leader' 
_pdbx_contact_author.identifier_ORCID   0000-0003-1416-2759 
# 
loop_
_audit_author.name 
_audit_author.pdbx_ordinal 
_audit_author.identifier_ORCID 
'Jiang, M.' 1 0009-0009-4137-3018 
'Kong, C.'  2 ?                   
'Wei, Q.'   3 ?                   
'Guo, S.'   4 ?                   
'Chen, X.'  5 ?                   
'Wang, M.'  6 0000-0003-1416-2759 
# 
_citation.abstract                  ? 
_citation.abstract_id_CAS           ? 
_citation.book_id_ISBN              ? 
_citation.book_publisher            ? 
_citation.book_publisher_city       ? 
_citation.book_title                ? 
_citation.coordinate_linkage        ? 
_citation.country                   UK 
_citation.database_id_Medline       ? 
_citation.details                   ? 
_citation.id                        primary 
_citation.journal_abbrev            Int.J.Biol.Macromol. 
_citation.journal_id_ASTM           IJBMDR 
_citation.journal_id_CSD            0708 
_citation.journal_id_ISSN           0141-8130 
_citation.journal_full              ? 
_citation.journal_issue             ? 
_citation.journal_volume            329 
_citation.language                  ? 
_citation.page_first                147810 
_citation.page_last                 147810 
_citation.title                     
'Structural insights into the adenosylcobinamide-phosphate guanylyltransferase activity of CobU from Akkermansia muciniphila.' 
_citation.year                      2025 
_citation.database_id_CSD           ? 
_citation.pdbx_database_id_DOI      10.1016/j.ijbiomac.2025.147810 
_citation.pdbx_database_id_PubMed   40976292 
_citation.pdbx_database_id_patent   ? 
_citation.unpublished_flag          ? 
# 
loop_
_citation_author.citation_id 
_citation_author.name 
_citation_author.ordinal 
_citation_author.identifier_ORCID 
primary 'Jiang, M.' 1 ? 
primary 'Kong, C.'  2 ? 
primary 'Wei, Q.'   3 ? 
primary 'Guo, S.'   4 ? 
primary 'Chen, X.'  5 ? 
primary 'Li, Q.'    6 ? 
primary 'Wang, M.'  7 ? 
# 
loop_
_entity.id 
_entity.type 
_entity.src_method 
_entity.pdbx_description 
_entity.formula_weight 
_entity.pdbx_number_of_molecules 
_entity.pdbx_ec 
_entity.pdbx_mutation 
_entity.pdbx_fragment 
_entity.details 
1 polymer     man 'Adenosylcobinamide kinase' 22107.193 1  2.7.1.156,2.7.7.62 ? ? ? 
2 non-polymer syn GLYCEROL                    92.094    1  ?                  ? ? ? 
3 water       nat water                       18.015    25 ?                  ? ? ? 
# 
_entity_name_com.entity_id   1 
_entity_name_com.name        'Adenosylcobinamide-phosphate guanylyltransferase' 
# 
_entity_poly.entity_id                      1 
_entity_poly.type                           'polypeptide(L)' 
_entity_poly.nstd_linkage                   no 
_entity_poly.nstd_monomer                   no 
_entity_poly.pdbx_seq_one_letter_code       
;MGSSHHHHHHSSGLVPRGSHMTLVLGGIRSGKSQYAEQIAAGFGKKILYVATAEVWPGAGSMEYRVRKHQERRPKSWLTL
ECPRHVASAVGESGLLDQVDGVILECVTLLSSNTLYAQKDPTDYEPFQEALIEEIEALKKLIRQSPVPWVLVSSETGMGI
SQSDAETRHYCDGLGIANQLLAKSADEVYFMVAGLPLTVKKG
;
_entity_poly.pdbx_seq_one_letter_code_can   
;MGSSHHHHHHSSGLVPRGSHMTLVLGGIRSGKSQYAEQIAAGFGKKILYVATAEVWPGAGSMEYRVRKHQERRPKSWLTL
ECPRHVASAVGESGLLDQVDGVILECVTLLSSNTLYAQKDPTDYEPFQEALIEEIEALKKLIRQSPVPWVLVSSETGMGI
SQSDAETRHYCDGLGIANQLLAKSADEVYFMVAGLPLTVKKG
;
_entity_poly.pdbx_strand_id                 A 
_entity_poly.pdbx_target_identifier         ? 
# 
loop_
_pdbx_entity_nonpoly.entity_id 
_pdbx_entity_nonpoly.name 
_pdbx_entity_nonpoly.comp_id 
2 GLYCEROL GOL 
3 water    HOH 
# 
loop_
_entity_poly_seq.entity_id 
_entity_poly_seq.num 
_entity_poly_seq.mon_id 
_entity_poly_seq.hetero 
1 1   MET n 
1 2   GLY n 
1 3   SER n 
1 4   SER n 
1 5   HIS n 
1 6   HIS n 
1 7   HIS n 
1 8   HIS n 
1 9   HIS n 
1 10  HIS n 
1 11  SER n 
1 12  SER n 
1 13  GLY n 
1 14  LEU n 
1 15  VAL n 
1 16  PRO n 
1 17  ARG n 
1 18  GLY n 
1 19  SER n 
1 20  HIS n 
1 21  MET n 
1 22  THR n 
1 23  LEU n 
1 24  VAL n 
1 25  LEU n 
1 26  GLY n 
1 27  GLY n 
1 28  ILE n 
1 29  ARG n 
1 30  SER n 
1 31  GLY n 
1 32  LYS n 
1 33  SER n 
1 34  GLN n 
1 35  TYR n 
1 36  ALA n 
1 37  GLU n 
1 38  GLN n 
1 39  ILE n 
1 40  ALA n 
1 41  ALA n 
1 42  GLY n 
1 43  PHE n 
1 44  GLY n 
1 45  LYS n 
1 46  LYS n 
1 47  ILE n 
1 48  LEU n 
1 49  TYR n 
1 50  VAL n 
1 51  ALA n 
1 52  THR n 
1 53  ALA n 
1 54  GLU n 
1 55  VAL n 
1 56  TRP n 
1 57  PRO n 
1 58  GLY n 
1 59  ALA n 
1 60  GLY n 
1 61  SER n 
1 62  MET n 
1 63  GLU n 
1 64  TYR n 
1 65  ARG n 
1 66  VAL n 
1 67  ARG n 
1 68  LYS n 
1 69  HIS n 
1 70  GLN n 
1 71  GLU n 
1 72  ARG n 
1 73  ARG n 
1 74  PRO n 
1 75  LYS n 
1 76  SER n 
1 77  TRP n 
1 78  LEU n 
1 79  THR n 
1 80  LEU n 
1 81  GLU n 
1 82  CYS n 
1 83  PRO n 
1 84  ARG n 
1 85  HIS n 
1 86  VAL n 
1 87  ALA n 
1 88  SER n 
1 89  ALA n 
1 90  VAL n 
1 91  GLY n 
1 92  GLU n 
1 93  SER n 
1 94  GLY n 
1 95  LEU n 
1 96  LEU n 
1 97  ASP n 
1 98  GLN n 
1 99  VAL n 
1 100 ASP n 
1 101 GLY n 
1 102 VAL n 
1 103 ILE n 
1 104 LEU n 
1 105 GLU n 
1 106 CYS n 
1 107 VAL n 
1 108 THR n 
1 109 LEU n 
1 110 LEU n 
1 111 SER n 
1 112 SER n 
1 113 ASN n 
1 114 THR n 
1 115 LEU n 
1 116 TYR n 
1 117 ALA n 
1 118 GLN n 
1 119 LYS n 
1 120 ASP n 
1 121 PRO n 
1 122 THR n 
1 123 ASP n 
1 124 TYR n 
1 125 GLU n 
1 126 PRO n 
1 127 PHE n 
1 128 GLN n 
1 129 GLU n 
1 130 ALA n 
1 131 LEU n 
1 132 ILE n 
1 133 GLU n 
1 134 GLU n 
1 135 ILE n 
1 136 GLU n 
1 137 ALA n 
1 138 LEU n 
1 139 LYS n 
1 140 LYS n 
1 141 LEU n 
1 142 ILE n 
1 143 ARG n 
1 144 GLN n 
1 145 SER n 
1 146 PRO n 
1 147 VAL n 
1 148 PRO n 
1 149 TRP n 
1 150 VAL n 
1 151 LEU n 
1 152 VAL n 
1 153 SER n 
1 154 SER n 
1 155 GLU n 
1 156 THR n 
1 157 GLY n 
1 158 MET n 
1 159 GLY n 
1 160 ILE n 
1 161 SER n 
1 162 GLN n 
1 163 SER n 
1 164 ASP n 
1 165 ALA n 
1 166 GLU n 
1 167 THR n 
1 168 ARG n 
1 169 HIS n 
1 170 TYR n 
1 171 CYS n 
1 172 ASP n 
1 173 GLY n 
1 174 LEU n 
1 175 GLY n 
1 176 ILE n 
1 177 ALA n 
1 178 ASN n 
1 179 GLN n 
1 180 LEU n 
1 181 LEU n 
1 182 ALA n 
1 183 LYS n 
1 184 SER n 
1 185 ALA n 
1 186 ASP n 
1 187 GLU n 
1 188 VAL n 
1 189 TYR n 
1 190 PHE n 
1 191 MET n 
1 192 VAL n 
1 193 ALA n 
1 194 GLY n 
1 195 LEU n 
1 196 PRO n 
1 197 LEU n 
1 198 THR n 
1 199 VAL n 
1 200 LYS n 
1 201 LYS n 
1 202 GLY n 
# 
_entity_src_gen.entity_id                          1 
_entity_src_gen.pdbx_src_id                        1 
_entity_src_gen.pdbx_alt_source_flag               sample 
_entity_src_gen.pdbx_seq_type                      'Biological sequence' 
_entity_src_gen.pdbx_beg_seq_num                   1 
_entity_src_gen.pdbx_end_seq_num                   202 
_entity_src_gen.gene_src_common_name               ? 
_entity_src_gen.gene_src_genus                     ? 
_entity_src_gen.pdbx_gene_src_gene                 Amuc_1678 
_entity_src_gen.gene_src_species                   ? 
_entity_src_gen.gene_src_strain                    ? 
_entity_src_gen.gene_src_tissue                    ? 
_entity_src_gen.gene_src_tissue_fraction           ? 
_entity_src_gen.gene_src_details                   ? 
_entity_src_gen.pdbx_gene_src_fragment             ? 
_entity_src_gen.pdbx_gene_src_scientific_name      'Akkermansia muciniphila ATCC BAA-835' 
_entity_src_gen.pdbx_gene_src_ncbi_taxonomy_id     349741 
_entity_src_gen.pdbx_gene_src_variant              ? 
_entity_src_gen.pdbx_gene_src_cell_line            ? 
_entity_src_gen.pdbx_gene_src_atcc                 ? 
_entity_src_gen.pdbx_gene_src_organ                ? 
_entity_src_gen.pdbx_gene_src_organelle            ? 
_entity_src_gen.pdbx_gene_src_cell                 ? 
_entity_src_gen.pdbx_gene_src_cellular_location    ? 
_entity_src_gen.host_org_common_name               ? 
_entity_src_gen.pdbx_host_org_scientific_name      'Escherichia coli' 
_entity_src_gen.pdbx_host_org_ncbi_taxonomy_id     562 
_entity_src_gen.host_org_genus                     ? 
_entity_src_gen.pdbx_host_org_gene                 ? 
_entity_src_gen.pdbx_host_org_organ                ? 
_entity_src_gen.host_org_species                   ? 
_entity_src_gen.pdbx_host_org_tissue               ? 
_entity_src_gen.pdbx_host_org_tissue_fraction      ? 
_entity_src_gen.pdbx_host_org_strain               ? 
_entity_src_gen.pdbx_host_org_variant              ? 
_entity_src_gen.pdbx_host_org_cell_line            ? 
_entity_src_gen.pdbx_host_org_atcc                 ? 
_entity_src_gen.pdbx_host_org_culture_collection   ? 
_entity_src_gen.pdbx_host_org_cell                 ? 
_entity_src_gen.pdbx_host_org_organelle            ? 
_entity_src_gen.pdbx_host_org_cellular_location    ? 
_entity_src_gen.pdbx_host_org_vector_type          ? 
_entity_src_gen.pdbx_host_org_vector               ? 
_entity_src_gen.host_org_details                   ? 
_entity_src_gen.expression_system_id               ? 
_entity_src_gen.plasmid_name                       ? 
_entity_src_gen.plasmid_details                    ? 
_entity_src_gen.pdbx_description                   ? 
# 
loop_
_chem_comp.id 
_chem_comp.type 
_chem_comp.mon_nstd_flag 
_chem_comp.name 
_chem_comp.pdbx_synonyms 
_chem_comp.formula 
_chem_comp.formula_weight 
ALA 'L-peptide linking' y ALANINE         ?                               'C3 H7 N O2'     89.093  
ARG 'L-peptide linking' y ARGININE        ?                               'C6 H15 N4 O2 1' 175.209 
ASN 'L-peptide linking' y ASPARAGINE      ?                               'C4 H8 N2 O3'    132.118 
ASP 'L-peptide linking' y 'ASPARTIC ACID' ?                               'C4 H7 N O4'     133.103 
CYS 'L-peptide linking' y CYSTEINE        ?                               'C3 H7 N O2 S'   121.158 
GLN 'L-peptide linking' y GLUTAMINE       ?                               'C5 H10 N2 O3'   146.144 
GLU 'L-peptide linking' y 'GLUTAMIC ACID' ?                               'C5 H9 N O4'     147.129 
GLY 'peptide linking'   y GLYCINE         ?                               'C2 H5 N O2'     75.067  
GOL non-polymer         . GLYCEROL        'GLYCERIN; PROPANE-1,2,3-TRIOL' 'C3 H8 O3'       92.094  
HIS 'L-peptide linking' y HISTIDINE       ?                               'C6 H10 N3 O2 1' 156.162 
HOH non-polymer         . WATER           ?                               'H2 O'           18.015  
ILE 'L-peptide linking' y ISOLEUCINE      ?                               'C6 H13 N O2'    131.173 
LEU 'L-peptide linking' y LEUCINE         ?                               'C6 H13 N O2'    131.173 
LYS 'L-peptide linking' y LYSINE          ?                               'C6 H15 N2 O2 1' 147.195 
MET 'L-peptide linking' y METHIONINE      ?                               'C5 H11 N O2 S'  149.211 
PHE 'L-peptide linking' y PHENYLALANINE   ?                               'C9 H11 N O2'    165.189 
PRO 'L-peptide linking' y PROLINE         ?                               'C5 H9 N O2'     115.130 
SER 'L-peptide linking' y SERINE          ?                               'C3 H7 N O3'     105.093 
THR 'L-peptide linking' y THREONINE       ?                               'C4 H9 N O3'     119.119 
TRP 'L-peptide linking' y TRYPTOPHAN      ?                               'C11 H12 N2 O2'  204.225 
TYR 'L-peptide linking' y TYROSINE        ?                               'C9 H11 N O3'    181.189 
VAL 'L-peptide linking' y VALINE          ?                               'C5 H11 N O2'    117.146 
# 
loop_
_pdbx_poly_seq_scheme.asym_id 
_pdbx_poly_seq_scheme.entity_id 
_pdbx_poly_seq_scheme.seq_id 
_pdbx_poly_seq_scheme.mon_id 
_pdbx_poly_seq_scheme.ndb_seq_num 
_pdbx_poly_seq_scheme.pdb_seq_num 
_pdbx_poly_seq_scheme.auth_seq_num 
_pdbx_poly_seq_scheme.pdb_mon_id 
_pdbx_poly_seq_scheme.auth_mon_id 
_pdbx_poly_seq_scheme.pdb_strand_id 
_pdbx_poly_seq_scheme.pdb_ins_code 
_pdbx_poly_seq_scheme.hetero 
A 1 1   MET 1   -19 ?   ?   ?   A . n 
A 1 2   GLY 2   -18 ?   ?   ?   A . n 
A 1 3   SER 3   -17 ?   ?   ?   A . n 
A 1 4   SER 4   -16 ?   ?   ?   A . n 
A 1 5   HIS 5   -15 ?   ?   ?   A . n 
A 1 6   HIS 6   -14 ?   ?   ?   A . n 
A 1 7   HIS 7   -13 ?   ?   ?   A . n 
A 1 8   HIS 8   -12 ?   ?   ?   A . n 
A 1 9   HIS 9   -11 ?   ?   ?   A . n 
A 1 10  HIS 10  -10 ?   ?   ?   A . n 
A 1 11  SER 11  -9  ?   ?   ?   A . n 
A 1 12  SER 12  -8  ?   ?   ?   A . n 
A 1 13  GLY 13  -7  ?   ?   ?   A . n 
A 1 14  LEU 14  -6  ?   ?   ?   A . n 
A 1 15  VAL 15  -5  ?   ?   ?   A . n 
A 1 16  PRO 16  -4  ?   ?   ?   A . n 
A 1 17  ARG 17  -3  ?   ?   ?   A . n 
A 1 18  GLY 18  -2  -2  GLY GLY A . n 
A 1 19  SER 19  -1  -1  SER SER A . n 
A 1 20  HIS 20  0   0   HIS HIS A . n 
A 1 21  MET 21  1   1   MET MET A . n 
A 1 22  THR 22  2   2   THR THR A . n 
A 1 23  LEU 23  3   3   LEU LEU A . n 
A 1 24  VAL 24  4   4   VAL VAL A . n 
A 1 25  LEU 25  5   5   LEU LEU A . n 
A 1 26  GLY 26  6   6   GLY GLY A . n 
A 1 27  GLY 27  7   7   GLY GLY A . n 
A 1 28  ILE 28  8   8   ILE ILE A . n 
A 1 29  ARG 29  9   9   ARG ARG A . n 
A 1 30  SER 30  10  10  SER SER A . n 
A 1 31  GLY 31  11  11  GLY GLY A . n 
A 1 32  LYS 32  12  12  LYS LYS A . n 
A 1 33  SER 33  13  13  SER SER A . n 
A 1 34  GLN 34  14  14  GLN GLN A . n 
A 1 35  TYR 35  15  15  TYR TYR A . n 
A 1 36  ALA 36  16  16  ALA ALA A . n 
A 1 37  GLU 37  17  17  GLU GLU A . n 
A 1 38  GLN 38  18  18  GLN GLN A . n 
A 1 39  ILE 39  19  19  ILE ILE A . n 
A 1 40  ALA 40  20  20  ALA ALA A . n 
A 1 41  ALA 41  21  21  ALA ALA A . n 
A 1 42  GLY 42  22  22  GLY GLY A . n 
A 1 43  PHE 43  23  23  PHE PHE A . n 
A 1 44  GLY 44  24  24  GLY GLY A . n 
A 1 45  LYS 45  25  25  LYS LYS A . n 
A 1 46  LYS 46  26  26  LYS LYS A . n 
A 1 47  ILE 47  27  27  ILE ILE A . n 
A 1 48  LEU 48  28  28  LEU LEU A . n 
A 1 49  TYR 49  29  29  TYR TYR A . n 
A 1 50  VAL 50  30  30  VAL VAL A . n 
A 1 51  ALA 51  31  31  ALA ALA A . n 
A 1 52  THR 52  32  32  THR THR A . n 
A 1 53  ALA 53  33  33  ALA ALA A . n 
A 1 54  GLU 54  34  34  GLU GLU A . n 
A 1 55  VAL 55  35  ?   ?   ?   A . n 
A 1 56  TRP 56  36  ?   ?   ?   A . n 
A 1 57  PRO 57  37  ?   ?   ?   A . n 
A 1 58  GLY 58  38  ?   ?   ?   A . n 
A 1 59  ALA 59  39  ?   ?   ?   A . n 
A 1 60  GLY 60  40  ?   ?   ?   A . n 
A 1 61  SER 61  41  ?   ?   ?   A . n 
A 1 62  MET 62  42  42  MET MET A . n 
A 1 63  GLU 63  43  43  GLU GLU A . n 
A 1 64  TYR 64  44  44  TYR TYR A . n 
A 1 65  ARG 65  45  45  ARG ARG A . n 
A 1 66  VAL 66  46  46  VAL VAL A . n 
A 1 67  ARG 67  47  47  ARG ARG A . n 
A 1 68  LYS 68  48  48  LYS LYS A . n 
A 1 69  HIS 69  49  49  HIS HIS A . n 
A 1 70  GLN 70  50  50  GLN GLN A . n 
A 1 71  GLU 71  51  51  GLU GLU A . n 
A 1 72  ARG 72  52  52  ARG ARG A . n 
A 1 73  ARG 73  53  53  ARG ARG A . n 
A 1 74  PRO 74  54  54  PRO PRO A . n 
A 1 75  LYS 75  55  55  LYS LYS A . n 
A 1 76  SER 76  56  56  SER SER A . n 
A 1 77  TRP 77  57  57  TRP TRP A . n 
A 1 78  LEU 78  58  58  LEU LEU A . n 
A 1 79  THR 79  59  59  THR THR A . n 
A 1 80  LEU 80  60  60  LEU LEU A . n 
A 1 81  GLU 81  61  61  GLU GLU A . n 
A 1 82  CYS 82  62  62  CYS CYS A . n 
A 1 83  PRO 83  63  63  PRO PRO A . n 
A 1 84  ARG 84  64  64  ARG ARG A . n 
A 1 85  HIS 85  65  65  HIS HIS A . n 
A 1 86  VAL 86  66  66  VAL VAL A . n 
A 1 87  ALA 87  67  67  ALA ALA A . n 
A 1 88  SER 88  68  68  SER SER A . n 
A 1 89  ALA 89  69  69  ALA ALA A . n 
A 1 90  VAL 90  70  70  VAL VAL A . n 
A 1 91  GLY 91  71  71  GLY GLY A . n 
A 1 92  GLU 92  72  72  GLU GLU A . n 
A 1 93  SER 93  73  73  SER SER A . n 
A 1 94  GLY 94  74  74  GLY GLY A . n 
A 1 95  LEU 95  75  75  LEU LEU A . n 
A 1 96  LEU 96  76  76  LEU LEU A . n 
A 1 97  ASP 97  77  77  ASP ASP A . n 
A 1 98  GLN 98  78  78  GLN GLN A . n 
A 1 99  VAL 99  79  79  VAL VAL A . n 
A 1 100 ASP 100 80  80  ASP ASP A . n 
A 1 101 GLY 101 81  81  GLY GLY A . n 
A 1 102 VAL 102 82  82  VAL VAL A . n 
A 1 103 ILE 103 83  83  ILE ILE A . n 
A 1 104 LEU 104 84  84  LEU LEU A . n 
A 1 105 GLU 105 85  85  GLU GLU A . n 
A 1 106 CYS 106 86  86  CYS CYS A . n 
A 1 107 VAL 107 87  87  VAL VAL A . n 
A 1 108 THR 108 88  88  THR THR A . n 
A 1 109 LEU 109 89  89  LEU LEU A . n 
A 1 110 LEU 110 90  90  LEU LEU A . n 
A 1 111 SER 111 91  91  SER SER A . n 
A 1 112 SER 112 92  92  SER SER A . n 
A 1 113 ASN 113 93  93  ASN ASN A . n 
A 1 114 THR 114 94  94  THR THR A . n 
A 1 115 LEU 115 95  95  LEU LEU A . n 
A 1 116 TYR 116 96  96  TYR TYR A . n 
A 1 117 ALA 117 97  97  ALA ALA A . n 
A 1 118 GLN 118 98  98  GLN GLN A . n 
A 1 119 LYS 119 99  99  LYS LYS A . n 
A 1 120 ASP 120 100 100 ASP ASP A . n 
A 1 121 PRO 121 101 101 PRO PRO A . n 
A 1 122 THR 122 102 102 THR THR A . n 
A 1 123 ASP 123 103 103 ASP ASP A . n 
A 1 124 TYR 124 104 104 TYR TYR A . n 
A 1 125 GLU 125 105 105 GLU GLU A . n 
A 1 126 PRO 126 106 106 PRO PRO A . n 
A 1 127 PHE 127 107 107 PHE PHE A . n 
A 1 128 GLN 128 108 108 GLN GLN A . n 
A 1 129 GLU 129 109 109 GLU GLU A . n 
A 1 130 ALA 130 110 110 ALA ALA A . n 
A 1 131 LEU 131 111 111 LEU LEU A . n 
A 1 132 ILE 132 112 112 ILE ILE A . n 
A 1 133 GLU 133 113 113 GLU GLU A . n 
A 1 134 GLU 134 114 114 GLU GLU A . n 
A 1 135 ILE 135 115 115 ILE ILE A . n 
A 1 136 GLU 136 116 116 GLU GLU A . n 
A 1 137 ALA 137 117 117 ALA ALA A . n 
A 1 138 LEU 138 118 118 LEU LEU A . n 
A 1 139 LYS 139 119 119 LYS LYS A . n 
A 1 140 LYS 140 120 120 LYS LYS A . n 
A 1 141 LEU 141 121 121 LEU LEU A . n 
A 1 142 ILE 142 122 122 ILE ILE A . n 
A 1 143 ARG 143 123 123 ARG ARG A . n 
A 1 144 GLN 144 124 124 GLN GLN A . n 
A 1 145 SER 145 125 125 SER SER A . n 
A 1 146 PRO 146 126 126 PRO PRO A . n 
A 1 147 VAL 147 127 127 VAL VAL A . n 
A 1 148 PRO 148 128 128 PRO PRO A . n 
A 1 149 TRP 149 129 129 TRP TRP A . n 
A 1 150 VAL 150 130 130 VAL VAL A . n 
A 1 151 LEU 151 131 131 LEU LEU A . n 
A 1 152 VAL 152 132 132 VAL VAL A . n 
A 1 153 SER 153 133 133 SER SER A . n 
A 1 154 SER 154 134 134 SER SER A . n 
A 1 155 GLU 155 135 135 GLU GLU A . n 
A 1 156 THR 156 136 136 THR THR A . n 
A 1 157 GLY 157 137 137 GLY GLY A . n 
A 1 158 MET 158 138 138 MET MET A . n 
A 1 159 GLY 159 139 139 GLY GLY A . n 
A 1 160 ILE 160 140 140 ILE ILE A . n 
A 1 161 SER 161 141 141 SER SER A . n 
A 1 162 GLN 162 142 142 GLN GLN A . n 
A 1 163 SER 163 143 143 SER SER A . n 
A 1 164 ASP 164 144 144 ASP ASP A . n 
A 1 165 ALA 165 145 145 ALA ALA A . n 
A 1 166 GLU 166 146 146 GLU GLU A . n 
A 1 167 THR 167 147 147 THR THR A . n 
A 1 168 ARG 168 148 148 ARG ARG A . n 
A 1 169 HIS 169 149 149 HIS HIS A . n 
A 1 170 TYR 170 150 150 TYR TYR A . n 
A 1 171 CYS 171 151 151 CYS CYS A . n 
A 1 172 ASP 172 152 152 ASP ASP A . n 
A 1 173 GLY 173 153 153 GLY GLY A . n 
A 1 174 LEU 174 154 154 LEU LEU A . n 
A 1 175 GLY 175 155 155 GLY GLY A . n 
A 1 176 ILE 176 156 156 ILE ILE A . n 
A 1 177 ALA 177 157 157 ALA ALA A . n 
A 1 178 ASN 178 158 158 ASN ASN A . n 
A 1 179 GLN 179 159 159 GLN GLN A . n 
A 1 180 LEU 180 160 160 LEU LEU A . n 
A 1 181 LEU 181 161 161 LEU LEU A . n 
A 1 182 ALA 182 162 162 ALA ALA A . n 
A 1 183 LYS 183 163 163 LYS LYS A . n 
A 1 184 SER 184 164 164 SER SER A . n 
A 1 185 ALA 185 165 165 ALA ALA A . n 
A 1 186 ASP 186 166 166 ASP ASP A . n 
A 1 187 GLU 187 167 167 GLU GLU A . n 
A 1 188 VAL 188 168 168 VAL VAL A . n 
A 1 189 TYR 189 169 169 TYR TYR A . n 
A 1 190 PHE 190 170 170 PHE PHE A . n 
A 1 191 MET 191 171 171 MET MET A . n 
A 1 192 VAL 192 172 172 VAL VAL A . n 
A 1 193 ALA 193 173 173 ALA ALA A . n 
A 1 194 GLY 194 174 174 GLY GLY A . n 
A 1 195 LEU 195 175 175 LEU LEU A . n 
A 1 196 PRO 196 176 176 PRO PRO A . n 
A 1 197 LEU 197 177 177 LEU LEU A . n 
A 1 198 THR 198 178 178 THR THR A . n 
A 1 199 VAL 199 179 179 VAL VAL A . n 
A 1 200 LYS 200 180 180 LYS LYS A . n 
A 1 201 LYS 201 181 181 LYS LYS A . n 
A 1 202 GLY 202 182 182 GLY GLY A . n 
# 
loop_
_pdbx_nonpoly_scheme.asym_id 
_pdbx_nonpoly_scheme.entity_id 
_pdbx_nonpoly_scheme.mon_id 
_pdbx_nonpoly_scheme.ndb_seq_num 
_pdbx_nonpoly_scheme.pdb_seq_num 
_pdbx_nonpoly_scheme.auth_seq_num 
_pdbx_nonpoly_scheme.pdb_mon_id 
_pdbx_nonpoly_scheme.auth_mon_id 
_pdbx_nonpoly_scheme.pdb_strand_id 
_pdbx_nonpoly_scheme.pdb_ins_code 
B 2 GOL 1  201 201 GOL GOL A . 
C 3 HOH 1  301 16  HOH HOH A . 
C 3 HOH 2  302 2   HOH HOH A . 
C 3 HOH 3  303 5   HOH HOH A . 
C 3 HOH 4  304 14  HOH HOH A . 
C 3 HOH 5  305 24  HOH HOH A . 
C 3 HOH 6  306 25  HOH HOH A . 
C 3 HOH 7  307 11  HOH HOH A . 
C 3 HOH 8  308 23  HOH HOH A . 
C 3 HOH 9  309 13  HOH HOH A . 
C 3 HOH 10 310 20  HOH HOH A . 
C 3 HOH 11 311 3   HOH HOH A . 
C 3 HOH 12 312 17  HOH HOH A . 
C 3 HOH 13 313 9   HOH HOH A . 
C 3 HOH 14 314 1   HOH HOH A . 
C 3 HOH 15 315 8   HOH HOH A . 
C 3 HOH 16 316 22  HOH HOH A . 
C 3 HOH 17 317 7   HOH HOH A . 
C 3 HOH 18 318 19  HOH HOH A . 
C 3 HOH 19 319 18  HOH HOH A . 
C 3 HOH 20 320 12  HOH HOH A . 
C 3 HOH 21 321 4   HOH HOH A . 
C 3 HOH 22 322 15  HOH HOH A . 
C 3 HOH 23 323 6   HOH HOH A . 
C 3 HOH 24 324 21  HOH HOH A . 
C 3 HOH 25 325 10  HOH HOH A . 
# 
loop_
_pdbx_unobs_or_zero_occ_atoms.id 
_pdbx_unobs_or_zero_occ_atoms.PDB_model_num 
_pdbx_unobs_or_zero_occ_atoms.polymer_flag 
_pdbx_unobs_or_zero_occ_atoms.occupancy_flag 
_pdbx_unobs_or_zero_occ_atoms.auth_asym_id 
_pdbx_unobs_or_zero_occ_atoms.auth_comp_id 
_pdbx_unobs_or_zero_occ_atoms.auth_seq_id 
_pdbx_unobs_or_zero_occ_atoms.PDB_ins_code 
_pdbx_unobs_or_zero_occ_atoms.auth_atom_id 
_pdbx_unobs_or_zero_occ_atoms.label_alt_id 
_pdbx_unobs_or_zero_occ_atoms.label_asym_id 
_pdbx_unobs_or_zero_occ_atoms.label_comp_id 
_pdbx_unobs_or_zero_occ_atoms.label_seq_id 
_pdbx_unobs_or_zero_occ_atoms.label_atom_id 
1  1 Y 1 A MET 42 ? CG  ? A MET 62 CG  
2  1 Y 1 A MET 42 ? SD  ? A MET 62 SD  
3  1 Y 1 A MET 42 ? CE  ? A MET 62 CE  
4  1 Y 1 A LYS 48 ? CG  ? A LYS 68 CG  
5  1 Y 1 A LYS 48 ? CD  ? A LYS 68 CD  
6  1 Y 1 A LYS 48 ? CE  ? A LYS 68 CE  
7  1 Y 1 A LYS 48 ? NZ  ? A LYS 68 NZ  
8  1 Y 1 A GLN 50 ? CG  ? A GLN 70 CG  
9  1 Y 1 A GLN 50 ? CD  ? A GLN 70 CD  
10 1 Y 1 A GLN 50 ? OE1 ? A GLN 70 OE1 
11 1 Y 1 A GLN 50 ? NE2 ? A GLN 70 NE2 
12 1 Y 1 A GLU 51 ? CG  ? A GLU 71 CG  
13 1 Y 1 A GLU 51 ? CD  ? A GLU 71 CD  
14 1 Y 1 A GLU 51 ? OE1 ? A GLU 71 OE1 
15 1 Y 1 A GLU 51 ? OE2 ? A GLU 71 OE2 
16 1 Y 1 A ARG 52 ? CG  ? A ARG 72 CG  
17 1 Y 1 A ARG 52 ? CD  ? A ARG 72 CD  
18 1 Y 1 A ARG 52 ? NE  ? A ARG 72 NE  
19 1 Y 1 A ARG 52 ? CZ  ? A ARG 72 CZ  
20 1 Y 1 A ARG 52 ? NH1 ? A ARG 72 NH1 
21 1 Y 1 A ARG 52 ? NH2 ? A ARG 72 NH2 
22 1 Y 1 A LYS 55 ? CG  ? A LYS 75 CG  
23 1 Y 1 A LYS 55 ? CD  ? A LYS 75 CD  
24 1 Y 1 A LYS 55 ? CE  ? A LYS 75 CE  
25 1 Y 1 A LYS 55 ? NZ  ? A LYS 75 NZ  
# 
loop_
_software.citation_id 
_software.classification 
_software.compiler_name 
_software.compiler_version 
_software.contact_author 
_software.contact_author_email 
_software.date 
_software.description 
_software.dependencies 
_software.hardware 
_software.language 
_software.location 
_software.mods 
_software.name 
_software.os 
_software.os_version 
_software.type 
_software.version 
_software.pdbx_reference_DOI 
_software.pdbx_ordinal 
? refinement        ? ? ? ? ? ? ? ? ? ? ? PHENIX      ? ? ? '(1.20.1_4487: ???)' ? 1 
? 'data scaling'    ? ? ? ? ? ? ? ? ? ? ? HKL-3000    ? ? ? .                    ? 2 
? 'data reduction'  ? ? ? ? ? ? ? ? ? ? ? HKL-3000    ? ? ? .                    ? 3 
? phasing           ? ? ? ? ? ? ? ? ? ? ? PHASER      ? ? ? .                    ? 4 
? 'data extraction' ? ? ? ? ? ? ? ? ? ? ? PDB_EXTRACT ? ? ? .                    ? 5 
# 
_cell.angle_alpha                  90.00 
_cell.angle_alpha_esd              ? 
_cell.angle_beta                   90.00 
_cell.angle_beta_esd               ? 
_cell.angle_gamma                  90.00 
_cell.angle_gamma_esd              ? 
_cell.entry_id                     9VIP 
_cell.details                      ? 
_cell.formula_units_Z              ? 
_cell.length_a                     88.115 
_cell.length_a_esd                 ? 
_cell.length_b                     88.115 
_cell.length_b_esd                 ? 
_cell.length_c                     88.115 
_cell.length_c_esd                 ? 
_cell.volume                       ? 
_cell.volume_esd                   ? 
_cell.Z_PDB                        12 
_cell.reciprocal_angle_alpha       ? 
_cell.reciprocal_angle_beta        ? 
_cell.reciprocal_angle_gamma       ? 
_cell.reciprocal_angle_alpha_esd   ? 
_cell.reciprocal_angle_beta_esd    ? 
_cell.reciprocal_angle_gamma_esd   ? 
_cell.reciprocal_length_a          ? 
_cell.reciprocal_length_b          ? 
_cell.reciprocal_length_c          ? 
_cell.reciprocal_length_a_esd      ? 
_cell.reciprocal_length_b_esd      ? 
_cell.reciprocal_length_c_esd      ? 
_cell.pdbx_unique_axis             ? 
_cell.pdbx_esd_method              ? 
# 
_symmetry.entry_id                         9VIP 
_symmetry.cell_setting                     ? 
_symmetry.Int_Tables_number                195 
_symmetry.space_group_name_Hall            ? 
_symmetry.space_group_name_H-M             'P 2 3' 
_symmetry.pdbx_full_space_group_name_H-M   ? 
# 
_exptl.absorpt_coefficient_mu     ? 
_exptl.absorpt_correction_T_max   ? 
_exptl.absorpt_correction_T_min   ? 
_exptl.absorpt_correction_type    ? 
_exptl.absorpt_process_details    ? 
_exptl.entry_id                   9VIP 
_exptl.crystals_number            1 
_exptl.details                    ? 
_exptl.method                     'X-RAY DIFFRACTION' 
_exptl.method_details             ? 
# 
_exptl_crystal.colour                       ? 
_exptl_crystal.density_diffrn               ? 
_exptl_crystal.density_Matthews             2.58 
_exptl_crystal.density_method               ? 
_exptl_crystal.density_percent_sol          52.31 
_exptl_crystal.description                  ? 
_exptl_crystal.F_000                        ? 
_exptl_crystal.id                           1 
_exptl_crystal.preparation                  ? 
_exptl_crystal.size_max                     ? 
_exptl_crystal.size_mid                     ? 
_exptl_crystal.size_min                     ? 
_exptl_crystal.size_rad                     ? 
_exptl_crystal.colour_lustre                ? 
_exptl_crystal.colour_modifier              ? 
_exptl_crystal.colour_primary               ? 
_exptl_crystal.density_meas                 ? 
_exptl_crystal.density_meas_esd             ? 
_exptl_crystal.density_meas_gt              ? 
_exptl_crystal.density_meas_lt              ? 
_exptl_crystal.density_meas_temp            ? 
_exptl_crystal.density_meas_temp_esd        ? 
_exptl_crystal.density_meas_temp_gt         ? 
_exptl_crystal.density_meas_temp_lt         ? 
_exptl_crystal.pdbx_crystal_image_url       ? 
_exptl_crystal.pdbx_crystal_image_format    ? 
_exptl_crystal.pdbx_mosaicity               ? 
_exptl_crystal.pdbx_mosaicity_esd           ? 
_exptl_crystal.pdbx_mosaic_method           ? 
_exptl_crystal.pdbx_mosaic_block_size       ? 
_exptl_crystal.pdbx_mosaic_block_size_esd   ? 
# 
_exptl_crystal_grow.apparatus       ? 
_exptl_crystal_grow.atmosphere      ? 
_exptl_crystal_grow.crystal_id      1 
_exptl_crystal_grow.details         ? 
_exptl_crystal_grow.method          'VAPOR DIFFUSION, SITTING DROP' 
_exptl_crystal_grow.method_ref      ? 
_exptl_crystal_grow.pH              7.0 
_exptl_crystal_grow.pressure        ? 
_exptl_crystal_grow.pressure_esd    ? 
_exptl_crystal_grow.seeding         ? 
_exptl_crystal_grow.seeding_ref     ? 
_exptl_crystal_grow.temp_details    ? 
_exptl_crystal_grow.temp_esd        ? 
_exptl_crystal_grow.time            ? 
_exptl_crystal_grow.pdbx_details    '0.05M cesium chloride, 0.1M MES monohydrate pH 7.0, 26% Jeffamine M-600, pH 6.0' 
_exptl_crystal_grow.pdbx_pH_range   ? 
_exptl_crystal_grow.temp            289 
# 
_diffrn.ambient_environment              ? 
_diffrn.ambient_temp                     100 
_diffrn.ambient_temp_details             ? 
_diffrn.ambient_temp_esd                 ? 
_diffrn.crystal_id                       1 
_diffrn.crystal_support                  ? 
_diffrn.crystal_treatment                ? 
_diffrn.details                          ? 
_diffrn.id                               1 
_diffrn.ambient_pressure                 ? 
_diffrn.ambient_pressure_esd             ? 
_diffrn.ambient_pressure_gt              ? 
_diffrn.ambient_pressure_lt              ? 
_diffrn.ambient_temp_gt                  ? 
_diffrn.ambient_temp_lt                  ? 
_diffrn.pdbx_serial_crystal_experiment   N 
# 
_diffrn_detector.details                      ? 
_diffrn_detector.detector                     PIXEL 
_diffrn_detector.diffrn_id                    1 
_diffrn_detector.type                         'DECTRIS PILATUS 6M' 
_diffrn_detector.area_resol_mean              ? 
_diffrn_detector.dtime                        ? 
_diffrn_detector.pdbx_frames_total            ? 
_diffrn_detector.pdbx_collection_time_total   ? 
_diffrn_detector.pdbx_collection_date         2023-06-21 
_diffrn_detector.pdbx_frequency               ? 
_diffrn_detector.id                           ? 
_diffrn_detector.number_of_axes               ? 
# 
_diffrn_radiation.collimation                      ? 
_diffrn_radiation.diffrn_id                        1 
_diffrn_radiation.filter_edge                      ? 
_diffrn_radiation.inhomogeneity                    ? 
_diffrn_radiation.monochromator                    ? 
_diffrn_radiation.polarisn_norm                    ? 
_diffrn_radiation.polarisn_ratio                   ? 
_diffrn_radiation.probe                            ? 
_diffrn_radiation.type                             ? 
_diffrn_radiation.xray_symbol                      ? 
_diffrn_radiation.wavelength_id                    1 
_diffrn_radiation.pdbx_monochromatic_or_laue_m_l   M 
_diffrn_radiation.pdbx_wavelength_list             ? 
_diffrn_radiation.pdbx_wavelength                  ? 
_diffrn_radiation.pdbx_diffrn_protocol             'SINGLE WAVELENGTH' 
_diffrn_radiation.pdbx_analyzer                    ? 
_diffrn_radiation.pdbx_scattering_type             x-ray 
# 
_diffrn_radiation_wavelength.id           1 
_diffrn_radiation_wavelength.wavelength   0.9785 
_diffrn_radiation_wavelength.wt           1.0 
# 
_diffrn_source.current                     ? 
_diffrn_source.details                     ? 
_diffrn_source.diffrn_id                   1 
_diffrn_source.power                       ? 
_diffrn_source.size                        ? 
_diffrn_source.source                      SYNCHROTRON 
_diffrn_source.target                      ? 
_diffrn_source.type                        'NFPSS BEAMLINE BL19U1' 
_diffrn_source.voltage                     ? 
_diffrn_source.take-off_angle              ? 
_diffrn_source.pdbx_wavelength_list        0.9785 
_diffrn_source.pdbx_wavelength             ? 
_diffrn_source.pdbx_synchrotron_beamline   BL19U1 
_diffrn_source.pdbx_synchrotron_site       NFPSS 
# 
_reflns.B_iso_Wilson_estimate                          ? 
_reflns.entry_id                                       9VIP 
_reflns.data_reduction_details                         ? 
_reflns.data_reduction_method                          ? 
_reflns.d_resolution_high                              2.30 
_reflns.d_resolution_low                               50.00 
_reflns.details                                        ? 
_reflns.limit_h_max                                    ? 
_reflns.limit_h_min                                    ? 
_reflns.limit_k_max                                    ? 
_reflns.limit_k_min                                    ? 
_reflns.limit_l_max                                    ? 
_reflns.limit_l_min                                    ? 
_reflns.number_all                                     ? 
_reflns.number_obs                                     10366 
_reflns.observed_criterion                             ? 
_reflns.observed_criterion_F_max                       ? 
_reflns.observed_criterion_F_min                       ? 
_reflns.observed_criterion_I_max                       ? 
_reflns.observed_criterion_I_min                       ? 
_reflns.observed_criterion_sigma_F                     ? 
_reflns.observed_criterion_sigma_I                     ? 
_reflns.percent_possible_obs                           100.0 
_reflns.R_free_details                                 ? 
_reflns.Rmerge_F_all                                   ? 
_reflns.Rmerge_F_obs                                   ? 
_reflns.Friedel_coverage                               ? 
_reflns.number_gt                                      ? 
_reflns.threshold_expression                           ? 
_reflns.pdbx_redundancy                                36.5 
_reflns.pdbx_netI_over_av_sigmaI                       ? 
_reflns.pdbx_netI_over_sigmaI                          7.8 
_reflns.pdbx_res_netI_over_av_sigmaI_2                 ? 
_reflns.pdbx_res_netI_over_sigmaI_2                    ? 
_reflns.pdbx_chi_squared                               0.964 
_reflns.pdbx_scaling_rejects                           ? 
_reflns.pdbx_d_res_high_opt                            ? 
_reflns.pdbx_d_res_low_opt                             ? 
_reflns.pdbx_d_res_opt_method                          ? 
_reflns.phase_calculation_details                      ? 
_reflns.pdbx_Rrim_I_all                                0.105 
_reflns.pdbx_Rpim_I_all                                0.019 
_reflns.pdbx_d_opt                                     ? 
_reflns.pdbx_number_measured_all                       ? 
_reflns.pdbx_diffrn_id                                 1 
_reflns.pdbx_ordinal                                   1 
_reflns.pdbx_CC_half                                   0.993 
_reflns.pdbx_CC_star                                   0.998 
_reflns.pdbx_R_split                                   ? 
_reflns.pdbx_Rmerge_I_obs                              0.103 
_reflns.pdbx_Rmerge_I_all                              ? 
_reflns.pdbx_Rsym_value                                ? 
_reflns.pdbx_CC_split_method                           ? 
_reflns.pdbx_aniso_diffraction_limit_axis_1_ortho[1]   ? 
_reflns.pdbx_aniso_diffraction_limit_axis_1_ortho[2]   ? 
_reflns.pdbx_aniso_diffraction_limit_axis_1_ortho[3]   ? 
_reflns.pdbx_aniso_diffraction_limit_axis_2_ortho[1]   ? 
_reflns.pdbx_aniso_diffraction_limit_axis_2_ortho[2]   ? 
_reflns.pdbx_aniso_diffraction_limit_axis_2_ortho[3]   ? 
_reflns.pdbx_aniso_diffraction_limit_axis_3_ortho[1]   ? 
_reflns.pdbx_aniso_diffraction_limit_axis_3_ortho[2]   ? 
_reflns.pdbx_aniso_diffraction_limit_axis_3_ortho[3]   ? 
_reflns.pdbx_aniso_diffraction_limit_1                 ? 
_reflns.pdbx_aniso_diffraction_limit_2                 ? 
_reflns.pdbx_aniso_diffraction_limit_3                 ? 
_reflns.pdbx_aniso_B_tensor_eigenvector_1_ortho[1]     ? 
_reflns.pdbx_aniso_B_tensor_eigenvector_1_ortho[2]     ? 
_reflns.pdbx_aniso_B_tensor_eigenvector_1_ortho[3]     ? 
_reflns.pdbx_aniso_B_tensor_eigenvector_2_ortho[1]     ? 
_reflns.pdbx_aniso_B_tensor_eigenvector_2_ortho[2]     ? 
_reflns.pdbx_aniso_B_tensor_eigenvector_2_ortho[3]     ? 
_reflns.pdbx_aniso_B_tensor_eigenvector_3_ortho[1]     ? 
_reflns.pdbx_aniso_B_tensor_eigenvector_3_ortho[2]     ? 
_reflns.pdbx_aniso_B_tensor_eigenvector_3_ortho[3]     ? 
_reflns.pdbx_aniso_B_tensor_eigenvalue_1               ? 
_reflns.pdbx_aniso_B_tensor_eigenvalue_2               ? 
_reflns.pdbx_aniso_B_tensor_eigenvalue_3               ? 
_reflns.pdbx_orthogonalization_convention              ? 
_reflns.pdbx_percent_possible_ellipsoidal              ? 
_reflns.pdbx_percent_possible_spherical                ? 
_reflns.pdbx_percent_possible_ellipsoidal_anomalous    ? 
_reflns.pdbx_percent_possible_spherical_anomalous      ? 
_reflns.pdbx_redundancy_anomalous                      ? 
_reflns.pdbx_CC_half_anomalous                         ? 
_reflns.pdbx_absDiff_over_sigma_anomalous              ? 
_reflns.pdbx_percent_possible_anomalous                ? 
_reflns.pdbx_observed_signal_threshold                 ? 
_reflns.pdbx_signal_type                               ? 
_reflns.pdbx_signal_details                            ? 
_reflns.pdbx_signal_software_id                        ? 
# 
loop_
_reflns_shell.d_res_high 
_reflns_shell.d_res_low 
_reflns_shell.meanI_over_sigI_all 
_reflns_shell.meanI_over_sigI_obs 
_reflns_shell.number_measured_all 
_reflns_shell.number_measured_obs 
_reflns_shell.number_possible 
_reflns_shell.number_unique_all 
_reflns_shell.number_unique_obs 
_reflns_shell.percent_possible_obs 
_reflns_shell.Rmerge_F_all 
_reflns_shell.Rmerge_F_obs 
_reflns_shell.meanI_over_sigI_gt 
_reflns_shell.meanI_over_uI_all 
_reflns_shell.meanI_over_uI_gt 
_reflns_shell.number_measured_gt 
_reflns_shell.number_unique_gt 
_reflns_shell.percent_possible_gt 
_reflns_shell.Rmerge_F_gt 
_reflns_shell.Rmerge_I_gt 
_reflns_shell.pdbx_redundancy 
_reflns_shell.pdbx_chi_squared 
_reflns_shell.pdbx_netI_over_sigmaI_all 
_reflns_shell.pdbx_netI_over_sigmaI_obs 
_reflns_shell.pdbx_Rrim_I_all 
_reflns_shell.pdbx_Rpim_I_all 
_reflns_shell.pdbx_rejects 
_reflns_shell.pdbx_ordinal 
_reflns_shell.pdbx_diffrn_id 
_reflns_shell.pdbx_CC_half 
_reflns_shell.pdbx_CC_star 
_reflns_shell.pdbx_R_split 
_reflns_shell.percent_possible_all 
_reflns_shell.Rmerge_I_all 
_reflns_shell.Rmerge_I_obs 
_reflns_shell.pdbx_Rsym_value 
_reflns_shell.pdbx_percent_possible_ellipsoidal 
_reflns_shell.pdbx_percent_possible_spherical 
_reflns_shell.pdbx_percent_possible_ellipsoidal_anomalous 
_reflns_shell.pdbx_percent_possible_spherical_anomalous 
_reflns_shell.pdbx_redundancy_anomalous 
_reflns_shell.pdbx_CC_half_anomalous 
_reflns_shell.pdbx_absDiff_over_sigma_anomalous 
_reflns_shell.pdbx_percent_possible_anomalous 
2.30 2.38  ? ? ? ? ? ? 1001 ? ? ? ? ? ? ? ? ? ? ? 40.1 0.911 ? ? 1.766 0.278 ? 1  1 0.886 0.969 ? 100.0 ? 1.744 ? ? ? ? ? ? ? ? ? 
2.38 2.48  ? ? ? ? ? ? 1007 ? ? ? ? ? ? ? ? ? ? ? 39.4 0.938 ? ? 1.185 0.188 ? 2  1 0.949 0.987 ? 100.0 ? 1.170 ? ? ? ? ? ? ? ? ? 
2.48 2.59  ? ? ? ? ? ? 1046 ? ? ? ? ? ? ? ? ? ? ? 40.2 0.961 ? ? 0.760 0.120 ? 3  1 0.966 0.991 ? 100.0 ? 0.751 ? ? ? ? ? ? ? ? ? 
2.59 2.73  ? ? ? ? ? ? 1013 ? ? ? ? ? ? ? ? ? ? ? 38.6 1.012 ? ? 0.538 0.086 ? 4  1 0.981 0.995 ? 100.0 ? 0.531 ? ? ? ? ? ? ? ? ? 
2.73 2.90  ? ? ? ? ? ? 1031 ? ? ? ? ? ? ? ? ? ? ? 38.6 1.007 ? ? 0.335 0.054 ? 5  1 0.993 0.998 ? 100.0 ? 0.331 ? ? ? ? ? ? ? ? ? 
2.90 3.12  ? ? ? ? ? ? 1025 ? ? ? ? ? ? ? ? ? ? ? 38.4 0.958 ? ? 0.223 0.036 ? 6  1 0.996 0.999 ? 100.0 ? 0.220 ? ? ? ? ? ? ? ? ? 
3.12 3.44  ? ? ? ? ? ? 1038 ? ? ? ? ? ? ? ? ? ? ? 35.5 0.996 ? ? 0.152 0.026 ? 7  1 0.997 0.999 ? 100.0 ? 0.150 ? ? ? ? ? ? ? ? ? 
3.44 3.93  ? ? ? ? ? ? 1035 ? ? ? ? ? ? ? ? ? ? ? 33.6 0.966 ? ? 0.112 0.020 ? 8  1 0.998 1.000 ? 100.0 ? 0.110 ? ? ? ? ? ? ? ? ? 
3.93 4.95  ? ? ? ? ? ? 1056 ? ? ? ? ? ? ? ? ? ? ? 31.3 0.941 ? ? 0.091 0.017 ? 9  1 0.999 1.000 ? 100.0 ? 0.089 ? ? ? ? ? ? ? ? ? 
4.95 50.00 ? ? ? ? ? ? 1114 ? ? ? ? ? ? ? ? ? ? ? 30.5 0.950 ? ? 0.078 0.015 ? 10 1 0.999 1.000 ? 100.0 ? 0.077 ? ? ? ? ? ? ? ? ? 
# 
_refine.aniso_B[1][1]                            ? 
_refine.aniso_B[1][2]                            ? 
_refine.aniso_B[1][3]                            ? 
_refine.aniso_B[2][2]                            ? 
_refine.aniso_B[2][3]                            ? 
_refine.aniso_B[3][3]                            ? 
_refine.B_iso_max                                ? 
_refine.B_iso_mean                               ? 
_refine.B_iso_min                                ? 
_refine.correlation_coeff_Fo_to_Fc               ? 
_refine.correlation_coeff_Fo_to_Fc_free          ? 
_refine.details                                  ? 
_refine.diff_density_max                         ? 
_refine.diff_density_max_esd                     ? 
_refine.diff_density_min                         ? 
_refine.diff_density_min_esd                     ? 
_refine.diff_density_rms                         ? 
_refine.diff_density_rms_esd                     ? 
_refine.entry_id                                 9VIP 
_refine.pdbx_refine_id                           'X-RAY DIFFRACTION' 
_refine.ls_abs_structure_details                 ? 
_refine.ls_abs_structure_Flack                   ? 
_refine.ls_abs_structure_Flack_esd               ? 
_refine.ls_abs_structure_Rogers                  ? 
_refine.ls_abs_structure_Rogers_esd              ? 
_refine.ls_d_res_high                            2.30 
_refine.ls_d_res_low                             29.37 
_refine.ls_extinction_coef                       ? 
_refine.ls_extinction_coef_esd                   ? 
_refine.ls_extinction_expression                 ? 
_refine.ls_extinction_method                     ? 
_refine.ls_goodness_of_fit_all                   ? 
_refine.ls_goodness_of_fit_all_esd               ? 
_refine.ls_goodness_of_fit_obs                   ? 
_refine.ls_goodness_of_fit_obs_esd               ? 
_refine.ls_hydrogen_treatment                    ? 
_refine.ls_matrix_type                           ? 
_refine.ls_number_constraints                    ? 
_refine.ls_number_parameters                     ? 
_refine.ls_number_reflns_all                     ? 
_refine.ls_number_reflns_obs                     10306 
_refine.ls_number_reflns_R_free                  509 
_refine.ls_number_reflns_R_work                  ? 
_refine.ls_number_restraints                     ? 
_refine.ls_percent_reflns_obs                    99.47 
_refine.ls_percent_reflns_R_free                 4.94 
_refine.ls_R_factor_all                          ? 
_refine.ls_R_factor_obs                          0.2048 
_refine.ls_R_factor_R_free                       0.2379 
_refine.ls_R_factor_R_free_error                 ? 
_refine.ls_R_factor_R_free_error_details         ? 
_refine.ls_R_factor_R_work                       0.2031 
_refine.ls_R_Fsqd_factor_obs                     ? 
_refine.ls_R_I_factor_obs                        ? 
_refine.ls_redundancy_reflns_all                 ? 
_refine.ls_redundancy_reflns_obs                 ? 
_refine.ls_restrained_S_all                      ? 
_refine.ls_restrained_S_obs                      ? 
_refine.ls_shift_over_esd_max                    ? 
_refine.ls_shift_over_esd_mean                   ? 
_refine.ls_structure_factor_coef                 ? 
_refine.ls_weighting_details                     ? 
_refine.ls_weighting_scheme                      ? 
_refine.ls_wR_factor_all                         ? 
_refine.ls_wR_factor_obs                         ? 
_refine.ls_wR_factor_R_free                      ? 
_refine.ls_wR_factor_R_work                      ? 
_refine.occupancy_max                            ? 
_refine.occupancy_min                            ? 
_refine.solvent_model_details                    'FLAT BULK SOLVENT MODEL' 
_refine.solvent_model_param_bsol                 ? 
_refine.solvent_model_param_ksol                 ? 
_refine.correlation_coeff_I_to_Fcsqd_work        ? 
_refine.correlation_coeff_I_to_Fcsqd_free        ? 
_refine.pdbx_R_complete                          ? 
_refine.ls_R_factor_gt                           ? 
_refine.ls_goodness_of_fit_gt                    ? 
_refine.ls_goodness_of_fit_ref                   ? 
_refine.ls_shift_over_su_max                     ? 
_refine.ls_shift_over_su_max_lt                  ? 
_refine.ls_shift_over_su_mean                    ? 
_refine.ls_shift_over_su_mean_lt                 ? 
_refine.pdbx_ls_sigma_I                          ? 
_refine.pdbx_ls_sigma_F                          1.35 
_refine.pdbx_ls_sigma_Fsqd                       ? 
_refine.pdbx_data_cutoff_high_absF               ? 
_refine.pdbx_data_cutoff_high_rms_absF           ? 
_refine.pdbx_data_cutoff_low_absF                ? 
_refine.pdbx_isotropic_thermal_model             ? 
_refine.pdbx_ls_cross_valid_method               'FREE R-VALUE' 
_refine.pdbx_method_to_determine_struct          'MOLECULAR REPLACEMENT' 
_refine.pdbx_starting_model                      ? 
_refine.pdbx_stereochemistry_target_values       ML 
_refine.pdbx_R_Free_selection_details            ? 
_refine.pdbx_stereochem_target_val_spec_case     ? 
_refine.pdbx_overall_ESU_R                       ? 
_refine.pdbx_overall_ESU_R_Free                  ? 
_refine.pdbx_solvent_vdw_probe_radii             1.10 
_refine.pdbx_solvent_ion_probe_radii             ? 
_refine.pdbx_solvent_shrinkage_radii             0.90 
_refine.pdbx_real_space_R                        ? 
_refine.pdbx_density_correlation                 ? 
_refine.pdbx_pd_number_of_powder_patterns        ? 
_refine.pdbx_pd_number_of_points                 ? 
_refine.pdbx_pd_meas_number_of_points            ? 
_refine.pdbx_pd_proc_ls_prof_R_factor            ? 
_refine.pdbx_pd_proc_ls_prof_wR_factor           ? 
_refine.pdbx_pd_Marquardt_correlation_coeff      ? 
_refine.pdbx_pd_Fsqrd_R_factor                   ? 
_refine.pdbx_pd_ls_matrix_band_width             ? 
_refine.pdbx_overall_phase_error                 32.24 
_refine.pdbx_overall_SU_R_free_Cruickshank_DPI   ? 
_refine.pdbx_overall_SU_R_free_Blow_DPI          ? 
_refine.pdbx_overall_SU_R_Blow_DPI               ? 
_refine.pdbx_TLS_residual_ADP_flag               ? 
_refine.pdbx_diffrn_id                           1 
_refine.overall_SU_B                             ? 
_refine.overall_SU_ML                            0.32 
_refine.overall_SU_R_Cruickshank_DPI             ? 
_refine.overall_SU_R_free                        ? 
_refine.overall_FOM_free_R_set                   ? 
_refine.overall_FOM_work_R_set                   ? 
_refine.pdbx_average_fsc_overall                 ? 
_refine.pdbx_average_fsc_work                    ? 
_refine.pdbx_average_fsc_free                    ? 
# 
_refine_hist.pdbx_refine_id                   'X-RAY DIFFRACTION' 
_refine_hist.cycle_id                         LAST 
_refine_hist.pdbx_number_atoms_protein        1347 
_refine_hist.pdbx_number_atoms_nucleic_acid   0 
_refine_hist.pdbx_number_atoms_ligand         6 
_refine_hist.number_atoms_solvent             25 
_refine_hist.number_atoms_total               1378 
_refine_hist.d_res_high                       2.30 
_refine_hist.d_res_low                        29.37 
# 
loop_
_refine_ls_restr.pdbx_refine_id 
_refine_ls_restr.criterion 
_refine_ls_restr.dev_ideal 
_refine_ls_restr.dev_ideal_target 
_refine_ls_restr.number 
_refine_ls_restr.rejects 
_refine_ls_restr.type 
_refine_ls_restr.weight 
_refine_ls_restr.pdbx_Zscore 
_refine_ls_restr.pdbx_restraint_function 
'X-RAY DIFFRACTION' ? 0.005  ? 1379 ? f_bond_d           ? ? ? 
'X-RAY DIFFRACTION' ? 0.710  ? 1869 ? f_angle_d          ? ? ? 
'X-RAY DIFFRACTION' ? 13.509 ? 504  ? f_dihedral_angle_d ? ? ? 
'X-RAY DIFFRACTION' ? 0.046  ? 216  ? f_chiral_restr     ? ? ? 
'X-RAY DIFFRACTION' ? 0.006  ? 239  ? f_plane_restr      ? ? ? 
# 
loop_
_refine_ls_shell.pdbx_refine_id 
_refine_ls_shell.d_res_high 
_refine_ls_shell.d_res_low 
_refine_ls_shell.number_reflns_all 
_refine_ls_shell.number_reflns_obs 
_refine_ls_shell.number_reflns_R_free 
_refine_ls_shell.number_reflns_R_work 
_refine_ls_shell.percent_reflns_obs 
_refine_ls_shell.percent_reflns_R_free 
_refine_ls_shell.R_factor_all 
_refine_ls_shell.R_factor_obs 
_refine_ls_shell.R_factor_R_free_error 
_refine_ls_shell.R_factor_R_work 
_refine_ls_shell.redundancy_reflns_all 
_refine_ls_shell.redundancy_reflns_obs 
_refine_ls_shell.wR_factor_all 
_refine_ls_shell.wR_factor_obs 
_refine_ls_shell.wR_factor_R_free 
_refine_ls_shell.wR_factor_R_work 
_refine_ls_shell.pdbx_R_complete 
_refine_ls_shell.correlation_coeff_Fo_to_Fc 
_refine_ls_shell.correlation_coeff_Fo_to_Fc_free 
_refine_ls_shell.correlation_coeff_I_to_Fcsqd_work 
_refine_ls_shell.correlation_coeff_I_to_Fcsqd_free 
_refine_ls_shell.pdbx_total_number_of_bins_used 
_refine_ls_shell.pdbx_phase_error 
_refine_ls_shell.pdbx_fsc_work 
_refine_ls_shell.pdbx_fsc_free 
_refine_ls_shell.R_factor_R_free 
'X-RAY DIFFRACTION' 2.30 2.53  . . 114 2393 98.00  . . . . 0.3005 . . . . . . . . . . . . . . . 0.3421 
'X-RAY DIFFRACTION' 2.54 2.90  . . 141 2403 100.00 . . . . 0.2418 . . . . . . . . . . . . . . . 0.3102 
'X-RAY DIFFRACTION' 2.90 3.65  . . 141 2436 100.00 . . . . 0.2694 . . . . . . . . . . . . . . . 0.3156 
'X-RAY DIFFRACTION' 3.66 29.37 . . 113 2565 100.00 . . . . 0.1694 . . . . . . . . . . . . . . . 0.1907 
# 
_struct.entry_id                     9VIP 
_struct.title                        
;Crystal strcture of adenosylcobinamide kinase/adenosylcobinamide phosphate guanylyltransferase CobU from Akkermansia muciniphila, crystal form II
;
_struct.pdbx_model_details           ? 
_struct.pdbx_formula_weight          ? 
_struct.pdbx_formula_weight_method   ? 
_struct.pdbx_model_type_details      ? 
_struct.pdbx_CASP_flag               N 
# 
_struct_keywords.entry_id        9VIP 
_struct_keywords.text            
;VB12, Cobamide remodeling, CobU, adenosylcobinamide kinase, adenosylcobinamide phosphate guanylyltransferase, Akkermansia muciniphila, TRANSFERASE
;
_struct_keywords.pdbx_keywords   TRANSFERASE 
# 
loop_
_struct_asym.id 
_struct_asym.pdbx_blank_PDB_chainid_flag 
_struct_asym.pdbx_modified 
_struct_asym.entity_id 
_struct_asym.details 
A N N 1 ? 
B N N 2 ? 
C N N 3 ? 
# 
_struct_ref.id                         1 
_struct_ref.db_name                    UNP 
_struct_ref.db_code                    B2UM52_AKKM8 
_struct_ref.pdbx_db_accession          B2UM52 
_struct_ref.pdbx_db_isoform            ? 
_struct_ref.entity_id                  1 
_struct_ref.pdbx_seq_one_letter_code   
;MTLVLGGIRSGKSQYAEQIAAGFGKKILYVATAEVWPGAGSMEYRVRKHQERRPKSWLTLECPRHVASAVGESGLLDQVD
GVILECVTLLSSNTLYAQKDPTDYEPFQEALIEEIEALKKLIRQSPVPWVLVSSETGMGISQSDAETRHYCDGLGIANQL
LAKSADEVYFMVAGLPLTVKKG
;
_struct_ref.pdbx_align_begin           1 
# 
_struct_ref_seq.align_id                      1 
_struct_ref_seq.ref_id                        1 
_struct_ref_seq.pdbx_PDB_id_code              9VIP 
_struct_ref_seq.pdbx_strand_id                A 
_struct_ref_seq.seq_align_beg                 21 
_struct_ref_seq.pdbx_seq_align_beg_ins_code   ? 
_struct_ref_seq.seq_align_end                 202 
_struct_ref_seq.pdbx_seq_align_end_ins_code   ? 
_struct_ref_seq.pdbx_db_accession             B2UM52 
_struct_ref_seq.db_align_beg                  1 
_struct_ref_seq.pdbx_db_align_beg_ins_code    ? 
_struct_ref_seq.db_align_end                  182 
_struct_ref_seq.pdbx_db_align_end_ins_code    ? 
_struct_ref_seq.pdbx_auth_seq_align_beg       1 
_struct_ref_seq.pdbx_auth_seq_align_end       182 
# 
loop_
_struct_ref_seq_dif.align_id 
_struct_ref_seq_dif.pdbx_pdb_id_code 
_struct_ref_seq_dif.mon_id 
_struct_ref_seq_dif.pdbx_pdb_strand_id 
_struct_ref_seq_dif.seq_num 
_struct_ref_seq_dif.pdbx_pdb_ins_code 
_struct_ref_seq_dif.pdbx_seq_db_name 
_struct_ref_seq_dif.pdbx_seq_db_accession_code 
_struct_ref_seq_dif.db_mon_id 
_struct_ref_seq_dif.pdbx_seq_db_seq_num 
_struct_ref_seq_dif.details 
_struct_ref_seq_dif.pdbx_auth_seq_num 
_struct_ref_seq_dif.pdbx_ordinal 
1 9VIP MET A 1  ? UNP B2UM52 ? ? 'initiating methionine' -19 1  
1 9VIP GLY A 2  ? UNP B2UM52 ? ? 'expression tag'        -18 2  
1 9VIP SER A 3  ? UNP B2UM52 ? ? 'expression tag'        -17 3  
1 9VIP SER A 4  ? UNP B2UM52 ? ? 'expression tag'        -16 4  
1 9VIP HIS A 5  ? UNP B2UM52 ? ? 'expression tag'        -15 5  
1 9VIP HIS A 6  ? UNP B2UM52 ? ? 'expression tag'        -14 6  
1 9VIP HIS A 7  ? UNP B2UM52 ? ? 'expression tag'        -13 7  
1 9VIP HIS A 8  ? UNP B2UM52 ? ? 'expression tag'        -12 8  
1 9VIP HIS A 9  ? UNP B2UM52 ? ? 'expression tag'        -11 9  
1 9VIP HIS A 10 ? UNP B2UM52 ? ? 'expression tag'        -10 10 
1 9VIP SER A 11 ? UNP B2UM52 ? ? 'expression tag'        -9  11 
1 9VIP SER A 12 ? UNP B2UM52 ? ? 'expression tag'        -8  12 
1 9VIP GLY A 13 ? UNP B2UM52 ? ? 'expression tag'        -7  13 
1 9VIP LEU A 14 ? UNP B2UM52 ? ? 'expression tag'        -6  14 
1 9VIP VAL A 15 ? UNP B2UM52 ? ? 'expression tag'        -5  15 
1 9VIP PRO A 16 ? UNP B2UM52 ? ? 'expression tag'        -4  16 
1 9VIP ARG A 17 ? UNP B2UM52 ? ? 'expression tag'        -3  17 
1 9VIP GLY A 18 ? UNP B2UM52 ? ? 'expression tag'        -2  18 
1 9VIP SER A 19 ? UNP B2UM52 ? ? 'expression tag'        -1  19 
1 9VIP HIS A 20 ? UNP B2UM52 ? ? 'expression tag'        0   20 
# 
_pdbx_struct_assembly.id                   1 
_pdbx_struct_assembly.details              author_and_software_defined_assembly 
_pdbx_struct_assembly.method_details       PISA 
_pdbx_struct_assembly.oligomeric_details   trimeric 
_pdbx_struct_assembly.oligomeric_count     3 
# 
loop_
_pdbx_struct_assembly_prop.biol_id 
_pdbx_struct_assembly_prop.type 
_pdbx_struct_assembly_prop.value 
_pdbx_struct_assembly_prop.details 
1 'ABSA (A^2)' 5880  ? 
1 MORE         -46   ? 
1 'SSA (A^2)'  24350 ? 
# 
_pdbx_struct_assembly_gen.assembly_id       1 
_pdbx_struct_assembly_gen.oper_expression   1,2,3 
_pdbx_struct_assembly_gen.asym_id_list      A,B,C 
# 
_pdbx_struct_assembly_auth_evidence.id                     1 
_pdbx_struct_assembly_auth_evidence.assembly_id            1 
_pdbx_struct_assembly_auth_evidence.experimental_support   'gel filtration' 
_pdbx_struct_assembly_auth_evidence.details                ? 
# 
loop_
_pdbx_struct_oper_list.id 
_pdbx_struct_oper_list.type 
_pdbx_struct_oper_list.name 
_pdbx_struct_oper_list.symmetry_operation 
_pdbx_struct_oper_list.matrix[1][1] 
_pdbx_struct_oper_list.matrix[1][2] 
_pdbx_struct_oper_list.matrix[1][3] 
_pdbx_struct_oper_list.vector[1] 
_pdbx_struct_oper_list.matrix[2][1] 
_pdbx_struct_oper_list.matrix[2][2] 
_pdbx_struct_oper_list.matrix[2][3] 
_pdbx_struct_oper_list.vector[2] 
_pdbx_struct_oper_list.matrix[3][1] 
_pdbx_struct_oper_list.matrix[3][2] 
_pdbx_struct_oper_list.matrix[3][3] 
_pdbx_struct_oper_list.vector[3] 
1 'identity operation'         1_555 x,y,z 1.0000000000 0.0000000000  0.0000000000 0.0000000000   0.0000000000  1.0000000000  0.0000000000  0.0000000000  0.0000000000 0.0000000000  1.0000000000 0.0000000000  
2 'crystal symmetry operation' 5_555 z,x,y 0.3095283895 0.4737585111  0.8244665241 -21.8658929640 -0.6891239079 -0.4856761496 0.5377982124  0.2568129507  0.6552102073 -0.7346234075 0.1761477601 23.9629576540 
3 'crystal symmetry operation' 9_555 y,z,x 0.3095283895 -0.6891239079 0.6552102073 -8.7556838735  0.4737585111  -0.4856761496 -0.7346234075 28.0876304251 0.8244665241 0.5377982124  0.1761477601 13.6685619047 
# 
loop_
_struct_conf.conf_type_id 
_struct_conf.id 
_struct_conf.pdbx_PDB_helix_id 
_struct_conf.beg_label_comp_id 
_struct_conf.beg_label_asym_id 
_struct_conf.beg_label_seq_id 
_struct_conf.pdbx_beg_PDB_ins_code 
_struct_conf.end_label_comp_id 
_struct_conf.end_label_asym_id 
_struct_conf.end_label_seq_id 
_struct_conf.pdbx_end_PDB_ins_code 
_struct_conf.beg_auth_comp_id 
_struct_conf.beg_auth_asym_id 
_struct_conf.beg_auth_seq_id 
_struct_conf.end_auth_comp_id 
_struct_conf.end_auth_asym_id 
_struct_conf.end_auth_seq_id 
_struct_conf.pdbx_PDB_helix_class 
_struct_conf.details 
_struct_conf.pdbx_PDB_helix_length 
HELX_P HELX_P1 AA1 GLY A 31  ? GLY A 44  ? GLY A 11  GLY A 24  1 ? 14 
HELX_P HELX_P2 AA2 HIS A 85  ? GLY A 94  ? HIS A 65  GLY A 74  1 ? 10 
HELX_P HELX_P3 AA3 LEU A 95  ? GLN A 98  ? LEU A 75  GLN A 78  5 ? 4  
HELX_P HELX_P4 AA4 CYS A 106 ? ALA A 117 ? CYS A 86  ALA A 97  1 ? 12 
HELX_P HELX_P5 AA5 TYR A 124 ? GLN A 144 ? TYR A 104 GLN A 124 1 ? 21 
HELX_P HELX_P6 AA6 ASP A 164 ? ALA A 185 ? ASP A 144 ALA A 165 1 ? 22 
# 
_struct_conf_type.id          HELX_P 
_struct_conf_type.criteria    ? 
_struct_conf_type.reference   ? 
# 
_struct_mon_prot_cis.pdbx_id                1 
_struct_mon_prot_cis.label_comp_id          GLU 
_struct_mon_prot_cis.label_seq_id           105 
_struct_mon_prot_cis.label_asym_id          A 
_struct_mon_prot_cis.label_alt_id           . 
_struct_mon_prot_cis.pdbx_PDB_ins_code      ? 
_struct_mon_prot_cis.auth_comp_id           GLU 
_struct_mon_prot_cis.auth_seq_id            85 
_struct_mon_prot_cis.auth_asym_id           A 
_struct_mon_prot_cis.pdbx_label_comp_id_2   CYS 
_struct_mon_prot_cis.pdbx_label_seq_id_2    106 
_struct_mon_prot_cis.pdbx_label_asym_id_2   A 
_struct_mon_prot_cis.pdbx_PDB_ins_code_2    ? 
_struct_mon_prot_cis.pdbx_auth_comp_id_2    CYS 
_struct_mon_prot_cis.pdbx_auth_seq_id_2     86 
_struct_mon_prot_cis.pdbx_auth_asym_id_2    A 
_struct_mon_prot_cis.pdbx_PDB_model_num     1 
_struct_mon_prot_cis.pdbx_omega_angle       1.20 
# 
_struct_sheet.id               AA1 
_struct_sheet.type             ? 
_struct_sheet.number_strands   7 
_struct_sheet.details          ? 
# 
loop_
_struct_sheet_order.sheet_id 
_struct_sheet_order.range_id_1 
_struct_sheet_order.range_id_2 
_struct_sheet_order.offset 
_struct_sheet_order.sense 
AA1 1 2 ? parallel      
AA1 2 3 ? parallel      
AA1 3 4 ? parallel      
AA1 4 5 ? parallel      
AA1 5 6 ? parallel      
AA1 6 7 ? anti-parallel 
# 
loop_
_struct_sheet_range.sheet_id 
_struct_sheet_range.id 
_struct_sheet_range.beg_label_comp_id 
_struct_sheet_range.beg_label_asym_id 
_struct_sheet_range.beg_label_seq_id 
_struct_sheet_range.pdbx_beg_PDB_ins_code 
_struct_sheet_range.end_label_comp_id 
_struct_sheet_range.end_label_asym_id 
_struct_sheet_range.end_label_seq_id 
_struct_sheet_range.pdbx_end_PDB_ins_code 
_struct_sheet_range.beg_auth_comp_id 
_struct_sheet_range.beg_auth_asym_id 
_struct_sheet_range.beg_auth_seq_id 
_struct_sheet_range.end_auth_comp_id 
_struct_sheet_range.end_auth_asym_id 
_struct_sheet_range.end_auth_seq_id 
AA1 1 LEU A 78  ? GLU A 81  ? LEU A 58  GLU A 61  
AA1 2 ILE A 47  ? ALA A 51  ? ILE A 27  ALA A 31  
AA1 3 GLY A 101 ? GLU A 105 ? GLY A 81  GLU A 85  
AA1 4 TRP A 149 ? SER A 154 ? TRP A 129 SER A 134 
AA1 5 MET A 21  ? GLY A 26  ? MET A 1   GLY A 6   
AA1 6 GLU A 187 ? VAL A 192 ? GLU A 167 VAL A 172 
AA1 7 LEU A 195 ? LYS A 200 ? LEU A 175 LYS A 180 
# 
loop_
_pdbx_struct_sheet_hbond.sheet_id 
_pdbx_struct_sheet_hbond.range_id_1 
_pdbx_struct_sheet_hbond.range_id_2 
_pdbx_struct_sheet_hbond.range_1_label_atom_id 
_pdbx_struct_sheet_hbond.range_1_label_comp_id 
_pdbx_struct_sheet_hbond.range_1_label_asym_id 
_pdbx_struct_sheet_hbond.range_1_label_seq_id 
_pdbx_struct_sheet_hbond.range_1_PDB_ins_code 
_pdbx_struct_sheet_hbond.range_1_auth_atom_id 
_pdbx_struct_sheet_hbond.range_1_auth_comp_id 
_pdbx_struct_sheet_hbond.range_1_auth_asym_id 
_pdbx_struct_sheet_hbond.range_1_auth_seq_id 
_pdbx_struct_sheet_hbond.range_2_label_atom_id 
_pdbx_struct_sheet_hbond.range_2_label_comp_id 
_pdbx_struct_sheet_hbond.range_2_label_asym_id 
_pdbx_struct_sheet_hbond.range_2_label_seq_id 
_pdbx_struct_sheet_hbond.range_2_PDB_ins_code 
_pdbx_struct_sheet_hbond.range_2_auth_atom_id 
_pdbx_struct_sheet_hbond.range_2_auth_comp_id 
_pdbx_struct_sheet_hbond.range_2_auth_asym_id 
_pdbx_struct_sheet_hbond.range_2_auth_seq_id 
AA1 1 2 O LEU A 78  ? O LEU A 58  N TYR A 49  ? N TYR A 29  
AA1 2 3 N VAL A 50  ? N VAL A 30  O GLU A 105 ? O GLU A 85  
AA1 3 4 N VAL A 102 ? N VAL A 82  O VAL A 150 ? O VAL A 130 
AA1 4 5 O LEU A 151 ? O LEU A 131 N THR A 22  ? N THR A 2   
AA1 5 6 N LEU A 23  ? N LEU A 3   O TYR A 189 ? O TYR A 169 
AA1 6 7 N VAL A 188 ? N VAL A 168 O VAL A 199 ? O VAL A 179 
# 
_pdbx_entry_details.entry_id                   9VIP 
_pdbx_entry_details.nonpolymer_details         ? 
_pdbx_entry_details.sequence_details           ? 
_pdbx_entry_details.compound_details           ? 
_pdbx_entry_details.source_details             ? 
_pdbx_entry_details.has_ligand_of_interest     N 
_pdbx_entry_details.has_protein_modification   N 
# 
_pdbx_validate_symm_contact.id                1 
_pdbx_validate_symm_contact.PDB_model_num     1 
_pdbx_validate_symm_contact.auth_atom_id_1    O 
_pdbx_validate_symm_contact.auth_asym_id_1    A 
_pdbx_validate_symm_contact.auth_comp_id_1    HOH 
_pdbx_validate_symm_contact.auth_seq_id_1     304 
_pdbx_validate_symm_contact.PDB_ins_code_1    ? 
_pdbx_validate_symm_contact.label_alt_id_1    ? 
_pdbx_validate_symm_contact.site_symmetry_1   1_555 
_pdbx_validate_symm_contact.auth_atom_id_2    O 
_pdbx_validate_symm_contact.auth_asym_id_2    A 
_pdbx_validate_symm_contact.auth_comp_id_2    HOH 
_pdbx_validate_symm_contact.auth_seq_id_2     304 
_pdbx_validate_symm_contact.PDB_ins_code_2    ? 
_pdbx_validate_symm_contact.label_alt_id_2    ? 
_pdbx_validate_symm_contact.site_symmetry_2   5_555 
_pdbx_validate_symm_contact.dist              2.14 
# 
_pdbx_struct_special_symmetry.id              1 
_pdbx_struct_special_symmetry.PDB_model_num   1 
_pdbx_struct_special_symmetry.auth_asym_id    A 
_pdbx_struct_special_symmetry.auth_comp_id    HOH 
_pdbx_struct_special_symmetry.auth_seq_id     320 
_pdbx_struct_special_symmetry.PDB_ins_code    ? 
_pdbx_struct_special_symmetry.label_asym_id   C 
_pdbx_struct_special_symmetry.label_comp_id   HOH 
_pdbx_struct_special_symmetry.label_seq_id    . 
# 
loop_
_pdbx_unobs_or_zero_occ_residues.id 
_pdbx_unobs_or_zero_occ_residues.PDB_model_num 
_pdbx_unobs_or_zero_occ_residues.polymer_flag 
_pdbx_unobs_or_zero_occ_residues.occupancy_flag 
_pdbx_unobs_or_zero_occ_residues.auth_asym_id 
_pdbx_unobs_or_zero_occ_residues.auth_comp_id 
_pdbx_unobs_or_zero_occ_residues.auth_seq_id 
_pdbx_unobs_or_zero_occ_residues.PDB_ins_code 
_pdbx_unobs_or_zero_occ_residues.label_asym_id 
_pdbx_unobs_or_zero_occ_residues.label_comp_id 
_pdbx_unobs_or_zero_occ_residues.label_seq_id 
1  1 Y 1 A MET -19 ? A MET 1  
2  1 Y 1 A GLY -18 ? A GLY 2  
3  1 Y 1 A SER -17 ? A SER 3  
4  1 Y 1 A SER -16 ? A SER 4  
5  1 Y 1 A HIS -15 ? A HIS 5  
6  1 Y 1 A HIS -14 ? A HIS 6  
7  1 Y 1 A HIS -13 ? A HIS 7  
8  1 Y 1 A HIS -12 ? A HIS 8  
9  1 Y 1 A HIS -11 ? A HIS 9  
10 1 Y 1 A HIS -10 ? A HIS 10 
11 1 Y 1 A SER -9  ? A SER 11 
12 1 Y 1 A SER -8  ? A SER 12 
13 1 Y 1 A GLY -7  ? A GLY 13 
14 1 Y 1 A LEU -6  ? A LEU 14 
15 1 Y 1 A VAL -5  ? A VAL 15 
16 1 Y 1 A PRO -4  ? A PRO 16 
17 1 Y 1 A ARG -3  ? A ARG 17 
18 1 Y 1 A VAL 35  ? A VAL 55 
19 1 Y 1 A TRP 36  ? A TRP 56 
20 1 Y 1 A PRO 37  ? A PRO 57 
21 1 Y 1 A GLY 38  ? A GLY 58 
22 1 Y 1 A ALA 39  ? A ALA 59 
23 1 Y 1 A GLY 40  ? A GLY 60 
24 1 Y 1 A SER 41  ? A SER 61 
# 
loop_
_chem_comp_atom.comp_id 
_chem_comp_atom.atom_id 
_chem_comp_atom.type_symbol 
_chem_comp_atom.pdbx_aromatic_flag 
_chem_comp_atom.pdbx_stereo_config 
_chem_comp_atom.pdbx_ordinal 
ALA N    N N N 1   
ALA CA   C N S 2   
ALA C    C N N 3   
ALA O    O N N 4   
ALA CB   C N N 5   
ALA OXT  O N N 6   
ALA H    H N N 7   
ALA H2   H N N 8   
ALA HA   H N N 9   
ALA HB1  H N N 10  
ALA HB2  H N N 11  
ALA HB3  H N N 12  
ALA HXT  H N N 13  
ARG N    N N N 14  
ARG CA   C N S 15  
ARG C    C N N 16  
ARG O    O N N 17  
ARG CB   C N N 18  
ARG CG   C N N 19  
ARG CD   C N N 20  
ARG NE   N N N 21  
ARG CZ   C N N 22  
ARG NH1  N N N 23  
ARG NH2  N N N 24  
ARG OXT  O N N 25  
ARG H    H N N 26  
ARG H2   H N N 27  
ARG HA   H N N 28  
ARG HB2  H N N 29  
ARG HB3  H N N 30  
ARG HG2  H N N 31  
ARG HG3  H N N 32  
ARG HD2  H N N 33  
ARG HD3  H N N 34  
ARG HE   H N N 35  
ARG HH11 H N N 36  
ARG HH12 H N N 37  
ARG HH21 H N N 38  
ARG HH22 H N N 39  
ARG HXT  H N N 40  
ASN N    N N N 41  
ASN CA   C N S 42  
ASN C    C N N 43  
ASN O    O N N 44  
ASN CB   C N N 45  
ASN CG   C N N 46  
ASN OD1  O N N 47  
ASN ND2  N N N 48  
ASN OXT  O N N 49  
ASN H    H N N 50  
ASN H2   H N N 51  
ASN HA   H N N 52  
ASN HB2  H N N 53  
ASN HB3  H N N 54  
ASN HD21 H N N 55  
ASN HD22 H N N 56  
ASN HXT  H N N 57  
ASP N    N N N 58  
ASP CA   C N S 59  
ASP C    C N N 60  
ASP O    O N N 61  
ASP CB   C N N 62  
ASP CG   C N N 63  
ASP OD1  O N N 64  
ASP OD2  O N N 65  
ASP OXT  O N N 66  
ASP H    H N N 67  
ASP H2   H N N 68  
ASP HA   H N N 69  
ASP HB2  H N N 70  
ASP HB3  H N N 71  
ASP HD2  H N N 72  
ASP HXT  H N N 73  
CYS N    N N N 74  
CYS CA   C N R 75  
CYS C    C N N 76  
CYS O    O N N 77  
CYS CB   C N N 78  
CYS SG   S N N 79  
CYS OXT  O N N 80  
CYS H    H N N 81  
CYS H2   H N N 82  
CYS HA   H N N 83  
CYS HB2  H N N 84  
CYS HB3  H N N 85  
CYS HG   H N N 86  
CYS HXT  H N N 87  
GLN N    N N N 88  
GLN CA   C N S 89  
GLN C    C N N 90  
GLN O    O N N 91  
GLN CB   C N N 92  
GLN CG   C N N 93  
GLN CD   C N N 94  
GLN OE1  O N N 95  
GLN NE2  N N N 96  
GLN OXT  O N N 97  
GLN H    H N N 98  
GLN H2   H N N 99  
GLN HA   H N N 100 
GLN HB2  H N N 101 
GLN HB3  H N N 102 
GLN HG2  H N N 103 
GLN HG3  H N N 104 
GLN HE21 H N N 105 
GLN HE22 H N N 106 
GLN HXT  H N N 107 
GLU N    N N N 108 
GLU CA   C N S 109 
GLU C    C N N 110 
GLU O    O N N 111 
GLU CB   C N N 112 
GLU CG   C N N 113 
GLU CD   C N N 114 
GLU OE1  O N N 115 
GLU OE2  O N N 116 
GLU OXT  O N N 117 
GLU H    H N N 118 
GLU H2   H N N 119 
GLU HA   H N N 120 
GLU HB2  H N N 121 
GLU HB3  H N N 122 
GLU HG2  H N N 123 
GLU HG3  H N N 124 
GLU HE2  H N N 125 
GLU HXT  H N N 126 
GLY N    N N N 127 
GLY CA   C N N 128 
GLY C    C N N 129 
GLY O    O N N 130 
GLY OXT  O N N 131 
GLY H    H N N 132 
GLY H2   H N N 133 
GLY HA2  H N N 134 
GLY HA3  H N N 135 
GLY HXT  H N N 136 
GOL C1   C N N 137 
GOL O1   O N N 138 
GOL C2   C N N 139 
GOL O2   O N N 140 
GOL C3   C N N 141 
GOL O3   O N N 142 
GOL H11  H N N 143 
GOL H12  H N N 144 
GOL HO1  H N N 145 
GOL H2   H N N 146 
GOL HO2  H N N 147 
GOL H31  H N N 148 
GOL H32  H N N 149 
GOL HO3  H N N 150 
HIS N    N N N 151 
HIS CA   C N S 152 
HIS C    C N N 153 
HIS O    O N N 154 
HIS CB   C N N 155 
HIS CG   C Y N 156 
HIS ND1  N Y N 157 
HIS CD2  C Y N 158 
HIS CE1  C Y N 159 
HIS NE2  N Y N 160 
HIS OXT  O N N 161 
HIS H    H N N 162 
HIS H2   H N N 163 
HIS HA   H N N 164 
HIS HB2  H N N 165 
HIS HB3  H N N 166 
HIS HD1  H N N 167 
HIS HD2  H N N 168 
HIS HE1  H N N 169 
HIS HE2  H N N 170 
HIS HXT  H N N 171 
HOH O    O N N 172 
HOH H1   H N N 173 
HOH H2   H N N 174 
ILE N    N N N 175 
ILE CA   C N S 176 
ILE C    C N N 177 
ILE O    O N N 178 
ILE CB   C N S 179 
ILE CG1  C N N 180 
ILE CG2  C N N 181 
ILE CD1  C N N 182 
ILE OXT  O N N 183 
ILE H    H N N 184 
ILE H2   H N N 185 
ILE HA   H N N 186 
ILE HB   H N N 187 
ILE HG12 H N N 188 
ILE HG13 H N N 189 
ILE HG21 H N N 190 
ILE HG22 H N N 191 
ILE HG23 H N N 192 
ILE HD11 H N N 193 
ILE HD12 H N N 194 
ILE HD13 H N N 195 
ILE HXT  H N N 196 
LEU N    N N N 197 
LEU CA   C N S 198 
LEU C    C N N 199 
LEU O    O N N 200 
LEU CB   C N N 201 
LEU CG   C N N 202 
LEU CD1  C N N 203 
LEU CD2  C N N 204 
LEU OXT  O N N 205 
LEU H    H N N 206 
LEU H2   H N N 207 
LEU HA   H N N 208 
LEU HB2  H N N 209 
LEU HB3  H N N 210 
LEU HG   H N N 211 
LEU HD11 H N N 212 
LEU HD12 H N N 213 
LEU HD13 H N N 214 
LEU HD21 H N N 215 
LEU HD22 H N N 216 
LEU HD23 H N N 217 
LEU HXT  H N N 218 
LYS N    N N N 219 
LYS CA   C N S 220 
LYS C    C N N 221 
LYS O    O N N 222 
LYS CB   C N N 223 
LYS CG   C N N 224 
LYS CD   C N N 225 
LYS CE   C N N 226 
LYS NZ   N N N 227 
LYS OXT  O N N 228 
LYS H    H N N 229 
LYS H2   H N N 230 
LYS HA   H N N 231 
LYS HB2  H N N 232 
LYS HB3  H N N 233 
LYS HG2  H N N 234 
LYS HG3  H N N 235 
LYS HD2  H N N 236 
LYS HD3  H N N 237 
LYS HE2  H N N 238 
LYS HE3  H N N 239 
LYS HZ1  H N N 240 
LYS HZ2  H N N 241 
LYS HZ3  H N N 242 
LYS HXT  H N N 243 
MET N    N N N 244 
MET CA   C N S 245 
MET C    C N N 246 
MET O    O N N 247 
MET CB   C N N 248 
MET CG   C N N 249 
MET SD   S N N 250 
MET CE   C N N 251 
MET OXT  O N N 252 
MET H    H N N 253 
MET H2   H N N 254 
MET HA   H N N 255 
MET HB2  H N N 256 
MET HB3  H N N 257 
MET HG2  H N N 258 
MET HG3  H N N 259 
MET HE1  H N N 260 
MET HE2  H N N 261 
MET HE3  H N N 262 
MET HXT  H N N 263 
PHE N    N N N 264 
PHE CA   C N S 265 
PHE C    C N N 266 
PHE O    O N N 267 
PHE CB   C N N 268 
PHE CG   C Y N 269 
PHE CD1  C Y N 270 
PHE CD2  C Y N 271 
PHE CE1  C Y N 272 
PHE CE2  C Y N 273 
PHE CZ   C Y N 274 
PHE OXT  O N N 275 
PHE H    H N N 276 
PHE H2   H N N 277 
PHE HA   H N N 278 
PHE HB2  H N N 279 
PHE HB3  H N N 280 
PHE HD1  H N N 281 
PHE HD2  H N N 282 
PHE HE1  H N N 283 
PHE HE2  H N N 284 
PHE HZ   H N N 285 
PHE HXT  H N N 286 
PRO N    N N N 287 
PRO CA   C N S 288 
PRO C    C N N 289 
PRO O    O N N 290 
PRO CB   C N N 291 
PRO CG   C N N 292 
PRO CD   C N N 293 
PRO OXT  O N N 294 
PRO H    H N N 295 
PRO HA   H N N 296 
PRO HB2  H N N 297 
PRO HB3  H N N 298 
PRO HG2  H N N 299 
PRO HG3  H N N 300 
PRO HD2  H N N 301 
PRO HD3  H N N 302 
PRO HXT  H N N 303 
SER N    N N N 304 
SER CA   C N S 305 
SER C    C N N 306 
SER O    O N N 307 
SER CB   C N N 308 
SER OG   O N N 309 
SER OXT  O N N 310 
SER H    H N N 311 
SER H2   H N N 312 
SER HA   H N N 313 
SER HB2  H N N 314 
SER HB3  H N N 315 
SER HG   H N N 316 
SER HXT  H N N 317 
THR N    N N N 318 
THR CA   C N S 319 
THR C    C N N 320 
THR O    O N N 321 
THR CB   C N R 322 
THR OG1  O N N 323 
THR CG2  C N N 324 
THR OXT  O N N 325 
THR H    H N N 326 
THR H2   H N N 327 
THR HA   H N N 328 
THR HB   H N N 329 
THR HG1  H N N 330 
THR HG21 H N N 331 
THR HG22 H N N 332 
THR HG23 H N N 333 
THR HXT  H N N 334 
TRP N    N N N 335 
TRP CA   C N S 336 
TRP C    C N N 337 
TRP O    O N N 338 
TRP CB   C N N 339 
TRP CG   C Y N 340 
TRP CD1  C Y N 341 
TRP CD2  C Y N 342 
TRP NE1  N Y N 343 
TRP CE2  C Y N 344 
TRP CE3  C Y N 345 
TRP CZ2  C Y N 346 
TRP CZ3  C Y N 347 
TRP CH2  C Y N 348 
TRP OXT  O N N 349 
TRP H    H N N 350 
TRP H2   H N N 351 
TRP HA   H N N 352 
TRP HB2  H N N 353 
TRP HB3  H N N 354 
TRP HD1  H N N 355 
TRP HE1  H N N 356 
TRP HE3  H N N 357 
TRP HZ2  H N N 358 
TRP HZ3  H N N 359 
TRP HH2  H N N 360 
TRP HXT  H N N 361 
TYR N    N N N 362 
TYR CA   C N S 363 
TYR C    C N N 364 
TYR O    O N N 365 
TYR CB   C N N 366 
TYR CG   C Y N 367 
TYR CD1  C Y N 368 
TYR CD2  C Y N 369 
TYR CE1  C Y N 370 
TYR CE2  C Y N 371 
TYR CZ   C Y N 372 
TYR OH   O N N 373 
TYR OXT  O N N 374 
TYR H    H N N 375 
TYR H2   H N N 376 
TYR HA   H N N 377 
TYR HB2  H N N 378 
TYR HB3  H N N 379 
TYR HD1  H N N 380 
TYR HD2  H N N 381 
TYR HE1  H N N 382 
TYR HE2  H N N 383 
TYR HH   H N N 384 
TYR HXT  H N N 385 
VAL N    N N N 386 
VAL CA   C N S 387 
VAL C    C N N 388 
VAL O    O N N 389 
VAL CB   C N N 390 
VAL CG1  C N N 391 
VAL CG2  C N N 392 
VAL OXT  O N N 393 
VAL H    H N N 394 
VAL H2   H N N 395 
VAL HA   H N N 396 
VAL HB   H N N 397 
VAL HG11 H N N 398 
VAL HG12 H N N 399 
VAL HG13 H N N 400 
VAL HG21 H N N 401 
VAL HG22 H N N 402 
VAL HG23 H N N 403 
VAL HXT  H N N 404 
# 
loop_
_chem_comp_bond.comp_id 
_chem_comp_bond.atom_id_1 
_chem_comp_bond.atom_id_2 
_chem_comp_bond.value_order 
_chem_comp_bond.pdbx_aromatic_flag 
_chem_comp_bond.pdbx_stereo_config 
_chem_comp_bond.pdbx_ordinal 
ALA N   CA   sing N N 1   
ALA N   H    sing N N 2   
ALA N   H2   sing N N 3   
ALA CA  C    sing N N 4   
ALA CA  CB   sing N N 5   
ALA CA  HA   sing N N 6   
ALA C   O    doub N N 7   
ALA C   OXT  sing N N 8   
ALA CB  HB1  sing N N 9   
ALA CB  HB2  sing N N 10  
ALA CB  HB3  sing N N 11  
ALA OXT HXT  sing N N 12  
ARG N   CA   sing N N 13  
ARG N   H    sing N N 14  
ARG N   H2   sing N N 15  
ARG CA  C    sing N N 16  
ARG CA  CB   sing N N 17  
ARG CA  HA   sing N N 18  
ARG C   O    doub N N 19  
ARG C   OXT  sing N N 20  
ARG CB  CG   sing N N 21  
ARG CB  HB2  sing N N 22  
ARG CB  HB3  sing N N 23  
ARG CG  CD   sing N N 24  
ARG CG  HG2  sing N N 25  
ARG CG  HG3  sing N N 26  
ARG CD  NE   sing N N 27  
ARG CD  HD2  sing N N 28  
ARG CD  HD3  sing N N 29  
ARG NE  CZ   sing N N 30  
ARG NE  HE   sing N N 31  
ARG CZ  NH1  sing N N 32  
ARG CZ  NH2  doub N N 33  
ARG NH1 HH11 sing N N 34  
ARG NH1 HH12 sing N N 35  
ARG NH2 HH21 sing N N 36  
ARG NH2 HH22 sing N N 37  
ARG OXT HXT  sing N N 38  
ASN N   CA   sing N N 39  
ASN N   H    sing N N 40  
ASN N   H2   sing N N 41  
ASN CA  C    sing N N 42  
ASN CA  CB   sing N N 43  
ASN CA  HA   sing N N 44  
ASN C   O    doub N N 45  
ASN C   OXT  sing N N 46  
ASN CB  CG   sing N N 47  
ASN CB  HB2  sing N N 48  
ASN CB  HB3  sing N N 49  
ASN CG  OD1  doub N N 50  
ASN CG  ND2  sing N N 51  
ASN ND2 HD21 sing N N 52  
ASN ND2 HD22 sing N N 53  
ASN OXT HXT  sing N N 54  
ASP N   CA   sing N N 55  
ASP N   H    sing N N 56  
ASP N   H2   sing N N 57  
ASP CA  C    sing N N 58  
ASP CA  CB   sing N N 59  
ASP CA  HA   sing N N 60  
ASP C   O    doub N N 61  
ASP C   OXT  sing N N 62  
ASP CB  CG   sing N N 63  
ASP CB  HB2  sing N N 64  
ASP CB  HB3  sing N N 65  
ASP CG  OD1  doub N N 66  
ASP CG  OD2  sing N N 67  
ASP OD2 HD2  sing N N 68  
ASP OXT HXT  sing N N 69  
CYS N   CA   sing N N 70  
CYS N   H    sing N N 71  
CYS N   H2   sing N N 72  
CYS CA  C    sing N N 73  
CYS CA  CB   sing N N 74  
CYS CA  HA   sing N N 75  
CYS C   O    doub N N 76  
CYS C   OXT  sing N N 77  
CYS CB  SG   sing N N 78  
CYS CB  HB2  sing N N 79  
CYS CB  HB3  sing N N 80  
CYS SG  HG   sing N N 81  
CYS OXT HXT  sing N N 82  
GLN N   CA   sing N N 83  
GLN N   H    sing N N 84  
GLN N   H2   sing N N 85  
GLN CA  C    sing N N 86  
GLN CA  CB   sing N N 87  
GLN CA  HA   sing N N 88  
GLN C   O    doub N N 89  
GLN C   OXT  sing N N 90  
GLN CB  CG   sing N N 91  
GLN CB  HB2  sing N N 92  
GLN CB  HB3  sing N N 93  
GLN CG  CD   sing N N 94  
GLN CG  HG2  sing N N 95  
GLN CG  HG3  sing N N 96  
GLN CD  OE1  doub N N 97  
GLN CD  NE2  sing N N 98  
GLN NE2 HE21 sing N N 99  
GLN NE2 HE22 sing N N 100 
GLN OXT HXT  sing N N 101 
GLU N   CA   sing N N 102 
GLU N   H    sing N N 103 
GLU N   H2   sing N N 104 
GLU CA  C    sing N N 105 
GLU CA  CB   sing N N 106 
GLU CA  HA   sing N N 107 
GLU C   O    doub N N 108 
GLU C   OXT  sing N N 109 
GLU CB  CG   sing N N 110 
GLU CB  HB2  sing N N 111 
GLU CB  HB3  sing N N 112 
GLU CG  CD   sing N N 113 
GLU CG  HG2  sing N N 114 
GLU CG  HG3  sing N N 115 
GLU CD  OE1  doub N N 116 
GLU CD  OE2  sing N N 117 
GLU OE2 HE2  sing N N 118 
GLU OXT HXT  sing N N 119 
GLY N   CA   sing N N 120 
GLY N   H    sing N N 121 
GLY N   H2   sing N N 122 
GLY CA  C    sing N N 123 
GLY CA  HA2  sing N N 124 
GLY CA  HA3  sing N N 125 
GLY C   O    doub N N 126 
GLY C   OXT  sing N N 127 
GLY OXT HXT  sing N N 128 
GOL C1  O1   sing N N 129 
GOL C1  C2   sing N N 130 
GOL C1  H11  sing N N 131 
GOL C1  H12  sing N N 132 
GOL O1  HO1  sing N N 133 
GOL C2  O2   sing N N 134 
GOL C2  C3   sing N N 135 
GOL C2  H2   sing N N 136 
GOL O2  HO2  sing N N 137 
GOL C3  O3   sing N N 138 
GOL C3  H31  sing N N 139 
GOL C3  H32  sing N N 140 
GOL O3  HO3  sing N N 141 
HIS N   CA   sing N N 142 
HIS N   H    sing N N 143 
HIS N   H2   sing N N 144 
HIS CA  C    sing N N 145 
HIS CA  CB   sing N N 146 
HIS CA  HA   sing N N 147 
HIS C   O    doub N N 148 
HIS C   OXT  sing N N 149 
HIS CB  CG   sing N N 150 
HIS CB  HB2  sing N N 151 
HIS CB  HB3  sing N N 152 
HIS CG  ND1  sing Y N 153 
HIS CG  CD2  doub Y N 154 
HIS ND1 CE1  doub Y N 155 
HIS ND1 HD1  sing N N 156 
HIS CD2 NE2  sing Y N 157 
HIS CD2 HD2  sing N N 158 
HIS CE1 NE2  sing Y N 159 
HIS CE1 HE1  sing N N 160 
HIS NE2 HE2  sing N N 161 
HIS OXT HXT  sing N N 162 
HOH O   H1   sing N N 163 
HOH O   H2   sing N N 164 
ILE N   CA   sing N N 165 
ILE N   H    sing N N 166 
ILE N   H2   sing N N 167 
ILE CA  C    sing N N 168 
ILE CA  CB   sing N N 169 
ILE CA  HA   sing N N 170 
ILE C   O    doub N N 171 
ILE C   OXT  sing N N 172 
ILE CB  CG1  sing N N 173 
ILE CB  CG2  sing N N 174 
ILE CB  HB   sing N N 175 
ILE CG1 CD1  sing N N 176 
ILE CG1 HG12 sing N N 177 
ILE CG1 HG13 sing N N 178 
ILE CG2 HG21 sing N N 179 
ILE CG2 HG22 sing N N 180 
ILE CG2 HG23 sing N N 181 
ILE CD1 HD11 sing N N 182 
ILE CD1 HD12 sing N N 183 
ILE CD1 HD13 sing N N 184 
ILE OXT HXT  sing N N 185 
LEU N   CA   sing N N 186 
LEU N   H    sing N N 187 
LEU N   H2   sing N N 188 
LEU CA  C    sing N N 189 
LEU CA  CB   sing N N 190 
LEU CA  HA   sing N N 191 
LEU C   O    doub N N 192 
LEU C   OXT  sing N N 193 
LEU CB  CG   sing N N 194 
LEU CB  HB2  sing N N 195 
LEU CB  HB3  sing N N 196 
LEU CG  CD1  sing N N 197 
LEU CG  CD2  sing N N 198 
LEU CG  HG   sing N N 199 
LEU CD1 HD11 sing N N 200 
LEU CD1 HD12 sing N N 201 
LEU CD1 HD13 sing N N 202 
LEU CD2 HD21 sing N N 203 
LEU CD2 HD22 sing N N 204 
LEU CD2 HD23 sing N N 205 
LEU OXT HXT  sing N N 206 
LYS N   CA   sing N N 207 
LYS N   H    sing N N 208 
LYS N   H2   sing N N 209 
LYS CA  C    sing N N 210 
LYS CA  CB   sing N N 211 
LYS CA  HA   sing N N 212 
LYS C   O    doub N N 213 
LYS C   OXT  sing N N 214 
LYS CB  CG   sing N N 215 
LYS CB  HB2  sing N N 216 
LYS CB  HB3  sing N N 217 
LYS CG  CD   sing N N 218 
LYS CG  HG2  sing N N 219 
LYS CG  HG3  sing N N 220 
LYS CD  CE   sing N N 221 
LYS CD  HD2  sing N N 222 
LYS CD  HD3  sing N N 223 
LYS CE  NZ   sing N N 224 
LYS CE  HE2  sing N N 225 
LYS CE  HE3  sing N N 226 
LYS NZ  HZ1  sing N N 227 
LYS NZ  HZ2  sing N N 228 
LYS NZ  HZ3  sing N N 229 
LYS OXT HXT  sing N N 230 
MET N   CA   sing N N 231 
MET N   H    sing N N 232 
MET N   H2   sing N N 233 
MET CA  C    sing N N 234 
MET CA  CB   sing N N 235 
MET CA  HA   sing N N 236 
MET C   O    doub N N 237 
MET C   OXT  sing N N 238 
MET CB  CG   sing N N 239 
MET CB  HB2  sing N N 240 
MET CB  HB3  sing N N 241 
MET CG  SD   sing N N 242 
MET CG  HG2  sing N N 243 
MET CG  HG3  sing N N 244 
MET SD  CE   sing N N 245 
MET CE  HE1  sing N N 246 
MET CE  HE2  sing N N 247 
MET CE  HE3  sing N N 248 
MET OXT HXT  sing N N 249 
PHE N   CA   sing N N 250 
PHE N   H    sing N N 251 
PHE N   H2   sing N N 252 
PHE CA  C    sing N N 253 
PHE CA  CB   sing N N 254 
PHE CA  HA   sing N N 255 
PHE C   O    doub N N 256 
PHE C   OXT  sing N N 257 
PHE CB  CG   sing N N 258 
PHE CB  HB2  sing N N 259 
PHE CB  HB3  sing N N 260 
PHE CG  CD1  doub Y N 261 
PHE CG  CD2  sing Y N 262 
PHE CD1 CE1  sing Y N 263 
PHE CD1 HD1  sing N N 264 
PHE CD2 CE2  doub Y N 265 
PHE CD2 HD2  sing N N 266 
PHE CE1 CZ   doub Y N 267 
PHE CE1 HE1  sing N N 268 
PHE CE2 CZ   sing Y N 269 
PHE CE2 HE2  sing N N 270 
PHE CZ  HZ   sing N N 271 
PHE OXT HXT  sing N N 272 
PRO N   CA   sing N N 273 
PRO N   CD   sing N N 274 
PRO N   H    sing N N 275 
PRO CA  C    sing N N 276 
PRO CA  CB   sing N N 277 
PRO CA  HA   sing N N 278 
PRO C   O    doub N N 279 
PRO C   OXT  sing N N 280 
PRO CB  CG   sing N N 281 
PRO CB  HB2  sing N N 282 
PRO CB  HB3  sing N N 283 
PRO CG  CD   sing N N 284 
PRO CG  HG2  sing N N 285 
PRO CG  HG3  sing N N 286 
PRO CD  HD2  sing N N 287 
PRO CD  HD3  sing N N 288 
PRO OXT HXT  sing N N 289 
SER N   CA   sing N N 290 
SER N   H    sing N N 291 
SER N   H2   sing N N 292 
SER CA  C    sing N N 293 
SER CA  CB   sing N N 294 
SER CA  HA   sing N N 295 
SER C   O    doub N N 296 
SER C   OXT  sing N N 297 
SER CB  OG   sing N N 298 
SER CB  HB2  sing N N 299 
SER CB  HB3  sing N N 300 
SER OG  HG   sing N N 301 
SER OXT HXT  sing N N 302 
THR N   CA   sing N N 303 
THR N   H    sing N N 304 
THR N   H2   sing N N 305 
THR CA  C    sing N N 306 
THR CA  CB   sing N N 307 
THR CA  HA   sing N N 308 
THR C   O    doub N N 309 
THR C   OXT  sing N N 310 
THR CB  OG1  sing N N 311 
THR CB  CG2  sing N N 312 
THR CB  HB   sing N N 313 
THR OG1 HG1  sing N N 314 
THR CG2 HG21 sing N N 315 
THR CG2 HG22 sing N N 316 
THR CG2 HG23 sing N N 317 
THR OXT HXT  sing N N 318 
TRP N   CA   sing N N 319 
TRP N   H    sing N N 320 
TRP N   H2   sing N N 321 
TRP CA  C    sing N N 322 
TRP CA  CB   sing N N 323 
TRP CA  HA   sing N N 324 
TRP C   O    doub N N 325 
TRP C   OXT  sing N N 326 
TRP CB  CG   sing N N 327 
TRP CB  HB2  sing N N 328 
TRP CB  HB3  sing N N 329 
TRP CG  CD1  doub Y N 330 
TRP CG  CD2  sing Y N 331 
TRP CD1 NE1  sing Y N 332 
TRP CD1 HD1  sing N N 333 
TRP CD2 CE2  doub Y N 334 
TRP CD2 CE3  sing Y N 335 
TRP NE1 CE2  sing Y N 336 
TRP NE1 HE1  sing N N 337 
TRP CE2 CZ2  sing Y N 338 
TRP CE3 CZ3  doub Y N 339 
TRP CE3 HE3  sing N N 340 
TRP CZ2 CH2  doub Y N 341 
TRP CZ2 HZ2  sing N N 342 
TRP CZ3 CH2  sing Y N 343 
TRP CZ3 HZ3  sing N N 344 
TRP CH2 HH2  sing N N 345 
TRP OXT HXT  sing N N 346 
TYR N   CA   sing N N 347 
TYR N   H    sing N N 348 
TYR N   H2   sing N N 349 
TYR CA  C    sing N N 350 
TYR CA  CB   sing N N 351 
TYR CA  HA   sing N N 352 
TYR C   O    doub N N 353 
TYR C   OXT  sing N N 354 
TYR CB  CG   sing N N 355 
TYR CB  HB2  sing N N 356 
TYR CB  HB3  sing N N 357 
TYR CG  CD1  doub Y N 358 
TYR CG  CD2  sing Y N 359 
TYR CD1 CE1  sing Y N 360 
TYR CD1 HD1  sing N N 361 
TYR CD2 CE2  doub Y N 362 
TYR CD2 HD2  sing N N 363 
TYR CE1 CZ   doub Y N 364 
TYR CE1 HE1  sing N N 365 
TYR CE2 CZ   sing Y N 366 
TYR CE2 HE2  sing N N 367 
TYR CZ  OH   sing N N 368 
TYR OH  HH   sing N N 369 
TYR OXT HXT  sing N N 370 
VAL N   CA   sing N N 371 
VAL N   H    sing N N 372 
VAL N   H2   sing N N 373 
VAL CA  C    sing N N 374 
VAL CA  CB   sing N N 375 
VAL CA  HA   sing N N 376 
VAL C   O    doub N N 377 
VAL C   OXT  sing N N 378 
VAL CB  CG1  sing N N 379 
VAL CB  CG2  sing N N 380 
VAL CB  HB   sing N N 381 
VAL CG1 HG11 sing N N 382 
VAL CG1 HG12 sing N N 383 
VAL CG1 HG13 sing N N 384 
VAL CG2 HG21 sing N N 385 
VAL CG2 HG22 sing N N 386 
VAL CG2 HG23 sing N N 387 
VAL OXT HXT  sing N N 388 
# 
_pdbx_audit_support.funding_organization   'Other government' 
_pdbx_audit_support.country                China 
_pdbx_audit_support.grant_number           2108085MC75 
_pdbx_audit_support.ordinal                1 
# 
_pdbx_initial_refinement_model.id               1 
_pdbx_initial_refinement_model.entity_id_list   ? 
_pdbx_initial_refinement_model.type             'in silico model' 
_pdbx_initial_refinement_model.source_name      AlphaFold 
_pdbx_initial_refinement_model.accession_code   ? 
_pdbx_initial_refinement_model.details          ? 
# 
_atom_sites.entry_id                    9VIP 
_atom_sites.Cartn_transf_matrix[1][1]   ? 
_atom_sites.Cartn_transf_matrix[1][2]   ? 
_atom_sites.Cartn_transf_matrix[1][3]   ? 
_atom_sites.Cartn_transf_matrix[2][1]   ? 
_atom_sites.Cartn_transf_matrix[2][2]   ? 
_atom_sites.Cartn_transf_matrix[2][3]   ? 
_atom_sites.Cartn_transf_matrix[3][1]   ? 
_atom_sites.Cartn_transf_matrix[3][2]   ? 
_atom_sites.Cartn_transf_matrix[3][3]   ? 
_atom_sites.Cartn_transf_vector[1]      ? 
_atom_sites.Cartn_transf_vector[2]      ? 
_atom_sites.Cartn_transf_vector[3]      ? 
_atom_sites.Cartn_transform_axes        ? 
_atom_sites.fract_transf_matrix[1][1]   -0.01077407 
_atom_sites.fract_transf_matrix[1][2]   -0.00320567 
_atom_sites.fract_transf_matrix[1][3]   0.00156299 
_atom_sites.fract_transf_matrix[2][1]   -0.00356496 
_atom_sites.fract_transf_matrix[2][2]   0.00982216 
_atom_sites.fract_transf_matrix[2][3]   -0.00442900 
_atom_sites.fract_transf_matrix[3][1]   -0.00010169 
_atom_sites.fract_transf_matrix[3][2]   -0.00469560 
_atom_sites.fract_transf_matrix[3][3]   -0.01033154 
_atom_sites.fract_transf_vector[1]      0.175891 
_atom_sites.fract_transf_vector[2]      0.201549 
_atom_sites.fract_transf_vector[3]      0.448106 
_atom_sites.solution_primary            ? 
_atom_sites.solution_secondary          ? 
_atom_sites.solution_hydrogens          ? 
_atom_sites.special_details             ? 
# 
loop_
_atom_type.symbol 
C 
N 
O 
S 
# 
loop_
_atom_site.group_PDB 
_atom_site.id 
_atom_site.type_symbol 
_atom_site.label_atom_id 
_atom_site.label_alt_id 
_atom_site.label_comp_id 
_atom_site.label_asym_id 
_atom_site.label_entity_id 
_atom_site.label_seq_id 
_atom_site.pdbx_PDB_ins_code 
_atom_site.Cartn_x 
_atom_site.Cartn_y 
_atom_site.Cartn_z 
_atom_site.occupancy 
_atom_site.B_iso_or_equiv 
_atom_site.pdbx_formal_charge 
_atom_site.auth_seq_id 
_atom_site.auth_comp_id 
_atom_site.auth_asym_id 
_atom_site.auth_atom_id 
_atom_site.pdbx_PDB_model_num 
ATOM   1    N N   . GLY A 1 18  ? -15.520 -0.224  -10.705 1.00 93.21  ? -2  GLY A N   1 
ATOM   2    C CA  . GLY A 1 18  ? -14.540 -0.788  -11.617 1.00 93.45  ? -2  GLY A CA  1 
ATOM   3    C C   . GLY A 1 18  ? -13.561 0.239   -12.161 1.00 93.15  ? -2  GLY A C   1 
ATOM   4    O O   . GLY A 1 18  ? -13.382 0.361   -13.373 1.00 90.85  ? -2  GLY A O   1 
ATOM   5    N N   . SER A 1 19  ? -12.917 0.978   -11.259 1.00 90.67  ? -1  SER A N   1 
ATOM   6    C CA  . SER A 1 19  ? -11.997 2.035   -11.649 1.00 85.44  ? -1  SER A CA  1 
ATOM   7    C C   . SER A 1 19  ? -10.579 1.491   -11.825 1.00 75.86  ? -1  SER A C   1 
ATOM   8    O O   . SER A 1 19  ? -10.267 0.349   -11.481 1.00 78.15  ? -1  SER A O   1 
ATOM   9    C CB  . SER A 1 19  ? -11.999 3.161   -10.616 1.00 83.26  ? -1  SER A CB  1 
ATOM   10   O OG  . SER A 1 19  ? -11.119 2.861   -9.543  1.00 81.66  ? -1  SER A OG  1 
ATOM   11   N N   . HIS A 1 20  ? -9.710  2.346   -12.362 1.00 74.03  ? 0   HIS A N   1 
ATOM   12   C CA  . HIS A 1 20  ? -8.346  1.932   -12.667 1.00 75.13  ? 0   HIS A CA  1 
ATOM   13   C C   . HIS A 1 20  ? -7.478  1.869   -11.414 1.00 72.58  ? 0   HIS A C   1 
ATOM   14   O O   . HIS A 1 20  ? -6.646  0.967   -11.276 1.00 69.95  ? 0   HIS A O   1 
ATOM   15   C CB  . HIS A 1 20  ? -7.734  2.884   -13.696 1.00 69.86  ? 0   HIS A CB  1 
ATOM   16   C CG  . HIS A 1 20  ? -6.312  2.573   -14.029 1.00 71.08  ? 0   HIS A CG  1 
ATOM   17   N ND1 . HIS A 1 20  ? -5.908  1.330   -14.468 1.00 70.54  ? 0   HIS A ND1 1 
ATOM   18   C CD2 . HIS A 1 20  ? -5.197  3.337   -13.976 1.00 72.21  ? 0   HIS A CD2 1 
ATOM   19   C CE1 . HIS A 1 20  ? -4.604  1.342   -14.677 1.00 70.32  ? 0   HIS A CE1 1 
ATOM   20   N NE2 . HIS A 1 20  ? -4.149  2.549   -14.385 1.00 73.40  ? 0   HIS A NE2 1 
ATOM   21   N N   . MET A 1 21  ? -7.661  2.808   -10.493 1.00 71.06  ? 1   MET A N   1 
ATOM   22   C CA  . MET A 1 21  ? -6.820  2.907   -9.308  1.00 70.50  ? 1   MET A CA  1 
ATOM   23   C C   . MET A 1 21  ? -7.708  3.188   -8.108  1.00 67.38  ? 1   MET A C   1 
ATOM   24   O O   . MET A 1 21  ? -8.432  4.193   -8.080  1.00 65.67  ? 1   MET A O   1 
ATOM   25   C CB  . MET A 1 21  ? -5.766  4.001   -9.474  1.00 66.94  ? 1   MET A CB  1 
ATOM   26   C CG  . MET A 1 21  ? -4.769  4.072   -8.353  1.00 65.57  ? 1   MET A CG  1 
ATOM   27   S SD  . MET A 1 21  ? -3.657  5.453   -8.626  1.00 70.44  ? 1   MET A SD  1 
ATOM   28   C CE  . MET A 1 21  ? -2.687  5.356   -7.133  1.00 68.87  ? 1   MET A CE  1 
ATOM   29   N N   . THR A 1 22  ? -7.652  2.298   -7.126  1.00 65.23  ? 2   THR A N   1 
ATOM   30   C CA  . THR A 1 22  ? -8.488  2.378   -5.940  1.00 66.42  ? 2   THR A CA  1 
ATOM   31   C C   . THR A 1 22  ? -7.607  2.426   -4.702  1.00 64.21  ? 2   THR A C   1 
ATOM   32   O O   . THR A 1 22  ? -6.669  1.631   -4.571  1.00 62.13  ? 2   THR A O   1 
ATOM   33   C CB  . THR A 1 22  ? -9.445  1.191   -5.868  1.00 63.04  ? 2   THR A CB  1 
ATOM   34   O OG1 . THR A 1 22  ? -10.198 1.129   -7.084  1.00 70.34  ? 2   THR A OG1 1 
ATOM   35   C CG2 . THR A 1 22  ? -10.406 1.361   -4.697  1.00 66.61  ? 2   THR A CG2 1 
ATOM   36   N N   . LEU A 1 23  ? -7.898  3.376   -3.816  1.00 62.21  ? 3   LEU A N   1 
ATOM   37   C CA  . LEU A 1 23  ? -7.215  3.521   -2.536  1.00 62.60  ? 3   LEU A CA  1 
ATOM   38   C C   . LEU A 1 23  ? -8.222  3.270   -1.430  1.00 62.03  ? 3   LEU A C   1 
ATOM   39   O O   . LEU A 1 23  ? -9.247  3.954   -1.356  1.00 60.76  ? 3   LEU A O   1 
ATOM   40   C CB  . LEU A 1 23  ? -6.592  4.908   -2.378  1.00 58.68  ? 3   LEU A CB  1 
ATOM   41   C CG  . LEU A 1 23  ? -6.009  5.214   -0.989  1.00 59.92  ? 3   LEU A CG  1 
ATOM   42   C CD1 . LEU A 1 23  ? -4.825  4.316   -0.662  1.00 55.17  ? 3   LEU A CD1 1 
ATOM   43   C CD2 . LEU A 1 23  ? -5.606  6.678   -0.873  1.00 61.25  ? 3   LEU A CD2 1 
ATOM   44   N N   . VAL A 1 24  ? -7.941  2.284   -0.593  1.00 57.61  ? 4   VAL A N   1 
ATOM   45   C CA  . VAL A 1 24  ? -8.760  1.977   0.569   1.00 61.34  ? 4   VAL A CA  1 
ATOM   46   C C   . VAL A 1 24  ? -7.913  2.262   1.796   1.00 61.44  ? 4   VAL A C   1 
ATOM   47   O O   . VAL A 1 24  ? -6.862  1.634   1.994   1.00 58.55  ? 4   VAL A O   1 
ATOM   48   C CB  . VAL A 1 24  ? -9.247  0.520   0.550   1.00 61.26  ? 4   VAL A CB  1 
ATOM   49   C CG1 . VAL A 1 24  ? -10.134 0.242   1.751   1.00 59.30  ? 4   VAL A CG1 1 
ATOM   50   C CG2 . VAL A 1 24  ? -10.000 0.238   -0.744  1.00 60.10  ? 4   VAL A CG2 1 
ATOM   51   N N   . LEU A 1 25  ? -8.344  3.218   2.614   1.00 62.28  ? 5   LEU A N   1 
ATOM   52   C CA  . LEU A 1 25  ? -7.607  3.516   3.828   1.00 62.56  ? 5   LEU A CA  1 
ATOM   53   C C   . LEU A 1 25  ? -8.542  3.540   5.026   1.00 62.53  ? 5   LEU A C   1 
ATOM   54   O O   . LEU A 1 25  ? -9.746  3.761   4.903   1.00 62.38  ? 5   LEU A O   1 
ATOM   55   C CB  . LEU A 1 25  ? -6.831  4.831   3.719   1.00 65.57  ? 5   LEU A CB  1 
ATOM   56   C CG  . LEU A 1 25  ? -7.546  6.167   3.745   1.00 67.46  ? 5   LEU A CG  1 
ATOM   57   C CD1 . LEU A 1 25  ? -6.619  7.163   4.418   1.00 62.93  ? 5   LEU A CD1 1 
ATOM   58   C CD2 . LEU A 1 25  ? -7.841  6.594   2.332   1.00 64.46  ? 5   LEU A CD2 1 
ATOM   59   N N   . GLY A 1 26  ? -7.961  3.288   6.189   1.00 61.13  ? 6   GLY A N   1 
ATOM   60   C CA  . GLY A 1 26  ? -8.719  3.235   7.423   1.00 61.38  ? 6   GLY A CA  1 
ATOM   61   C C   . GLY A 1 26  ? -7.772  2.984   8.575   1.00 61.68  ? 6   GLY A C   1 
ATOM   62   O O   . GLY A 1 26  ? -6.561  2.814   8.390   1.00 61.75  ? 6   GLY A O   1 
ATOM   63   N N   . GLY A 1 27  ? -8.341  2.950   9.778   1.00 57.80  ? 7   GLY A N   1 
ATOM   64   C CA  . GLY A 1 27  ? -7.563  2.776   10.986  1.00 61.95  ? 7   GLY A CA  1 
ATOM   65   C C   . GLY A 1 27  ? -7.318  1.316   11.347  1.00 61.08  ? 7   GLY A C   1 
ATOM   66   O O   . GLY A 1 27  ? -7.537  0.393   10.561  1.00 56.78  ? 7   GLY A O   1 
ATOM   67   N N   . ILE A 1 28  ? -6.838  1.122   12.579  1.00 61.57  ? 8   ILE A N   1 
ATOM   68   C CA  . ILE A 1 28  ? -6.638  -0.216  13.123  1.00 60.00  ? 8   ILE A CA  1 
ATOM   69   C C   . ILE A 1 28  ? -7.966  -0.953  13.158  1.00 64.17  ? 8   ILE A C   1 
ATOM   70   O O   . ILE A 1 28  ? -8.976  -0.422  13.640  1.00 63.68  ? 8   ILE A O   1 
ATOM   71   C CB  . ILE A 1 28  ? -6.015  -0.132  14.527  1.00 65.95  ? 8   ILE A CB  1 
ATOM   72   C CG1 . ILE A 1 28  ? -4.560  0.327   14.445  1.00 67.21  ? 8   ILE A CG1 1 
ATOM   73   C CG2 . ILE A 1 28  ? -6.120  -1.468  15.267  1.00 62.75  ? 8   ILE A CG2 1 
ATOM   74   C CD1 . ILE A 1 28  ? -3.824  0.232   15.768  1.00 71.18  ? 8   ILE A CD1 1 
ATOM   75   N N   . ARG A 1 29  ? -7.969  -2.186  12.655  1.00 65.15  ? 9   ARG A N   1 
ATOM   76   C CA  . ARG A 1 29  ? -9.151  -3.045  12.675  1.00 65.97  ? 9   ARG A CA  1 
ATOM   77   C C   . ARG A 1 29  ? -10.361 -2.331  12.078  1.00 64.76  ? 9   ARG A C   1 
ATOM   78   O O   . ARG A 1 29  ? -11.442 -2.273  12.667  1.00 63.66  ? 9   ARG A O   1 
ATOM   79   C CB  . ARG A 1 29  ? -9.445  -3.544  14.091  1.00 69.90  ? 9   ARG A CB  1 
ATOM   80   C CG  . ARG A 1 29  ? -8.523  -4.666  14.554  1.00 72.81  ? 9   ARG A CG  1 
ATOM   81   C CD  . ARG A 1 29  ? -8.623  -5.878  13.636  1.00 74.83  ? 9   ARG A CD  1 
ATOM   82   N NE  . ARG A 1 29  ? -7.861  -7.016  14.138  1.00 78.17  ? 9   ARG A NE  1 
ATOM   83   C CZ  . ARG A 1 29  ? -7.944  -8.245  13.649  1.00 78.69  ? 9   ARG A CZ  1 
ATOM   84   N NH1 . ARG A 1 29  ? -8.737  -8.530  12.629  1.00 80.73  ? 9   ARG A NH1 1 
ATOM   85   N NH2 . ARG A 1 29  ? -7.220  -9.213  14.202  1.00 82.03  ? 9   ARG A NH2 1 
ATOM   86   N N   . SER A 1 30  ? -10.161 -1.764  10.897  1.00 62.45  ? 10  SER A N   1 
ATOM   87   C CA  . SER A 1 30  ? -11.211 -1.040  10.205  1.00 61.85  ? 10  SER A CA  1 
ATOM   88   C C   . SER A 1 30  ? -11.813 -1.847  9.066   1.00 63.97  ? 10  SER A C   1 
ATOM   89   O O   . SER A 1 30  ? -12.708 -1.354  8.374   1.00 62.03  ? 10  SER A O   1 
ATOM   90   C CB  . SER A 1 30  ? -10.664 0.281   9.669   1.00 63.00  ? 10  SER A CB  1 
ATOM   91   O OG  . SER A 1 30  ? -9.640  0.044   8.713   1.00 65.88  ? 10  SER A OG  1 
ATOM   92   N N   . GLY A 1 31  ? -11.336 -3.068  8.853   1.00 63.38  ? 11  GLY A N   1 
ATOM   93   C CA  . GLY A 1 31  ? -11.814 -3.881  7.757   1.00 66.11  ? 11  GLY A CA  1 
ATOM   94   C C   . GLY A 1 31  ? -11.313 -3.460  6.397   1.00 66.47  ? 11  GLY A C   1 
ATOM   95   O O   . GLY A 1 31  ? -11.893 -3.863  5.390   1.00 68.60  ? 11  GLY A O   1 
ATOM   96   N N   . LYS A 1 32  ? -10.248 -2.656  6.335   1.00 64.97  ? 12  LYS A N   1 
ATOM   97   C CA  . LYS A 1 32  ? -9.774  -2.172  5.044   1.00 63.12  ? 12  LYS A CA  1 
ATOM   98   C C   . LYS A 1 32  ? -9.220  -3.305  4.186   1.00 67.55  ? 12  LYS A C   1 
ATOM   99   O O   . LYS A 1 32  ? -9.372  -3.278  2.959   1.00 66.06  ? 12  LYS A O   1 
ATOM   100  C CB  . LYS A 1 32  ? -8.721  -1.075  5.242   1.00 61.24  ? 12  LYS A CB  1 
ATOM   101  C CG  . LYS A 1 32  ? -7.553  -1.437  6.187   1.00 62.77  ? 12  LYS A CG  1 
ATOM   102  C CD  . LYS A 1 32  ? -6.765  -0.178  6.590   1.00 64.28  ? 12  LYS A CD  1 
ATOM   103  C CE  . LYS A 1 32  ? -5.474  -0.502  7.325   1.00 61.21  ? 12  LYS A CE  1 
ATOM   104  N NZ  . LYS A 1 32  ? -5.738  -1.074  8.669   1.00 63.02  ? 12  LYS A NZ  1 
ATOM   105  N N   . SER A 1 33  ? -8.592  -4.312  4.803   1.00 65.20  ? 13  SER A N   1 
ATOM   106  C CA  . SER A 1 33  ? -8.003  -5.398  4.025   1.00 65.61  ? 13  SER A CA  1 
ATOM   107  C C   . SER A 1 33  ? -9.078  -6.247  3.365   1.00 67.53  ? 13  SER A C   1 
ATOM   108  O O   . SER A 1 33  ? -8.980  -6.570  2.177   1.00 67.50  ? 13  SER A O   1 
ATOM   109  C CB  . SER A 1 33  ? -7.116  -6.259  4.914   1.00 68.37  ? 13  SER A CB  1 
ATOM   110  O OG  . SER A 1 33  ? -6.009  -5.510  5.359   1.00 76.08  ? 13  SER A OG  1 
ATOM   111  N N   . GLN A 1 34  ? -10.111 -6.614  4.122   1.00 66.31  ? 14  GLN A N   1 
ATOM   112  C CA  . GLN A 1 34  ? -11.200 -7.414  3.567   1.00 70.01  ? 14  GLN A CA  1 
ATOM   113  C C   . GLN A 1 34  ? -11.903 -6.679  2.430   1.00 68.29  ? 14  GLN A C   1 
ATOM   114  O O   . GLN A 1 34  ? -12.228 -7.279  1.397   1.00 69.17  ? 14  GLN A O   1 
ATOM   115  C CB  . GLN A 1 34  ? -12.197 -7.775  4.672   1.00 70.00  ? 14  GLN A CB  1 
ATOM   116  C CG  . GLN A 1 34  ? -11.702 -8.814  5.681   1.00 72.00  ? 14  GLN A CG  1 
ATOM   117  C CD  . GLN A 1 34  ? -10.597 -8.303  6.607   1.00 81.44  ? 14  GLN A CD  1 
ATOM   118  O OE1 . GLN A 1 34  ? -10.279 -7.103  6.632   1.00 74.38  ? 14  GLN A OE1 1 
ATOM   119  N NE2 . GLN A 1 34  ? -10.004 -9.221  7.375   1.00 86.52  ? 14  GLN A NE2 1 
ATOM   120  N N   . TYR A 1 35  ? -12.134 -5.375  2.595   1.00 64.80  ? 15  TYR A N   1 
ATOM   121  C CA  . TYR A 1 35  ? -12.829 -4.616  1.561   1.00 65.12  ? 15  TYR A CA  1 
ATOM   122  C C   . TYR A 1 35  ? -11.967 -4.462  0.316   1.00 65.95  ? 15  TYR A C   1 
ATOM   123  O O   . TYR A 1 35  ? -12.461 -4.610  -0.813  1.00 67.88  ? 15  TYR A O   1 
ATOM   124  C CB  . TYR A 1 35  ? -13.243 -3.248  2.100   1.00 61.67  ? 15  TYR A CB  1 
ATOM   125  C CG  . TYR A 1 35  ? -14.170 -2.498  1.170   1.00 66.54  ? 15  TYR A CG  1 
ATOM   126  C CD1 . TYR A 1 35  ? -15.490 -2.909  0.999   1.00 72.11  ? 15  TYR A CD1 1 
ATOM   127  C CD2 . TYR A 1 35  ? -13.733 -1.388  0.455   1.00 62.96  ? 15  TYR A CD2 1 
ATOM   128  C CE1 . TYR A 1 35  ? -16.355 -2.237  0.145   1.00 67.53  ? 15  TYR A CE1 1 
ATOM   129  C CE2 . TYR A 1 35  ? -14.594 -0.703  -0.404  1.00 69.75  ? 15  TYR A CE2 1 
ATOM   130  C CZ  . TYR A 1 35  ? -15.906 -1.137  -0.555  1.00 68.69  ? 15  TYR A CZ  1 
ATOM   131  O OH  . TYR A 1 35  ? -16.777 -0.476  -1.399  1.00 71.39  ? 15  TYR A OH  1 
ATOM   132  N N   . ALA A 1 36  ? -10.679 -4.157  0.495   1.00 65.26  ? 16  ALA A N   1 
ATOM   133  C CA  . ALA A 1 36  ? -9.797  -4.076  -0.662  1.00 66.31  ? 16  ALA A CA  1 
ATOM   134  C C   . ALA A 1 36  ? -9.691  -5.424  -1.358  1.00 67.14  ? 16  ALA A C   1 
ATOM   135  O O   . ALA A 1 36  ? -9.621  -5.486  -2.590  1.00 67.13  ? 16  ALA A O   1 
ATOM   136  C CB  . ALA A 1 36  ? -8.418  -3.584  -0.248  1.00 61.29  ? 16  ALA A CB  1 
ATOM   137  N N   . GLU A 1 37  ? -9.691  -6.516  -0.585  1.00 62.90  ? 17  GLU A N   1 
ATOM   138  C CA  . GLU A 1 37  ? -9.632  -7.847  -1.173  1.00 68.67  ? 17  GLU A CA  1 
ATOM   139  C C   . GLU A 1 37  ? -10.900 -8.170  -1.951  1.00 72.93  ? 17  GLU A C   1 
ATOM   140  O O   . GLU A 1 37  ? -10.834 -8.864  -2.970  1.00 73.05  ? 17  GLU A O   1 
ATOM   141  C CB  . GLU A 1 37  ? -9.380  -8.897  -0.088  1.00 64.82  ? 17  GLU A CB  1 
ATOM   142  C CG  . GLU A 1 37  ? -7.937  -8.908  0.418   1.00 70.16  ? 17  GLU A CG  1 
ATOM   143  C CD  . GLU A 1 37  ? -7.694  -9.947  1.496   1.00 75.70  ? 17  GLU A CD  1 
ATOM   144  O OE1 . GLU A 1 37  ? -8.680  -10.544 1.979   1.00 82.77  ? 17  GLU A OE1 1 
ATOM   145  O OE2 . GLU A 1 37  ? -6.517  -10.175 1.855   1.00 78.73  ? 17  GLU A OE2 1 
ATOM   146  N N   . GLN A 1 38  ? -12.053 -7.664  -1.509  1.00 69.19  ? 18  GLN A N   1 
ATOM   147  C CA  . GLN A 1 38  ? -13.266 -7.843  -2.301  1.00 73.10  ? 18  GLN A CA  1 
ATOM   148  C C   . GLN A 1 38  ? -13.211 -7.039  -3.594  1.00 71.43  ? 18  GLN A C   1 
ATOM   149  O O   . GLN A 1 38  ? -13.608 -7.534  -4.655  1.00 75.68  ? 18  GLN A O   1 
ATOM   150  C CB  . GLN A 1 38  ? -14.498 -7.470  -1.483  1.00 69.82  ? 18  GLN A CB  1 
ATOM   151  C CG  . GLN A 1 38  ? -14.848 -8.528  -0.468  1.00 75.57  ? 18  GLN A CG  1 
ATOM   152  C CD  . GLN A 1 38  ? -15.882 -8.057  0.525   1.00 82.95  ? 18  GLN A CD  1 
ATOM   153  O OE1 . GLN A 1 38  ? -16.674 -7.159  0.235   1.00 86.48  ? 18  GLN A OE1 1 
ATOM   154  N NE2 . GLN A 1 38  ? -15.878 -8.655  1.711   1.00 83.28  ? 18  GLN A NE2 1 
ATOM   155  N N   . ILE A 1 39  ? -12.716 -5.801  -3.537  1.00 68.59  ? 19  ILE A N   1 
ATOM   156  C CA  . ILE A 1 39  ? -12.522 -5.040  -4.771  1.00 67.12  ? 19  ILE A CA  1 
ATOM   157  C C   . ILE A 1 39  ? -11.615 -5.812  -5.730  1.00 70.53  ? 19  ILE A C   1 
ATOM   158  O O   . ILE A 1 39  ? -11.913 -5.964  -6.927  1.00 71.51  ? 19  ILE A O   1 
ATOM   159  C CB  . ILE A 1 39  ? -11.966 -3.642  -4.450  1.00 68.36  ? 19  ILE A CB  1 
ATOM   160  C CG1 . ILE A 1 39  ? -13.001 -2.843  -3.660  1.00 66.81  ? 19  ILE A CG1 1 
ATOM   161  C CG2 . ILE A 1 39  ? -11.560 -2.897  -5.721  1.00 64.61  ? 19  ILE A CG2 1 
ATOM   162  C CD1 . ILE A 1 39  ? -12.530 -1.481  -3.228  1.00 63.63  ? 19  ILE A CD1 1 
ATOM   163  N N   . ALA A 1 40  ? -10.514 -6.354  -5.202  1.00 70.62  ? 20  ALA A N   1 
ATOM   164  C CA  . ALA A 1 40  ? -9.563  -7.084  -6.036  1.00 71.34  ? 20  ALA A CA  1 
ATOM   165  C C   . ALA A 1 40  ? -10.183 -8.355  -6.601  1.00 74.59  ? 20  ALA A C   1 
ATOM   166  O O   . ALA A 1 40  ? -9.952  -8.695  -7.762  1.00 75.47  ? 20  ALA A O   1 
ATOM   167  C CB  . ALA A 1 40  ? -8.299  -7.410  -5.242  1.00 70.22  ? 20  ALA A CB  1 
ATOM   168  N N   . ALA A 1 41  ? -10.959 -9.080  -5.795  1.00 75.41  ? 21  ALA A N   1 
ATOM   169  C CA  . ALA A 1 41  ? -11.698 -10.216 -6.332  1.00 74.79  ? 21  ALA A CA  1 
ATOM   170  C C   . ALA A 1 41  ? -12.617 -9.764  -7.452  1.00 75.54  ? 21  ALA A C   1 
ATOM   171  O O   . ALA A 1 41  ? -12.821 -10.486 -8.435  1.00 77.60  ? 21  ALA A O   1 
ATOM   172  C CB  . ALA A 1 41  ? -12.491 -10.911 -5.225  1.00 76.13  ? 21  ALA A CB  1 
ATOM   173  N N   . GLY A 1 42  ? -13.161 -8.559  -7.330  1.00 76.35  ? 22  GLY A N   1 
ATOM   174  C CA  . GLY A 1 42  ? -13.908 -7.984  -8.428  1.00 77.08  ? 22  GLY A CA  1 
ATOM   175  C C   . GLY A 1 42  ? -13.063 -7.773  -9.666  1.00 77.52  ? 22  GLY A C   1 
ATOM   176  O O   . GLY A 1 42  ? -13.589 -7.744  -10.779 1.00 85.19  ? 22  GLY A O   1 
ATOM   177  N N   . PHE A 1 43  ? -11.749 -7.607  -9.496  1.00 77.71  ? 23  PHE A N   1 
ATOM   178  C CA  . PHE A 1 43  ? -10.887 -7.467  -10.675 1.00 80.98  ? 23  PHE A CA  1 
ATOM   179  C C   . PHE A 1 43  ? -10.899 -8.727  -11.542 1.00 80.78  ? 23  PHE A C   1 
ATOM   180  O O   . PHE A 1 43  ? -10.857 -8.640  -12.774 1.00 82.24  ? 23  PHE A O   1 
ATOM   181  C CB  . PHE A 1 43  ? -9.448  -7.131  -10.267 1.00 79.78  ? 23  PHE A CB  1 
ATOM   182  C CG  . PHE A 1 43  ? -9.274  -5.751  -9.692  1.00 76.23  ? 23  PHE A CG  1 
ATOM   183  C CD1 . PHE A 1 43  ? -10.195 -4.748  -9.957  1.00 73.00  ? 23  PHE A CD1 1 
ATOM   184  C CD2 . PHE A 1 43  ? -8.179  -5.459  -8.890  1.00 75.19  ? 23  PHE A CD2 1 
ATOM   185  C CE1 . PHE A 1 43  ? -10.031 -3.481  -9.428  1.00 75.83  ? 23  PHE A CE1 1 
ATOM   186  C CE2 . PHE A 1 43  ? -8.003  -4.188  -8.351  1.00 71.58  ? 23  PHE A CE2 1 
ATOM   187  C CZ  . PHE A 1 43  ? -8.931  -3.198  -8.623  1.00 75.12  ? 23  PHE A CZ  1 
ATOM   188  N N   . GLY A 1 44  ? -10.932 -9.899  -10.930 1.00 79.64  ? 24  GLY A N   1 
ATOM   189  C CA  . GLY A 1 44  ? -10.835 -11.130 -11.686 1.00 78.81  ? 24  GLY A CA  1 
ATOM   190  C C   . GLY A 1 44  ? -10.435 -12.278 -10.781 1.00 82.59  ? 24  GLY A C   1 
ATOM   191  O O   . GLY A 1 44  ? -10.424 -12.154 -9.556  1.00 85.80  ? 24  GLY A O   1 
ATOM   192  N N   . LYS A 1 45  ? -10.095 -13.398 -11.416 1.00 78.74  ? 25  LYS A N   1 
ATOM   193  C CA  . LYS A 1 45  ? -9.801  -14.621 -10.679 1.00 79.56  ? 25  LYS A CA  1 
ATOM   194  C C   . LYS A 1 45  ? -8.326  -14.760 -10.318 1.00 84.57  ? 25  LYS A C   1 
ATOM   195  O O   . LYS A 1 45  ? -8.005  -15.334 -9.270  1.00 84.91  ? 25  LYS A O   1 
ATOM   196  C CB  . LYS A 1 45  ? -10.261 -15.844 -11.485 1.00 83.90  ? 25  LYS A CB  1 
ATOM   197  C CG  . LYS A 1 45  ? -10.244 -17.145 -10.692 1.00 92.12  ? 25  LYS A CG  1 
ATOM   198  C CD  . LYS A 1 45  ? -10.848 -18.310 -11.469 1.00 96.74  ? 25  LYS A CD  1 
ATOM   199  C CE  . LYS A 1 45  ? -10.835 -19.581 -10.628 1.00 101.08 ? 25  LYS A CE  1 
ATOM   200  N NZ  . LYS A 1 45  ? -11.362 -20.764 -11.360 1.00 105.30 ? 25  LYS A NZ  1 
ATOM   201  N N   . LYS A 1 46  ? -7.421  -14.247 -11.151 1.00 80.75  ? 26  LYS A N   1 
ATOM   202  C CA  . LYS A 1 46  ? -5.986  -14.277 -10.879 1.00 81.23  ? 26  LYS A CA  1 
ATOM   203  C C   . LYS A 1 46  ? -5.553  -12.870 -10.478 1.00 79.98  ? 26  LYS A C   1 
ATOM   204  O O   . LYS A 1 46  ? -5.581  -11.947 -11.302 1.00 76.80  ? 26  LYS A O   1 
ATOM   205  C CB  . LYS A 1 46  ? -5.208  -14.779 -12.096 1.00 80.21  ? 26  LYS A CB  1 
ATOM   206  C CG  . LYS A 1 46  ? -3.874  -15.445 -11.758 1.00 84.49  ? 26  LYS A CG  1 
ATOM   207  C CD  . LYS A 1 46  ? -3.152  -15.943 -13.009 1.00 79.57  ? 26  LYS A CD  1 
ATOM   208  C CE  . LYS A 1 46  ? -1.710  -16.343 -12.697 1.00 83.13  ? 26  LYS A CE  1 
ATOM   209  N NZ  . LYS A 1 46  ? -0.890  -16.617 -13.922 1.00 82.29  ? 26  LYS A NZ  1 
ATOM   210  N N   . ILE A 1 47  ? -5.153  -12.706 -9.216  1.00 79.91  ? 27  ILE A N   1 
ATOM   211  C CA  . ILE A 1 47  ? -4.794  -11.408 -8.658  1.00 77.62  ? 27  ILE A CA  1 
ATOM   212  C C   . ILE A 1 47  ? -3.364  -11.455 -8.141  1.00 74.97  ? 27  ILE A C   1 
ATOM   213  O O   . ILE A 1 47  ? -2.952  -12.434 -7.507  1.00 76.60  ? 27  ILE A O   1 
ATOM   214  C CB  . ILE A 1 47  ? -5.759  -10.985 -7.531  1.00 75.82  ? 27  ILE A CB  1 
ATOM   215  C CG1 . ILE A 1 47  ? -7.165  -10.804 -8.083  1.00 77.04  ? 27  ILE A CG1 1 
ATOM   216  C CG2 . ILE A 1 47  ? -5.302  -9.686  -6.899  1.00 74.34  ? 27  ILE A CG2 1 
ATOM   217  C CD1 . ILE A 1 47  ? -7.232  -9.794  -9.193  1.00 73.53  ? 27  ILE A CD1 1 
ATOM   218  N N   . LEU A 1 48  ? -2.610  -10.390 -8.416  1.00 73.68  ? 28  LEU A N   1 
ATOM   219  C CA  . LEU A 1 48  ? -1.276  -10.197 -7.857  1.00 71.99  ? 28  LEU A CA  1 
ATOM   220  C C   . LEU A 1 48  ? -1.416  -9.520  -6.498  1.00 68.88  ? 28  LEU A C   1 
ATOM   221  O O   . LEU A 1 48  ? -1.809  -8.348  -6.415  1.00 67.77  ? 28  LEU A O   1 
ATOM   222  C CB  . LEU A 1 48  ? -0.416  -9.359  -8.799  1.00 68.59  ? 28  LEU A CB  1 
ATOM   223  C CG  . LEU A 1 48  ? 1.020   -9.102  -8.340  1.00 67.59  ? 28  LEU A CG  1 
ATOM   224  C CD1 . LEU A 1 48  ? 1.781   -10.400 -8.214  1.00 62.91  ? 28  LEU A CD1 1 
ATOM   225  C CD2 . LEU A 1 48  ? 1.739   -8.140  -9.285  1.00 65.36  ? 28  LEU A CD2 1 
ATOM   226  N N   . TYR A 1 49  ? -1.110  -10.258 -5.436  1.00 69.39  ? 29  TYR A N   1 
ATOM   227  C CA  . TYR A 1 49  ? -1.100  -9.719  -4.078  1.00 67.41  ? 29  TYR A CA  1 
ATOM   228  C C   . TYR A 1 49  ? 0.326   -9.269  -3.792  1.00 67.61  ? 29  TYR A C   1 
ATOM   229  O O   . TYR A 1 49  ? 1.208   -10.095 -3.554  1.00 65.83  ? 29  TYR A O   1 
ATOM   230  C CB  . TYR A 1 49  ? -1.577  -10.773 -3.086  1.00 70.16  ? 29  TYR A CB  1 
ATOM   231  C CG  . TYR A 1 49  ? -1.769  -10.303 -1.658  1.00 71.38  ? 29  TYR A CG  1 
ATOM   232  C CD1 . TYR A 1 49  ? -0.721  -10.334 -0.740  1.00 73.62  ? 29  TYR A CD1 1 
ATOM   233  C CD2 . TYR A 1 49  ? -3.007  -9.859  -1.214  1.00 74.38  ? 29  TYR A CD2 1 
ATOM   234  C CE1 . TYR A 1 49  ? -0.907  -9.915  0.583   1.00 75.17  ? 29  TYR A CE1 1 
ATOM   235  C CE2 . TYR A 1 49  ? -3.201  -9.437  0.103   1.00 76.33  ? 29  TYR A CE2 1 
ATOM   236  C CZ  . TYR A 1 49  ? -2.151  -9.470  0.995   1.00 74.86  ? 29  TYR A CZ  1 
ATOM   237  O OH  . TYR A 1 49  ? -2.351  -9.050  2.291   1.00 76.45  ? 29  TYR A OH  1 
ATOM   238  N N   . VAL A 1 50  ? 0.563   -7.960  -3.850  1.00 68.40  ? 30  VAL A N   1 
ATOM   239  C CA  . VAL A 1 50  ? 1.888   -7.393  -3.625  1.00 64.61  ? 30  VAL A CA  1 
ATOM   240  C C   . VAL A 1 50  ? 2.015   -7.085  -2.141  1.00 66.59  ? 30  VAL A C   1 
ATOM   241  O O   . VAL A 1 50  ? 1.384   -6.149  -1.640  1.00 62.43  ? 30  VAL A O   1 
ATOM   242  C CB  . VAL A 1 50  ? 2.121   -6.136  -4.468  1.00 60.59  ? 30  VAL A CB  1 
ATOM   243  C CG1 . VAL A 1 50  ? 3.516   -5.613  -4.226  1.00 55.33  ? 30  VAL A CG1 1 
ATOM   244  C CG2 . VAL A 1 50  ? 1.923   -6.442  -5.942  1.00 65.75  ? 30  VAL A CG2 1 
ATOM   245  N N   . ALA A 1 51  ? 2.855   -7.852  -1.449  1.00 63.52  ? 31  ALA A N   1 
ATOM   246  C CA  . ALA A 1 51  ? 3.005   -7.759  -0.003  1.00 63.99  ? 31  ALA A CA  1 
ATOM   247  C C   . ALA A 1 51  ? 4.308   -7.047  0.324   1.00 67.74  ? 31  ALA A C   1 
ATOM   248  O O   . ALA A 1 51  ? 5.391   -7.524  -0.034  1.00 66.95  ? 31  ALA A O   1 
ATOM   249  C CB  . ALA A 1 51  ? 2.982   -9.145  0.638   1.00 63.49  ? 31  ALA A CB  1 
ATOM   250  N N   . THR A 1 52  ? 4.202   -5.918  1.025   1.00 66.01  ? 32  THR A N   1 
ATOM   251  C CA  . THR A 1 52  ? 5.350   -5.083  1.339   1.00 67.52  ? 32  THR A CA  1 
ATOM   252  C C   . THR A 1 52  ? 5.942   -5.384  2.713   1.00 72.86  ? 32  THR A C   1 
ATOM   253  O O   . THR A 1 52  ? 6.719   -4.577  3.235   1.00 73.99  ? 32  THR A O   1 
ATOM   254  C CB  . THR A 1 52  ? 4.953   -3.615  1.258   1.00 64.65  ? 32  THR A CB  1 
ATOM   255  O OG1 . THR A 1 52  ? 4.012   -3.329  2.300   1.00 64.67  ? 32  THR A OG1 1 
ATOM   256  C CG2 . THR A 1 52  ? 4.303   -3.332  -0.077  1.00 66.14  ? 32  THR A CG2 1 
ATOM   257  N N   . ALA A 1 53  ? 5.598   -6.521  3.309   1.00 72.92  ? 33  ALA A N   1 
ATOM   258  C CA  . ALA A 1 53  ? 6.075   -6.814  4.653   1.00 84.02  ? 33  ALA A CA  1 
ATOM   259  C C   . ALA A 1 53  ? 7.591   -7.025  4.661   1.00 86.61  ? 33  ALA A C   1 
ATOM   260  O O   . ALA A 1 53  ? 8.251   -7.094  3.618   1.00 84.26  ? 33  ALA A O   1 
ATOM   261  C CB  . ALA A 1 53  ? 5.361   -8.044  5.220   1.00 83.04  ? 33  ALA A CB  1 
ATOM   262  N N   . GLU A 1 54  ? 8.142   -7.113  5.869   1.00 87.64  ? 34  GLU A N   1 
ATOM   263  C CA  . GLU A 1 54  ? 9.565   -7.378  6.063   1.00 91.10  ? 34  GLU A CA  1 
ATOM   264  C C   . GLU A 1 54  ? 9.856   -8.877  6.081   1.00 91.69  ? 34  GLU A C   1 
ATOM   265  O O   . GLU A 1 54  ? 10.858  -9.336  5.526   1.00 96.93  ? 34  GLU A O   1 
ATOM   266  C CB  . GLU A 1 54  ? 10.058  -6.735  7.363   1.00 94.91  ? 34  GLU A CB  1 
ATOM   267  C CG  . GLU A 1 54  ? 10.420  -5.254  7.244   1.00 93.16  ? 34  GLU A CG  1 
ATOM   268  C CD  . GLU A 1 54  ? 11.825  -5.023  6.689   1.00 94.97  ? 34  GLU A CD  1 
ATOM   269  O OE1 . GLU A 1 54  ? 12.251  -5.786  5.792   1.00 94.69  ? 34  GLU A OE1 1 
ATOM   270  O OE2 . GLU A 1 54  ? 12.505  -4.079  7.159   1.00 91.22  ? 34  GLU A OE2 1 
ATOM   271  N N   . MET A 1 62  ? 19.579  -15.400 8.893   1.00 87.22  ? 42  MET A N   1 
ATOM   272  C CA  . MET A 1 62  ? 20.659  -15.608 7.937   1.00 92.43  ? 42  MET A CA  1 
ATOM   273  C C   . MET A 1 62  ? 20.404  -16.839 7.067   1.00 95.52  ? 42  MET A C   1 
ATOM   274  O O   . MET A 1 62  ? 20.423  -16.760 5.838   1.00 94.02  ? 42  MET A O   1 
ATOM   275  C CB  . MET A 1 62  ? 21.998  -15.751 8.665   1.00 92.22  ? 42  MET A CB  1 
ATOM   276  N N   . GLU A 1 63  ? 20.165  -17.978 7.718   1.00 95.46  ? 43  GLU A N   1 
ATOM   277  C CA  . GLU A 1 63  ? 19.985  -19.258 7.038   1.00 94.20  ? 43  GLU A CA  1 
ATOM   278  C C   . GLU A 1 63  ? 18.530  -19.641 6.823   1.00 94.20  ? 43  GLU A C   1 
ATOM   279  O O   . GLU A 1 63  ? 18.216  -20.344 5.855   1.00 89.96  ? 43  GLU A O   1 
ATOM   280  C CB  . GLU A 1 63  ? 20.643  -20.380 7.840   1.00 91.70  ? 43  GLU A CB  1 
ATOM   281  C CG  . GLU A 1 63  ? 22.129  -20.261 7.978   1.00 93.70  ? 43  GLU A CG  1 
ATOM   282  C CD  . GLU A 1 63  ? 22.775  -21.619 8.093   1.00 88.96  ? 43  GLU A CD  1 
ATOM   283  O OE1 . GLU A 1 63  ? 22.274  -22.457 8.883   1.00 85.72  ? 43  GLU A OE1 1 
ATOM   284  O OE2 . GLU A 1 63  ? 23.766  -21.855 7.368   1.00 87.43  ? 43  GLU A OE2 1 
ATOM   285  N N   . TYR A 1 64  ? 17.648  -19.218 7.721   1.00 92.13  ? 44  TYR A N   1 
ATOM   286  C CA  . TYR A 1 64  ? 16.264  -19.654 7.752   1.00 90.41  ? 44  TYR A CA  1 
ATOM   287  C C   . TYR A 1 64  ? 15.361  -18.433 7.871   1.00 87.46  ? 44  TYR A C   1 
ATOM   288  O O   . TYR A 1 64  ? 15.822  -17.294 7.991   1.00 90.06  ? 44  TYR A O   1 
ATOM   289  C CB  . TYR A 1 64  ? 16.030  -20.637 8.910   1.00 85.18  ? 44  TYR A CB  1 
ATOM   290  C CG  . TYR A 1 64  ? 16.566  -20.154 10.242  1.00 85.46  ? 44  TYR A CG  1 
ATOM   291  C CD1 . TYR A 1 64  ? 17.908  -20.328 10.578  1.00 88.34  ? 44  TYR A CD1 1 
ATOM   292  C CD2 . TYR A 1 64  ? 15.736  -19.524 11.160  1.00 83.37  ? 44  TYR A CD2 1 
ATOM   293  C CE1 . TYR A 1 64  ? 18.407  -19.882 11.787  1.00 84.64  ? 44  TYR A CE1 1 
ATOM   294  C CE2 . TYR A 1 64  ? 16.226  -19.076 12.376  1.00 85.11  ? 44  TYR A CE2 1 
ATOM   295  C CZ  . TYR A 1 64  ? 17.561  -19.259 12.684  1.00 84.89  ? 44  TYR A CZ  1 
ATOM   296  O OH  . TYR A 1 64  ? 18.051  -18.814 13.894  1.00 87.19  ? 44  TYR A OH  1 
ATOM   297  N N   . ARG A 1 65  ? 14.058  -18.679 7.823   1.00 84.58  ? 45  ARG A N   1 
ATOM   298  C CA  . ARG A 1 65  ? 13.065  -17.634 7.991   1.00 86.34  ? 45  ARG A CA  1 
ATOM   299  C C   . ARG A 1 65  ? 11.928  -18.180 8.839   1.00 84.04  ? 45  ARG A C   1 
ATOM   300  O O   . ARG A 1 65  ? 11.498  -19.323 8.659   1.00 83.60  ? 45  ARG A O   1 
ATOM   301  C CB  . ARG A 1 65  ? 12.533  -17.135 6.634   1.00 90.07  ? 45  ARG A CB  1 
ATOM   302  C CG  . ARG A 1 65  ? 13.592  -16.485 5.739   1.00 97.44  ? 45  ARG A CG  1 
ATOM   303  C CD  . ARG A 1 65  ? 12.990  -15.933 4.450   1.00 104.27 ? 45  ARG A CD  1 
ATOM   304  N NE  . ARG A 1 65  ? 11.829  -15.086 4.710   1.00 109.30 ? 45  ARG A NE  1 
ATOM   305  C CZ  . ARG A 1 65  ? 11.277  -14.270 3.821   1.00 111.59 ? 45  ARG A CZ  1 
ATOM   306  N NH1 . ARG A 1 65  ? 11.764  -14.147 2.596   1.00 113.52 ? 45  ARG A NH1 1 
ATOM   307  N NH2 . ARG A 1 65  ? 10.215  -13.549 4.174   1.00 108.20 ? 45  ARG A NH2 1 
ATOM   308  N N   . VAL A 1 66  ? 11.464  -17.370 9.780   1.00 83.29  ? 46  VAL A N   1 
ATOM   309  C CA  . VAL A 1 66  ? 10.264  -17.662 10.548  1.00 85.20  ? 46  VAL A CA  1 
ATOM   310  C C   . VAL A 1 66  ? 9.167   -16.744 10.039  1.00 88.66  ? 46  VAL A C   1 
ATOM   311  O O   . VAL A 1 66  ? 9.429   -15.588 9.688   1.00 90.62  ? 46  VAL A O   1 
ATOM   312  C CB  . VAL A 1 66  ? 10.504  -17.481 12.059  1.00 84.13  ? 46  VAL A CB  1 
ATOM   313  C CG1 . VAL A 1 66  ? 9.197   -17.596 12.835  1.00 83.99  ? 46  VAL A CG1 1 
ATOM   314  C CG2 . VAL A 1 66  ? 11.504  -18.511 12.539  1.00 81.13  ? 46  VAL A CG2 1 
ATOM   315  N N   . ARG A 1 67  ? 7.944   -17.263 9.965   1.00 90.14  ? 47  ARG A N   1 
ATOM   316  C CA  . ARG A 1 67  ? 6.834   -16.526 9.383   1.00 91.93  ? 47  ARG A CA  1 
ATOM   317  C C   . ARG A 1 67  ? 5.613   -16.579 10.291  1.00 97.61  ? 47  ARG A C   1 
ATOM   318  O O   . ARG A 1 67  ? 5.278   -17.633 10.845  1.00 92.61  ? 47  ARG A O   1 
ATOM   319  C CB  . ARG A 1 67  ? 6.479   -17.082 8.005   1.00 91.61  ? 47  ARG A CB  1 
ATOM   320  C CG  . ARG A 1 67  ? 7.684   -17.353 7.128   1.00 93.15  ? 47  ARG A CG  1 
ATOM   321  C CD  . ARG A 1 67  ? 7.263   -17.889 5.779   1.00 96.26  ? 47  ARG A CD  1 
ATOM   322  N NE  . ARG A 1 67  ? 6.548   -16.882 5.008   1.00 100.03 ? 47  ARG A NE  1 
ATOM   323  C CZ  . ARG A 1 67  ? 7.138   -15.963 4.257   1.00 103.83 ? 47  ARG A CZ  1 
ATOM   324  N NH1 . ARG A 1 67  ? 8.456   -15.902 4.145   1.00 102.94 ? 47  ARG A NH1 1 
ATOM   325  N NH2 . ARG A 1 67  ? 6.389   -15.082 3.600   1.00 103.57 ? 47  ARG A NH2 1 
ATOM   326  N N   . LYS A 1 68  ? 4.956   -15.428 10.438  1.00 102.27 ? 48  LYS A N   1 
ATOM   327  C CA  . LYS A 1 68  ? 3.652   -15.361 11.077  1.00 102.77 ? 48  LYS A CA  1 
ATOM   328  C C   . LYS A 1 68  ? 2.584   -15.850 10.109  1.00 107.03 ? 48  LYS A C   1 
ATOM   329  O O   . LYS A 1 68  ? 2.711   -15.701 8.889   1.00 108.16 ? 48  LYS A O   1 
ATOM   330  C CB  . LYS A 1 68  ? 3.336   -13.933 11.526  1.00 99.04  ? 48  LYS A CB  1 
ATOM   331  N N   . HIS A 1 69  ? 1.529   -16.441 10.667  1.00 107.28 ? 49  HIS A N   1 
ATOM   332  C CA  . HIS A 1 69  ? 0.477   -17.042 9.857   1.00 107.95 ? 49  HIS A CA  1 
ATOM   333  C C   . HIS A 1 69  ? -0.084  -16.031 8.861   1.00 111.18 ? 49  HIS A C   1 
ATOM   334  O O   . HIS A 1 69  ? -0.446  -14.910 9.230   1.00 112.59 ? 49  HIS A O   1 
ATOM   335  C CB  . HIS A 1 69  ? -0.632  -17.576 10.765  1.00 106.88 ? 49  HIS A CB  1 
ATOM   336  C CG  . HIS A 1 69  ? -1.657  -18.403 10.051  1.00 107.62 ? 49  HIS A CG  1 
ATOM   337  N ND1 . HIS A 1 69  ? -2.956  -17.981 9.867   1.00 108.12 ? 49  HIS A ND1 1 
ATOM   338  C CD2 . HIS A 1 69  ? -1.577  -19.631 9.483   1.00 107.65 ? 49  HIS A CD2 1 
ATOM   339  C CE1 . HIS A 1 69  ? -3.632  -18.911 9.214   1.00 107.35 ? 49  HIS A CE1 1 
ATOM   340  N NE2 . HIS A 1 69  ? -2.817  -19.922 8.968   1.00 106.59 ? 49  HIS A NE2 1 
ATOM   341  N N   . GLN A 1 70  ? -0.126  -16.430 7.593   1.00 112.45 ? 50  GLN A N   1 
ATOM   342  C CA  . GLN A 1 70  ? -0.610  -15.579 6.516   1.00 110.15 ? 50  GLN A CA  1 
ATOM   343  C C   . GLN A 1 70  ? -2.132  -15.668 6.402   1.00 110.41 ? 50  GLN A C   1 
ATOM   344  O O   . GLN A 1 70  ? -2.756  -16.654 6.805   1.00 104.84 ? 50  GLN A O   1 
ATOM   345  C CB  . GLN A 1 70  ? 0.042   -15.971 5.187   1.00 104.04 ? 50  GLN A CB  1 
ATOM   346  N N   . GLU A 1 71  ? -2.728  -14.608 5.852   1.00 109.72 ? 51  GLU A N   1 
ATOM   347  C CA  . GLU A 1 71  ? -4.163  -14.587 5.598   1.00 105.24 ? 51  GLU A CA  1 
ATOM   348  C C   . GLU A 1 71  ? -4.529  -15.617 4.535   1.00 102.87 ? 51  GLU A C   1 
ATOM   349  O O   . GLU A 1 71  ? -3.763  -15.886 3.605   1.00 102.82 ? 51  GLU A O   1 
ATOM   350  C CB  . GLU A 1 71  ? -4.612  -13.192 5.150   1.00 98.49  ? 51  GLU A CB  1 
ATOM   351  N N   . ARG A 1 72  ? -5.713  -16.209 4.685   1.00 102.44 ? 52  ARG A N   1 
ATOM   352  C CA  . ARG A 1 72  ? -6.176  -17.243 3.757   1.00 102.76 ? 52  ARG A CA  1 
ATOM   353  C C   . ARG A 1 72  ? -6.769  -16.558 2.532   1.00 101.73 ? 52  ARG A C   1 
ATOM   354  O O   . ARG A 1 72  ? -7.972  -16.307 2.450   1.00 102.98 ? 52  ARG A O   1 
ATOM   355  C CB  . ARG A 1 72  ? -7.186  -18.163 4.430   1.00 104.34 ? 52  ARG A CB  1 
ATOM   356  N N   . ARG A 1 73  ? -5.909  -16.249 1.563   1.00 99.48  ? 53  ARG A N   1 
ATOM   357  C CA  . ARG A 1 73  ? -6.298  -15.597 0.323   1.00 96.99  ? 53  ARG A CA  1 
ATOM   358  C C   . ARG A 1 73  ? -6.457  -16.622 -0.794  1.00 96.02  ? 53  ARG A C   1 
ATOM   359  O O   . ARG A 1 73  ? -5.911  -17.726 -0.720  1.00 94.57  ? 53  ARG A O   1 
ATOM   360  C CB  . ARG A 1 73  ? -5.260  -14.535 -0.064  1.00 91.40  ? 53  ARG A CB  1 
ATOM   361  C CG  . ARG A 1 73  ? -5.371  -13.248 0.753   1.00 89.74  ? 53  ARG A CG  1 
ATOM   362  C CD  . ARG A 1 73  ? -4.103  -13.003 1.534   1.00 88.09  ? 53  ARG A CD  1 
ATOM   363  N NE  . ARG A 1 73  ? -2.935  -13.275 0.706   1.00 84.85  ? 53  ARG A NE  1 
ATOM   364  C CZ  . ARG A 1 73  ? -1.696  -13.362 1.167   1.00 84.82  ? 53  ARG A CZ  1 
ATOM   365  N NH1 . ARG A 1 73  ? -1.425  -13.209 2.454   1.00 87.66  ? 53  ARG A NH1 1 
ATOM   366  N NH2 . ARG A 1 73  ? -0.703  -13.613 0.316   1.00 77.09  ? 53  ARG A NH2 1 
ATOM   367  N N   . PRO A 1 74  ? -7.224  -16.285 -1.849  1.00 93.53  ? 54  PRO A N   1 
ATOM   368  C CA  . PRO A 1 74  ? -7.586  -17.288 -2.869  1.00 92.55  ? 54  PRO A CA  1 
ATOM   369  C C   . PRO A 1 74  ? -6.432  -18.091 -3.454  1.00 94.45  ? 54  PRO A C   1 
ATOM   370  O O   . PRO A 1 74  ? -5.266  -17.690 -3.384  1.00 96.48  ? 54  PRO A O   1 
ATOM   371  C CB  . PRO A 1 74  ? -8.263  -16.439 -3.951  1.00 89.88  ? 54  PRO A CB  1 
ATOM   372  C CG  . PRO A 1 74  ? -8.882  -15.314 -3.190  1.00 89.43  ? 54  PRO A CG  1 
ATOM   373  C CD  . PRO A 1 74  ? -7.949  -15.016 -2.043  1.00 89.49  ? 54  PRO A CD  1 
ATOM   374  N N   . LYS A 1 75  ? -6.770  -19.239 -4.047  1.00 93.61  ? 55  LYS A N   1 
ATOM   375  C CA  . LYS A 1 75  ? -5.746  -20.159 -4.530  1.00 95.13  ? 55  LYS A CA  1 
ATOM   376  C C   . LYS A 1 75  ? -5.095  -19.649 -5.811  1.00 94.02  ? 55  LYS A C   1 
ATOM   377  O O   . LYS A 1 75  ? -3.878  -19.789 -5.997  1.00 95.50  ? 55  LYS A O   1 
ATOM   378  C CB  . LYS A 1 75  ? -6.358  -21.543 -4.750  1.00 95.83  ? 55  LYS A CB  1 
ATOM   379  N N   . SER A 1 76  ? -5.882  -19.056 -6.708  1.00 87.36  ? 56  SER A N   1 
ATOM   380  C CA  . SER A 1 76  ? -5.328  -18.589 -7.973  1.00 88.45  ? 56  SER A CA  1 
ATOM   381  C C   . SER A 1 76  ? -4.492  -17.320 -7.830  1.00 88.19  ? 56  SER A C   1 
ATOM   382  O O   . SER A 1 76  ? -3.816  -16.940 -8.793  1.00 86.81  ? 56  SER A O   1 
ATOM   383  C CB  . SER A 1 76  ? -6.458  -18.364 -8.977  1.00 87.05  ? 56  SER A CB  1 
ATOM   384  O OG  . SER A 1 76  ? -7.517  -17.632 -8.387  1.00 88.25  ? 56  SER A OG  1 
ATOM   385  N N   . TRP A 1 77  ? -4.518  -16.667 -6.667  1.00 87.88  ? 57  TRP A N   1 
ATOM   386  C CA  . TRP A 1 77  ? -3.745  -15.447 -6.465  1.00 85.15  ? 57  TRP A CA  1 
ATOM   387  C C   . TRP A 1 77  ? -2.256  -15.762 -6.362  1.00 83.47  ? 57  TRP A C   1 
ATOM   388  O O   . TRP A 1 77  ? -1.857  -16.738 -5.718  1.00 84.05  ? 57  TRP A O   1 
ATOM   389  C CB  . TRP A 1 77  ? -4.203  -14.722 -5.193  1.00 82.79  ? 57  TRP A CB  1 
ATOM   390  C CG  . TRP A 1 77  ? -5.534  -14.009 -5.298  1.00 83.03  ? 57  TRP A CG  1 
ATOM   391  C CD1 . TRP A 1 77  ? -6.506  -14.208 -6.239  1.00 84.57  ? 57  TRP A CD1 1 
ATOM   392  C CD2 . TRP A 1 77  ? -6.024  -12.973 -4.433  1.00 82.72  ? 57  TRP A CD2 1 
ATOM   393  N NE1 . TRP A 1 77  ? -7.572  -13.365 -6.010  1.00 79.42  ? 57  TRP A NE1 1 
ATOM   394  C CE2 . TRP A 1 77  ? -7.301  -12.596 -4.909  1.00 83.05  ? 57  TRP A CE2 1 
ATOM   395  C CE3 . TRP A 1 77  ? -5.510  -12.327 -3.300  1.00 79.38  ? 57  TRP A CE3 1 
ATOM   396  C CZ2 . TRP A 1 77  ? -8.070  -11.602 -4.291  1.00 81.96  ? 57  TRP A CZ2 1 
ATOM   397  C CZ3 . TRP A 1 77  ? -6.278  -11.343 -2.687  1.00 77.92  ? 57  TRP A CZ3 1 
ATOM   398  C CH2 . TRP A 1 77  ? -7.542  -10.989 -3.186  1.00 76.90  ? 57  TRP A CH2 1 
ATOM   399  N N   . LEU A 1 78  ? -1.433  -14.930 -7.000  1.00 77.33  ? 58  LEU A N   1 
ATOM   400  C CA  . LEU A 1 78  ? 0.017   -15.015 -6.883  1.00 77.85  ? 58  LEU A CA  1 
ATOM   401  C C   . LEU A 1 78  ? 0.507   -13.934 -5.933  1.00 74.25  ? 58  LEU A C   1 
ATOM   402  O O   . LEU A 1 78  ? 0.015   -12.802 -5.961  1.00 75.07  ? 58  LEU A O   1 
ATOM   403  C CB  . LEU A 1 78  ? 0.708   -14.848 -8.237  1.00 79.42  ? 58  LEU A CB  1 
ATOM   404  C CG  . LEU A 1 78  ? 0.210   -15.666 -9.430  1.00 82.82  ? 58  LEU A CG  1 
ATOM   405  C CD1 . LEU A 1 78  ? 1.225   -15.601 -10.564 1.00 81.48  ? 58  LEU A CD1 1 
ATOM   406  C CD2 . LEU A 1 78  ? -0.078  -17.112 -9.043  1.00 84.58  ? 58  LEU A CD2 1 
ATOM   407  N N   . THR A 1 79  ? 1.485   -14.277 -5.106  1.00 72.84  ? 59  THR A N   1 
ATOM   408  C CA  . THR A 1 79  ? 1.974   -13.376 -4.073  1.00 72.02  ? 59  THR A CA  1 
ATOM   409  C C   . THR A 1 79  ? 3.373   -12.888 -4.425  1.00 72.33  ? 59  THR A C   1 
ATOM   410  O O   . THR A 1 79  ? 4.268   -13.694 -4.708  1.00 74.92  ? 59  THR A O   1 
ATOM   411  C CB  . THR A 1 79  ? 1.964   -14.066 -2.707  1.00 73.20  ? 59  THR A CB  1 
ATOM   412  O OG1 . THR A 1 79  ? 0.621   -14.437 -2.379  1.00 73.45  ? 59  THR A OG1 1 
ATOM   413  C CG2 . THR A 1 79  ? 2.489   -13.137 -1.631  1.00 72.16  ? 59  THR A CG2 1 
ATOM   414  N N   . LEU A 1 80  ? 3.553   -11.568 -4.414  1.00 71.10  ? 60  LEU A N   1 
ATOM   415  C CA  . LEU A 1 80  ? 4.834   -10.929 -4.702  1.00 74.27  ? 60  LEU A CA  1 
ATOM   416  C C   . LEU A 1 80  ? 5.315   -10.209 -3.446  1.00 72.87  ? 60  LEU A C   1 
ATOM   417  O O   . LEU A 1 80  ? 4.713   -9.214  -3.027  1.00 69.14  ? 60  LEU A O   1 
ATOM   418  C CB  . LEU A 1 80  ? 4.714   -9.960  -5.875  1.00 66.44  ? 60  LEU A CB  1 
ATOM   419  C CG  . LEU A 1 80  ? 6.034   -9.321  -6.302  1.00 72.34  ? 60  LEU A CG  1 
ATOM   420  C CD1 . LEU A 1 80  ? 7.077   -10.397 -6.499  1.00 76.53  ? 60  LEU A CD1 1 
ATOM   421  C CD2 . LEU A 1 80  ? 5.852   -8.535  -7.589  1.00 75.09  ? 60  LEU A CD2 1 
ATOM   422  N N   . GLU A 1 81  ? 6.392   -10.723 -2.851  1.00 75.50  ? 61  GLU A N   1 
ATOM   423  C CA  . GLU A 1 81  ? 7.009   -10.138 -1.663  1.00 74.16  ? 61  GLU A CA  1 
ATOM   424  C C   . GLU A 1 81  ? 8.059   -9.131  -2.104  1.00 74.47  ? 61  GLU A C   1 
ATOM   425  O O   . GLU A 1 81  ? 9.068   -9.505  -2.710  1.00 78.41  ? 61  GLU A O   1 
ATOM   426  C CB  . GLU A 1 81  ? 7.660   -11.211 -0.794  1.00 77.89  ? 61  GLU A CB  1 
ATOM   427  C CG  . GLU A 1 81  ? 6.720   -12.141 -0.044  1.00 81.86  ? 61  GLU A CG  1 
ATOM   428  C CD  . GLU A 1 81  ? 7.466   -13.110 0.873   1.00 93.52  ? 61  GLU A CD  1 
ATOM   429  O OE1 . GLU A 1 81  ? 8.719   -13.113 0.871   1.00 96.66  ? 61  GLU A OE1 1 
ATOM   430  O OE2 . GLU A 1 81  ? 6.797   -13.870 1.600   1.00 98.00  ? 61  GLU A OE2 1 
ATOM   431  N N   . CYS A 1 82  ? 7.838   -7.864  -1.799  1.00 72.27  ? 62  CYS A N   1 
ATOM   432  C CA  A CYS A 1 82  ? 8.811   -6.814  -2.094  0.50 72.62  ? 62  CYS A CA  1 
ATOM   433  C CA  B CYS A 1 82  ? 8.818   -6.819  -2.089  0.50 72.71  ? 62  CYS A CA  1 
ATOM   434  C C   . CYS A 1 82  ? 8.667   -5.724  -1.043  1.00 70.52  ? 62  CYS A C   1 
ATOM   435  O O   . CYS A 1 82  ? 7.740   -4.904  -1.117  1.00 72.53  ? 62  CYS A O   1 
ATOM   436  C CB  A CYS A 1 82  ? 8.624   -6.247  -3.497  0.50 71.71  ? 62  CYS A CB  1 
ATOM   437  C CB  B CYS A 1 82  ? 8.678   -6.261  -3.502  0.50 71.68  ? 62  CYS A CB  1 
ATOM   438  S SG  A CYS A 1 82  ? 9.529   -4.724  -3.740  0.50 72.92  ? 62  CYS A SG  1 
ATOM   439  S SG  B CYS A 1 82  ? 7.012   -5.805  -3.986  0.50 71.48  ? 62  CYS A SG  1 
ATOM   440  N N   . PRO A 1 83  ? 9.560   -5.682  -0.059  1.00 71.73  ? 63  PRO A N   1 
ATOM   441  C CA  . PRO A 1 83  ? 9.417   -4.686  1.010   1.00 70.70  ? 63  PRO A CA  1 
ATOM   442  C C   . PRO A 1 83  ? 9.829   -3.282  0.608   1.00 69.11  ? 63  PRO A C   1 
ATOM   443  O O   . PRO A 1 83  ? 9.401   -2.329  1.274   1.00 70.05  ? 63  PRO A O   1 
ATOM   444  C CB  . PRO A 1 83  ? 10.324  -5.239  2.120   1.00 75.06  ? 63  PRO A CB  1 
ATOM   445  C CG  . PRO A 1 83  ? 11.384  -5.994  1.385   1.00 72.59  ? 63  PRO A CG  1 
ATOM   446  C CD  . PRO A 1 83  ? 10.723  -6.565  0.150   1.00 74.14  ? 63  PRO A CD  1 
ATOM   447  N N   . ARG A 1 84  ? 10.625  -3.117  -0.450  1.00 69.15  ? 64  ARG A N   1 
ATOM   448  C CA  . ARG A 1 84  ? 11.109  -1.801  -0.851  1.00 66.71  ? 64  ARG A CA  1 
ATOM   449  C C   . ARG A 1 84  ? 11.291  -1.764  -2.361  1.00 66.70  ? 64  ARG A C   1 
ATOM   450  O O   . ARG A 1 84  ? 11.531  -2.788  -2.998  1.00 66.55  ? 64  ARG A O   1 
ATOM   451  C CB  . ARG A 1 84  ? 12.431  -1.445  -0.167  1.00 72.43  ? 64  ARG A CB  1 
ATOM   452  C CG  . ARG A 1 84  ? 12.335  -1.213  1.327   1.00 71.56  ? 64  ARG A CG  1 
ATOM   453  C CD  . ARG A 1 84  ? 13.632  -0.654  1.843   1.00 71.06  ? 64  ARG A CD  1 
ATOM   454  N NE  . ARG A 1 84  ? 13.897  0.642   1.235   1.00 73.06  ? 64  ARG A NE  1 
ATOM   455  C CZ  . ARG A 1 84  ? 15.102  1.182   1.134   1.00 77.50  ? 64  ARG A CZ  1 
ATOM   456  N NH1 . ARG A 1 84  ? 16.181  0.548   1.565   1.00 81.60  ? 64  ARG A NH1 1 
ATOM   457  N NH2 . ARG A 1 84  ? 15.228  2.385   0.582   1.00 76.25  ? 64  ARG A NH2 1 
ATOM   458  N N   . HIS A 1 85  ? 11.205  -0.558  -2.919  1.00 68.41  ? 65  HIS A N   1 
ATOM   459  C CA  . HIS A 1 85  ? 11.229  -0.341  -4.364  1.00 66.42  ? 65  HIS A CA  1 
ATOM   460  C C   . HIS A 1 85  ? 10.155  -1.188  -5.043  1.00 67.52  ? 65  HIS A C   1 
ATOM   461  O O   . HIS A 1 85  ? 10.425  -2.031  -5.900  1.00 71.73  ? 65  HIS A O   1 
ATOM   462  C CB  . HIS A 1 85  ? 12.618  -0.617  -4.937  1.00 71.41  ? 65  HIS A CB  1 
ATOM   463  C CG  . HIS A 1 85  ? 13.695  0.176   -4.271  1.00 74.62  ? 65  HIS A CG  1 
ATOM   464  N ND1 . HIS A 1 85  ? 14.690  -0.405  -3.515  1.00 74.08  ? 65  HIS A ND1 1 
ATOM   465  C CD2 . HIS A 1 85  ? 13.912  1.513   -4.219  1.00 76.46  ? 65  HIS A CD2 1 
ATOM   466  C CE1 . HIS A 1 85  ? 15.486  0.537   -3.041  1.00 74.69  ? 65  HIS A CE1 1 
ATOM   467  N NE2 . HIS A 1 85  ? 15.035  1.710   -3.450  1.00 79.53  ? 65  HIS A NE2 1 
ATOM   468  N N   . VAL A 1 86  ? 8.911   -0.931  -4.636  1.00 62.89  ? 66  VAL A N   1 
ATOM   469  C CA  . VAL A 1 86  ? 7.797   -1.780  -5.041  1.00 66.03  ? 66  VAL A CA  1 
ATOM   470  C C   . VAL A 1 86  ? 7.549   -1.664  -6.540  1.00 65.05  ? 66  VAL A C   1 
ATOM   471  O O   . VAL A 1 86  ? 7.374   -2.671  -7.233  1.00 66.05  ? 66  VAL A O   1 
ATOM   472  C CB  . VAL A 1 86  ? 6.541   -1.427  -4.227  1.00 62.48  ? 66  VAL A CB  1 
ATOM   473  C CG1 . VAL A 1 86  ? 5.395   -2.321  -4.619  1.00 58.13  ? 66  VAL A CG1 1 
ATOM   474  C CG2 . VAL A 1 86  ? 6.836   -1.582  -2.753  1.00 69.21  ? 66  VAL A CG2 1 
ATOM   475  N N   . ALA A 1 87  ? 7.518   -0.437  -7.063  1.00 64.81  ? 67  ALA A N   1 
ATOM   476  C CA  . ALA A 1 87  ? 7.253   -0.267  -8.485  1.00 65.21  ? 67  ALA A CA  1 
ATOM   477  C C   . ALA A 1 87  ? 8.308   -0.979  -9.326  1.00 65.87  ? 67  ALA A C   1 
ATOM   478  O O   . ALA A 1 87  ? 7.974   -1.685  -10.286 1.00 65.34  ? 67  ALA A O   1 
ATOM   479  C CB  . ALA A 1 87  ? 7.176   1.220   -8.827  1.00 60.49  ? 67  ALA A CB  1 
ATOM   480  N N   . SER A 1 88  ? 9.585   -0.831  -8.959  1.00 65.20  ? 68  SER A N   1 
ATOM   481  C CA  . SER A 1 88  ? 10.663  -1.491  -9.692  1.00 71.35  ? 68  SER A CA  1 
ATOM   482  C C   . SER A 1 88  ? 10.464  -2.998  -9.718  1.00 73.39  ? 68  SER A C   1 
ATOM   483  O O   . SER A 1 88  ? 10.544  -3.629  -10.777 1.00 74.22  ? 68  SER A O   1 
ATOM   484  C CB  . SER A 1 88  ? 12.017  -1.158  -9.065  1.00 70.67  ? 68  SER A CB  1 
ATOM   485  O OG  . SER A 1 88  ? 12.329  0.212   -9.217  1.00 77.72  ? 68  SER A OG  1 
ATOM   486  N N   . ALA A 1 89  ? 10.208  -3.593  -8.557  1.00 66.90  ? 69  ALA A N   1 
ATOM   487  C CA  . ALA A 1 89  ? 10.075  -5.041  -8.490  1.00 72.80  ? 69  ALA A CA  1 
ATOM   488  C C   . ALA A 1 89  ? 8.881   -5.523  -9.300  1.00 73.00  ? 69  ALA A C   1 
ATOM   489  O O   . ALA A 1 89  ? 8.988   -6.491  -10.063 1.00 73.30  ? 69  ALA A O   1 
ATOM   490  C CB  . ALA A 1 89  ? 9.955   -5.491  -7.036  1.00 71.85  ? 69  ALA A CB  1 
ATOM   491  N N   . VAL A 1 90  ? 7.729   -4.868  -9.142  1.00 66.01  ? 70  VAL A N   1 
ATOM   492  C CA  . VAL A 1 90  ? 6.540   -5.333  -9.848  1.00 68.83  ? 70  VAL A CA  1 
ATOM   493  C C   . VAL A 1 90  ? 6.735   -5.208  -11.352 1.00 70.28  ? 70  VAL A C   1 
ATOM   494  O O   . VAL A 1 90  ? 6.379   -6.114  -12.113 1.00 71.40  ? 70  VAL A O   1 
ATOM   495  C CB  . VAL A 1 90  ? 5.289   -4.578  -9.364  1.00 67.21  ? 70  VAL A CB  1 
ATOM   496  C CG1 . VAL A 1 90  ? 4.094   -4.908  -10.245 1.00 63.04  ? 70  VAL A CG1 1 
ATOM   497  C CG2 . VAL A 1 90  ? 4.988   -4.948  -7.925  1.00 64.79  ? 70  VAL A CG2 1 
ATOM   498  N N   . GLY A 1 91  ? 7.336   -4.104  -11.802 1.00 73.27  ? 71  GLY A N   1 
ATOM   499  C CA  . GLY A 1 91  ? 7.623   -3.955  -13.221 1.00 71.59  ? 71  GLY A CA  1 
ATOM   500  C C   . GLY A 1 91  ? 8.592   -5.001  -13.738 1.00 74.96  ? 71  GLY A C   1 
ATOM   501  O O   . GLY A 1 91  ? 8.375   -5.590  -14.801 1.00 75.39  ? 71  GLY A O   1 
ATOM   502  N N   . GLU A 1 92  ? 9.664   -5.262  -12.987 1.00 73.71  ? 72  GLU A N   1 
ATOM   503  C CA  . GLU A 1 92  ? 10.655  -6.240  -13.419 1.00 74.53  ? 72  GLU A CA  1 
ATOM   504  C C   . GLU A 1 92  ? 10.088  -7.650  -13.450 1.00 76.34  ? 72  GLU A C   1 
ATOM   505  O O   . GLU A 1 92  ? 10.497  -8.460  -14.288 1.00 80.11  ? 72  GLU A O   1 
ATOM   506  C CB  . GLU A 1 92  ? 11.871  -6.187  -12.501 1.00 74.62  ? 72  GLU A CB  1 
ATOM   507  C CG  . GLU A 1 92  ? 12.644  -4.901  -12.604 1.00 75.26  ? 72  GLU A CG  1 
ATOM   508  C CD  . GLU A 1 92  ? 13.565  -4.694  -11.427 1.00 77.19  ? 72  GLU A CD  1 
ATOM   509  O OE1 . GLU A 1 92  ? 13.973  -5.698  -10.802 1.00 77.20  ? 72  GLU A OE1 1 
ATOM   510  O OE2 . GLU A 1 92  ? 13.869  -3.522  -11.121 1.00 80.33  ? 72  GLU A OE2 1 
ATOM   511  N N   . SER A 1 93  ? 9.164   -7.968  -12.544 1.00 75.80  ? 73  SER A N   1 
ATOM   512  C CA  . SER A 1 93  ? 8.620   -9.319  -12.493 1.00 74.17  ? 73  SER A CA  1 
ATOM   513  C C   . SER A 1 93  ? 7.883   -9.669  -13.773 1.00 74.76  ? 73  SER A C   1 
ATOM   514  O O   . SER A 1 93  ? 7.766   -10.849 -14.120 1.00 80.01  ? 73  SER A O   1 
ATOM   515  C CB  . SER A 1 93  ? 7.666   -9.452  -11.316 1.00 72.54  ? 73  SER A CB  1 
ATOM   516  O OG  . SER A 1 93  ? 6.494   -8.710  -11.589 1.00 70.14  ? 73  SER A OG  1 
ATOM   517  N N   . GLY A 1 94  ? 7.377   -8.662  -14.477 1.00 72.82  ? 74  GLY A N   1 
ATOM   518  C CA  . GLY A 1 94  ? 6.514   -8.878  -15.612 1.00 74.33  ? 74  GLY A CA  1 
ATOM   519  C C   . GLY A 1 94  ? 5.140   -9.400  -15.269 1.00 77.11  ? 74  GLY A C   1 
ATOM   520  O O   . GLY A 1 94  ? 4.317   -9.562  -16.174 1.00 77.53  ? 74  GLY A O   1 
ATOM   521  N N   . LEU A 1 95  ? 4.852   -9.644  -13.992 1.00 76.81  ? 75  LEU A N   1 
ATOM   522  C CA  . LEU A 1 95  ? 3.625   -10.334 -13.625 1.00 74.51  ? 75  LEU A CA  1 
ATOM   523  C C   . LEU A 1 95  ? 2.371   -9.529  -13.914 1.00 73.31  ? 75  LEU A C   1 
ATOM   524  O O   . LEU A 1 95  ? 1.279   -10.106 -13.894 1.00 76.40  ? 75  LEU A O   1 
ATOM   525  C CB  . LEU A 1 95  ? 3.665   -10.720 -12.150 1.00 73.62  ? 75  LEU A CB  1 
ATOM   526  C CG  . LEU A 1 95  ? 4.692   -11.808 -11.874 1.00 74.42  ? 75  LEU A CG  1 
ATOM   527  C CD1 . LEU A 1 95  ? 4.561   -12.290 -10.450 1.00 78.18  ? 75  LEU A CD1 1 
ATOM   528  C CD2 . LEU A 1 95  ? 4.517   -12.955 -12.860 1.00 76.41  ? 75  LEU A CD2 1 
ATOM   529  N N   . LEU A 1 96  ? 2.487   -8.229  -14.190 1.00 73.31  ? 76  LEU A N   1 
ATOM   530  C CA  . LEU A 1 96  ? 1.322   -7.456  -14.598 1.00 69.89  ? 76  LEU A CA  1 
ATOM   531  C C   . LEU A 1 96  ? 0.710   -7.970  -15.896 1.00 77.54  ? 76  LEU A C   1 
ATOM   532  O O   . LEU A 1 96  ? -0.425  -7.596  -16.221 1.00 77.76  ? 76  LEU A O   1 
ATOM   533  C CB  . LEU A 1 96  ? 1.698   -5.985  -14.750 1.00 70.37  ? 76  LEU A CB  1 
ATOM   534  C CG  . LEU A 1 96  ? 2.071   -5.252  -13.462 1.00 74.16  ? 76  LEU A CG  1 
ATOM   535  C CD1 . LEU A 1 96  ? 2.283   -3.764  -13.729 1.00 71.77  ? 76  LEU A CD1 1 
ATOM   536  C CD2 . LEU A 1 96  ? 0.988   -5.457  -12.419 1.00 69.67  ? 76  LEU A CD2 1 
ATOM   537  N N   . ASP A 1 97  ? 1.432   -8.817  -16.634 1.00 79.26  ? 77  ASP A N   1 
ATOM   538  C CA  . ASP A 1 97  ? 0.988   -9.393  -17.897 1.00 81.48  ? 77  ASP A CA  1 
ATOM   539  C C   . ASP A 1 97  ? 0.472   -10.819 -17.752 1.00 84.55  ? 77  ASP A C   1 
ATOM   540  O O   . ASP A 1 97  ? 0.265   -11.499 -18.763 1.00 90.55  ? 77  ASP A O   1 
ATOM   541  C CB  . ASP A 1 97  ? 2.132   -9.368  -18.914 1.00 82.94  ? 77  ASP A CB  1 
ATOM   542  C CG  . ASP A 1 97  ? 2.473   -7.967  -19.378 1.00 84.22  ? 77  ASP A CG  1 
ATOM   543  O OD1 . ASP A 1 97  ? 1.548   -7.131  -19.458 1.00 85.12  ? 77  ASP A OD1 1 
ATOM   544  O OD2 . ASP A 1 97  ? 3.662   -7.704  -19.663 1.00 78.99  ? 77  ASP A OD2 1 
ATOM   545  N N   . GLN A 1 98  ? 0.287   -11.301 -16.529 1.00 80.40  ? 78  GLN A N   1 
ATOM   546  C CA  . GLN A 1 98  ? -0.264  -12.627 -16.319 1.00 78.25  ? 78  GLN A CA  1 
ATOM   547  C C   . GLN A 1 98  ? -1.426  -12.633 -15.336 1.00 79.61  ? 78  GLN A C   1 
ATOM   548  O O   . GLN A 1 98  ? -1.971  -13.708 -15.062 1.00 78.92  ? 78  GLN A O   1 
ATOM   549  C CB  . GLN A 1 98  ? 0.830   -13.588 -15.829 1.00 80.20  ? 78  GLN A CB  1 
ATOM   550  C CG  . GLN A 1 98  ? 2.142   -13.488 -16.606 1.00 85.59  ? 78  GLN A CG  1 
ATOM   551  C CD  . GLN A 1 98  ? 3.215   -14.431 -16.080 1.00 95.56  ? 78  GLN A CD  1 
ATOM   552  O OE1 . GLN A 1 98  ? 4.397   -14.082 -16.034 1.00 94.54  ? 78  GLN A OE1 1 
ATOM   553  N NE2 . GLN A 1 98  ? 2.806   -15.638 -15.682 1.00 99.98  ? 78  GLN A NE2 1 
ATOM   554  N N   . VAL A 1 99  ? -1.826  -11.473 -14.807 1.00 74.32  ? 79  VAL A N   1 
ATOM   555  C CA  . VAL A 1 99  ? -2.869  -11.381 -13.793 1.00 76.08  ? 79  VAL A CA  1 
ATOM   556  C C   . VAL A 1 99  ? -3.979  -10.461 -14.292 1.00 75.78  ? 79  VAL A C   1 
ATOM   557  O O   . VAL A 1 99  ? -3.867  -9.818  -15.337 1.00 76.86  ? 79  VAL A O   1 
ATOM   558  C CB  . VAL A 1 99  ? -2.332  -10.885 -12.433 1.00 73.69  ? 79  VAL A CB  1 
ATOM   559  C CG1 . VAL A 1 99  ? -1.256  -11.819 -11.910 1.00 75.29  ? 79  VAL A CG1 1 
ATOM   560  C CG2 . VAL A 1 99  ? -1.819  -9.450  -12.542 1.00 70.15  ? 79  VAL A CG2 1 
ATOM   561  N N   . ASP A 1 100 ? -5.058  -10.397 -13.511 1.00 75.01  ? 80  ASP A N   1 
ATOM   562  C CA  . ASP A 1 100 ? -6.205  -9.561  -13.833 1.00 76.57  ? 80  ASP A CA  1 
ATOM   563  C C   . ASP A 1 100 ? -6.267  -8.287  -13.012 1.00 76.13  ? 80  ASP A C   1 
ATOM   564  O O   . ASP A 1 100 ? -7.079  -7.410  -13.324 1.00 77.32  ? 80  ASP A O   1 
ATOM   565  C CB  . ASP A 1 100 ? -7.508  -10.336 -13.619 1.00 80.19  ? 80  ASP A CB  1 
ATOM   566  C CG  . ASP A 1 100 ? -7.454  -11.732 -14.191 1.00 82.69  ? 80  ASP A CG  1 
ATOM   567  O OD1 . ASP A 1 100 ? -6.967  -11.889 -15.334 1.00 81.82  ? 80  ASP A OD1 1 
ATOM   568  O OD2 . ASP A 1 100 ? -7.888  -12.670 -13.485 1.00 85.60  ? 80  ASP A OD2 1 
ATOM   569  N N   . GLY A 1 101 ? -5.450  -8.169  -11.977 1.00 74.61  ? 81  GLY A N   1 
ATOM   570  C CA  . GLY A 1 101 ? -5.527  -7.028  -11.087 1.00 75.19  ? 81  GLY A CA  1 
ATOM   571  C C   . GLY A 1 101 ? -4.484  -7.158  -10.004 1.00 72.76  ? 81  GLY A C   1 
ATOM   572  O O   . GLY A 1 101 ? -3.869  -8.214  -9.822  1.00 69.48  ? 81  GLY A O   1 
ATOM   573  N N   . VAL A 1 102 ? -4.288  -6.052  -9.288  1.00 70.07  ? 82  VAL A N   1 
ATOM   574  C CA  . VAL A 1 102 ? -3.244  -5.947  -8.279  1.00 67.54  ? 82  VAL A CA  1 
ATOM   575  C C   . VAL A 1 102 ? -3.853  -5.415  -6.993  1.00 67.98  ? 82  VAL A C   1 
ATOM   576  O O   . VAL A 1 102 ? -4.602  -4.431  -7.014  1.00 66.59  ? 82  VAL A O   1 
ATOM   577  C CB  . VAL A 1 102 ? -2.103  -5.028  -8.739  1.00 64.60  ? 82  VAL A CB  1 
ATOM   578  C CG1 . VAL A 1 102 ? -0.902  -5.208  -7.832  1.00 65.10  ? 82  VAL A CG1 1 
ATOM   579  C CG2 . VAL A 1 102 ? -1.746  -5.311  -10.182 1.00 68.54  ? 82  VAL A CG2 1 
ATOM   580  N N   . ILE A 1 103 ? -3.540  -6.063  -5.879  1.00 62.23  ? 83  ILE A N   1 
ATOM   581  C CA  . ILE A 1 103 ? -3.835  -5.521  -4.563  1.00 65.63  ? 83  ILE A CA  1 
ATOM   582  C C   . ILE A 1 103 ? -2.505  -5.296  -3.859  1.00 64.11  ? 83  ILE A C   1 
ATOM   583  O O   . ILE A 1 103 ? -1.698  -6.224  -3.730  1.00 62.82  ? 83  ILE A O   1 
ATOM   584  C CB  . ILE A 1 103 ? -4.770  -6.430  -3.745  1.00 61.61  ? 83  ILE A CB  1 
ATOM   585  C CG1 . ILE A 1 103 ? -4.942  -5.870  -2.326  1.00 63.11  ? 83  ILE A CG1 1 
ATOM   586  C CG2 . ILE A 1 103 ? -4.273  -7.866  -3.739  1.00 62.39  ? 83  ILE A CG2 1 
ATOM   587  C CD1 . ILE A 1 103 ? -6.129  -6.432  -1.561  1.00 61.65  ? 83  ILE A CD1 1 
ATOM   588  N N   . LEU A 1 104 ? -2.274  -4.063  -3.422  1.00 63.74  ? 84  LEU A N   1 
ATOM   589  C CA  . LEU A 1 104 ? -1.047  -3.680  -2.736  1.00 61.85  ? 84  LEU A CA  1 
ATOM   590  C C   . LEU A 1 104 ? -1.315  -3.619  -1.237  1.00 61.96  ? 84  LEU A C   1 
ATOM   591  O O   . LEU A 1 104 ? -2.122  -2.801  -0.779  1.00 62.26  ? 84  LEU A O   1 
ATOM   592  C CB  . LEU A 1 104 ? -0.541  -2.336  -3.258  1.00 56.26  ? 84  LEU A CB  1 
ATOM   593  C CG  . LEU A 1 104 ? 0.711   -1.755  -2.619  1.00 62.05  ? 84  LEU A CG  1 
ATOM   594  C CD1 . LEU A 1 104 ? 1.887   -2.674  -2.847  1.00 62.72  ? 84  LEU A CD1 1 
ATOM   595  C CD2 . LEU A 1 104 ? 0.990   -0.396  -3.228  1.00 66.37  ? 84  LEU A CD2 1 
ATOM   596  N N   . GLU A 1 105 ? -0.648  -4.493  -0.483  1.00 61.18  ? 85  GLU A N   1 
ATOM   597  C CA  . GLU A 1 105 ? -0.798  -4.605  0.966   1.00 64.05  ? 85  GLU A CA  1 
ATOM   598  C C   . GLU A 1 105 ? 0.583   -4.471  1.600   1.00 63.15  ? 85  GLU A C   1 
ATOM   599  O O   . GLU A 1 105 ? 1.347   -5.440  1.627   1.00 65.50  ? 85  GLU A O   1 
ATOM   600  C CB  . GLU A 1 105 ? -1.436  -5.940  1.346   1.00 64.61  ? 85  GLU A CB  1 
ATOM   601  C CG  . GLU A 1 105 ? -2.948  -5.977  1.240   1.00 69.92  ? 85  GLU A CG  1 
ATOM   602  C CD  . GLU A 1 105 ? -3.621  -5.497  2.509   1.00 72.37  ? 85  GLU A CD  1 
ATOM   603  O OE1 . GLU A 1 105 ? -3.028  -4.643  3.204   1.00 73.58  ? 85  GLU A OE1 1 
ATOM   604  O OE2 . GLU A 1 105 ? -4.733  -5.982  2.821   1.00 75.04  ? 85  GLU A OE2 1 
ATOM   605  N N   . CYS A 1 106 ? 0.906   -3.295  2.125   1.00 59.70  ? 86  CYS A N   1 
ATOM   606  C CA  . CYS A 1 106 ? 0.106   -2.081  2.208   1.00 62.40  ? 86  CYS A CA  1 
ATOM   607  C C   . CYS A 1 106 ? 1.045   -0.892  2.262   1.00 59.81  ? 86  CYS A C   1 
ATOM   608  O O   . CYS A 1 106 ? 2.227   -1.051  2.541   1.00 57.43  ? 86  CYS A O   1 
ATOM   609  C CB  . CYS A 1 106 ? -0.794  -2.095  3.445   1.00 62.05  ? 86  CYS A CB  1 
ATOM   610  S SG  . CYS A 1 106 ? 0.132   -2.269  4.990   1.00 65.82  ? 86  CYS A SG  1 
ATOM   611  N N   . VAL A 1 107 ? 0.507   0.301   2.008   1.00 60.37  ? 87  VAL A N   1 
ATOM   612  C CA  . VAL A 1 107 ? 1.325   1.511   1.984   1.00 58.77  ? 87  VAL A CA  1 
ATOM   613  C C   . VAL A 1 107 ? 1.950   1.768   3.347   1.00 62.56  ? 87  VAL A C   1 
ATOM   614  O O   . VAL A 1 107 ? 3.067   2.294   3.445   1.00 60.28  ? 87  VAL A O   1 
ATOM   615  C CB  . VAL A 1 107 ? 0.453   2.688   1.509   1.00 58.25  ? 87  VAL A CB  1 
ATOM   616  C CG1 . VAL A 1 107 ? 1.191   4.002   1.599   1.00 55.54  ? 87  VAL A CG1 1 
ATOM   617  C CG2 . VAL A 1 107 ? -0.013  2.432   0.088   1.00 59.67  ? 87  VAL A CG2 1 
ATOM   618  N N   . THR A 1 108 ? 1.252   1.371   4.413   1.00 60.69  ? 88  THR A N   1 
ATOM   619  C CA  . THR A 1 108 ? 1.735   1.545   5.775   1.00 58.40  ? 88  THR A CA  1 
ATOM   620  C C   . THR A 1 108 ? 3.091   0.873   5.988   1.00 63.78  ? 88  THR A C   1 
ATOM   621  O O   . THR A 1 108 ? 4.060   1.508   6.428   1.00 64.59  ? 88  THR A O   1 
ATOM   622  C CB  . THR A 1 108 ? 0.685   0.973   6.724   1.00 61.95  ? 88  THR A CB  1 
ATOM   623  O OG1 . THR A 1 108 ? -0.582  1.561   6.413   1.00 62.37  ? 88  THR A OG1 1 
ATOM   624  C CG2 . THR A 1 108 ? 1.039   1.244   8.173   1.00 60.71  ? 88  THR A CG2 1 
ATOM   625  N N   . LEU A 1 109 ? 3.176   -0.425  5.695   1.00 63.11  ? 89  LEU A N   1 
ATOM   626  C CA  . LEU A 1 109 ? 4.440   -1.121  5.891   1.00 64.92  ? 89  LEU A CA  1 
ATOM   627  C C   . LEU A 1 109 ? 5.517   -0.605  4.949   1.00 65.43  ? 89  LEU A C   1 
ATOM   628  O O   . LEU A 1 109 ? 6.699   -0.627  5.297   1.00 66.56  ? 89  LEU A O   1 
ATOM   629  C CB  . LEU A 1 109 ? 4.253   -2.623  5.705   1.00 65.85  ? 89  LEU A CB  1 
ATOM   630  C CG  . LEU A 1 109 ? 3.250   -3.259  6.657   1.00 73.95  ? 89  LEU A CG  1 
ATOM   631  C CD1 . LEU A 1 109 ? 3.357   -4.775  6.582   1.00 76.12  ? 89  LEU A CD1 1 
ATOM   632  C CD2 . LEU A 1 109 ? 3.467   -2.757  8.085   1.00 72.91  ? 89  LEU A CD2 1 
ATOM   633  N N   . LEU A 1 110 ? 5.139   -0.146  3.757   1.00 63.13  ? 90  LEU A N   1 
ATOM   634  C CA  . LEU A 1 110 ? 6.132   0.434   2.859   1.00 66.54  ? 90  LEU A CA  1 
ATOM   635  C C   . LEU A 1 110 ? 6.760   1.686   3.466   1.00 65.39  ? 90  LEU A C   1 
ATOM   636  O O   . LEU A 1 110 ? 7.985   1.870   3.411   1.00 62.30  ? 90  LEU A O   1 
ATOM   637  C CB  . LEU A 1 110 ? 5.490   0.754   1.516   1.00 58.40  ? 90  LEU A CB  1 
ATOM   638  C CG  . LEU A 1 110 ? 6.466   1.268   0.469   1.00 66.25  ? 90  LEU A CG  1 
ATOM   639  C CD1 . LEU A 1 110 ? 7.622   0.289   0.316   1.00 67.30  ? 90  LEU A CD1 1 
ATOM   640  C CD2 . LEU A 1 110 ? 5.738   1.440   -0.843  1.00 68.03  ? 90  LEU A CD2 1 
ATOM   641  N N   . SER A 1 111 ? 5.936   2.553   4.057   1.00 60.57  ? 91  SER A N   1 
ATOM   642  C CA  . SER A 1 111 ? 6.476   3.710   4.761   1.00 65.07  ? 91  SER A CA  1 
ATOM   643  C C   . SER A 1 111 ? 7.363   3.284   5.927   1.00 66.81  ? 91  SER A C   1 
ATOM   644  O O   . SER A 1 111 ? 8.426   3.873   6.161   1.00 66.41  ? 91  SER A O   1 
ATOM   645  C CB  . SER A 1 111 ? 5.338   4.594   5.259   1.00 62.90  ? 91  SER A CB  1 
ATOM   646  O OG  . SER A 1 111 ? 4.392   4.822   4.229   1.00 61.24  ? 91  SER A OG  1 
ATOM   647  N N   . SER A 1 112 ? 6.930   2.270   6.678   1.00 67.76  ? 92  SER A N   1 
ATOM   648  C CA  . SER A 1 112 ? 7.723   1.804   7.810   1.00 69.11  ? 92  SER A CA  1 
ATOM   649  C C   . SER A 1 112 ? 9.086   1.286   7.355   1.00 69.12  ? 92  SER A C   1 
ATOM   650  O O   . SER A 1 112 ? 10.117  1.599   7.969   1.00 70.89  ? 92  SER A O   1 
ATOM   651  C CB  . SER A 1 112 ? 6.946   0.726   8.572   1.00 66.41  ? 92  SER A CB  1 
ATOM   652  O OG  . SER A 1 112 ? 7.802   -0.318  9.001   1.00 75.60  ? 92  SER A OG  1 
ATOM   653  N N   . ASN A 1 113 ? 9.111   0.500   6.278   1.00 68.58  ? 93  ASN A N   1 
ATOM   654  C CA  . ASN A 1 113 ? 10.372  -0.023  5.754   1.00 69.89  ? 93  ASN A CA  1 
ATOM   655  C C   . ASN A 1 113 ? 11.263  1.099   5.240   1.00 68.11  ? 93  ASN A C   1 
ATOM   656  O O   . ASN A 1 113 ? 12.490  1.045   5.386   1.00 70.32  ? 93  ASN A O   1 
ATOM   657  C CB  . ASN A 1 113 ? 10.113  -1.031  4.633   1.00 70.62  ? 93  ASN A CB  1 
ATOM   658  C CG  . ASN A 1 113 ? 9.277   -2.215  5.081   1.00 71.27  ? 93  ASN A CG  1 
ATOM   659  O OD1 . ASN A 1 113 ? 9.065   -2.430  6.273   1.00 74.04  ? 93  ASN A OD1 1 
ATOM   660  N ND2 . ASN A 1 113 ? 8.808   -3.003  4.118   1.00 72.86  ? 93  ASN A ND2 1 
ATOM   661  N N   . THR A 1 114 ? 10.671  2.123   4.635   1.00 65.59  ? 94  THR A N   1 
ATOM   662  C CA  . THR A 1 114 ? 11.484  3.231   4.154   1.00 69.49  ? 94  THR A CA  1 
ATOM   663  C C   . THR A 1 114 ? 12.084  4.021   5.313   1.00 69.49  ? 94  THR A C   1 
ATOM   664  O O   . THR A 1 114 ? 13.220  4.505   5.214   1.00 64.72  ? 94  THR A O   1 
ATOM   665  C CB  . THR A 1 114 ? 10.641  4.122   3.249   1.00 63.83  ? 94  THR A CB  1 
ATOM   666  O OG1 . THR A 1 114 ? 10.048  3.303   2.236   1.00 61.47  ? 94  THR A OG1 1 
ATOM   667  C CG2 . THR A 1 114 ? 11.497  5.195   2.594   1.00 65.45  ? 94  THR A CG2 1 
ATOM   668  N N   . LEU A 1 115 ? 11.348  4.144   6.424   1.00 67.42  ? 95  LEU A N   1 
ATOM   669  C CA  . LEU A 1 115 ? 11.877  4.872   7.577   1.00 69.39  ? 95  LEU A CA  1 
ATOM   670  C C   . LEU A 1 115 ? 12.985  4.089   8.272   1.00 72.28  ? 95  LEU A C   1 
ATOM   671  O O   . LEU A 1 115 ? 14.063  4.633   8.538   1.00 71.64  ? 95  LEU A O   1 
ATOM   672  C CB  . LEU A 1 115 ? 10.765  5.206   8.574   1.00 69.77  ? 95  LEU A CB  1 
ATOM   673  C CG  . LEU A 1 115 ? 11.251  5.876   9.871   1.00 69.48  ? 95  LEU A CG  1 
ATOM   674  C CD1 . LEU A 1 115 ? 11.640  7.325   9.630   1.00 65.62  ? 95  LEU A CD1 1 
ATOM   675  C CD2 . LEU A 1 115 ? 10.210  5.782   10.961  1.00 71.33  ? 95  LEU A CD2 1 
ATOM   676  N N   . TYR A 1 116 ? 12.745  2.808   8.574   1.00 68.77  ? 96  TYR A N   1 
ATOM   677  C CA  . TYR A 1 116 ? 13.704  2.041   9.368   1.00 71.12  ? 96  TYR A CA  1 
ATOM   678  C C   . TYR A 1 116 ? 14.998  1.722   8.618   1.00 73.15  ? 96  TYR A C   1 
ATOM   679  O O   . TYR A 1 116 ? 15.939  1.211   9.238   1.00 69.40  ? 96  TYR A O   1 
ATOM   680  C CB  . TYR A 1 116 ? 13.064  0.738   9.864   1.00 72.85  ? 96  TYR A CB  1 
ATOM   681  C CG  . TYR A 1 116 ? 11.929  0.933   10.858  1.00 78.47  ? 96  TYR A CG  1 
ATOM   682  C CD1 . TYR A 1 116 ? 11.736  2.155   11.502  1.00 78.96  ? 96  TYR A CD1 1 
ATOM   683  C CD2 . TYR A 1 116 ? 11.052  -0.112  11.159  1.00 82.14  ? 96  TYR A CD2 1 
ATOM   684  C CE1 . TYR A 1 116 ? 10.696  2.332   12.413  1.00 83.04  ? 96  TYR A CE1 1 
ATOM   685  C CE2 . TYR A 1 116 ? 10.013  0.055   12.070  1.00 85.83  ? 96  TYR A CE2 1 
ATOM   686  C CZ  . TYR A 1 116 ? 9.841   1.279   12.693  1.00 86.81  ? 96  TYR A CZ  1 
ATOM   687  O OH  . TYR A 1 116 ? 8.810   1.454   13.591  1.00 91.71  ? 96  TYR A OH  1 
ATOM   688  N N   . ALA A 1 117 ? 15.072  2.011   7.316   1.00 72.24  ? 97  ALA A N   1 
ATOM   689  C CA  . ALA A 1 117 ? 16.272  1.761   6.524   1.00 72.74  ? 97  ALA A CA  1 
ATOM   690  C C   . ALA A 1 117 ? 17.170  2.985   6.384   1.00 72.60  ? 97  ALA A C   1 
ATOM   691  O O   . ALA A 1 117 ? 18.284  2.854   5.865   1.00 72.21  ? 97  ALA A O   1 
ATOM   692  C CB  . ALA A 1 117 ? 15.893  1.253   5.125   1.00 71.16  ? 97  ALA A CB  1 
ATOM   693  N N   . GLN A 1 118 ? 16.716  4.161   6.813   1.00 68.00  ? 98  GLN A N   1 
ATOM   694  C CA  . GLN A 1 118 ? 17.577  5.335   6.826   1.00 74.17  ? 98  GLN A CA  1 
ATOM   695  C C   . GLN A 1 118 ? 18.635  5.210   7.916   1.00 74.85  ? 98  GLN A C   1 
ATOM   696  O O   . GLN A 1 118 ? 18.537  4.383   8.832   1.00 73.87  ? 98  GLN A O   1 
ATOM   697  C CB  . GLN A 1 118 ? 16.768  6.612   7.057   1.00 66.60  ? 98  GLN A CB  1 
ATOM   698  C CG  . GLN A 1 118 ? 15.627  6.798   6.093   1.00 69.84  ? 98  GLN A CG  1 
ATOM   699  C CD  . GLN A 1 118 ? 16.096  6.908   4.661   1.00 72.68  ? 98  GLN A CD  1 
ATOM   700  O OE1 . GLN A 1 118 ? 16.872  7.799   4.316   1.00 75.18  ? 98  GLN A OE1 1 
ATOM   701  N NE2 . GLN A 1 118 ? 15.628  5.999   3.815   1.00 71.10  ? 98  GLN A NE2 1 
ATOM   702  N N   . LYS A 1 119 ? 19.659  6.059   7.810   1.00 74.91  ? 99  LYS A N   1 
ATOM   703  C CA  . LYS A 1 119 ? 20.702  6.077   8.829   1.00 76.91  ? 99  LYS A CA  1 
ATOM   704  C C   . LYS A 1 119 ? 20.158  6.616   10.143  1.00 75.83  ? 99  LYS A C   1 
ATOM   705  O O   . LYS A 1 119 ? 20.271  5.963   11.187  1.00 81.61  ? 99  LYS A O   1 
ATOM   706  C CB  . LYS A 1 119 ? 21.899  6.904   8.357   1.00 77.62  ? 99  LYS A CB  1 
ATOM   707  C CG  . LYS A 1 119 ? 23.089  6.872   9.320   1.00 80.67  ? 99  LYS A CG  1 
ATOM   708  C CD  . LYS A 1 119 ? 23.670  5.466   9.439   1.00 81.76  ? 99  LYS A CD  1 
ATOM   709  C CE  . LYS A 1 119 ? 24.785  5.382   10.479  1.00 85.80  ? 99  LYS A CE  1 
ATOM   710  N NZ  . LYS A 1 119 ? 25.212  3.963   10.715  1.00 82.13  ? 99  LYS A NZ  1 
ATOM   711  N N   . ASP A 1 120 ? 19.548  7.798   10.106  1.00 76.61  ? 100 ASP A N   1 
ATOM   712  C CA  . ASP A 1 120 ? 18.964  8.431   11.289  1.00 78.86  ? 100 ASP A CA  1 
ATOM   713  C C   . ASP A 1 120 ? 17.459  8.557   11.105  1.00 78.74  ? 100 ASP A C   1 
ATOM   714  O O   . ASP A 1 120 ? 16.996  9.453   10.376  1.00 79.13  ? 100 ASP A O   1 
ATOM   715  C CB  . ASP A 1 120 ? 19.583  9.805   11.536  1.00 79.29  ? 100 ASP A CB  1 
ATOM   716  C CG  . ASP A 1 120 ? 18.975  10.511  12.736  1.00 81.62  ? 100 ASP A CG  1 
ATOM   717  O OD1 . ASP A 1 120 ? 18.521  9.810   13.667  1.00 77.82  ? 100 ASP A OD1 1 
ATOM   718  O OD2 . ASP A 1 120 ? 18.939  11.764  12.739  1.00 84.02  ? 100 ASP A OD2 1 
ATOM   719  N N   . PRO A 1 121 ? 16.654  7.698   11.739  1.00 80.52  ? 101 PRO A N   1 
ATOM   720  C CA  . PRO A 1 121 ? 15.192  7.840   11.619  1.00 81.02  ? 101 PRO A CA  1 
ATOM   721  C C   . PRO A 1 121 ? 14.613  9.064   12.324  1.00 80.22  ? 101 PRO A C   1 
ATOM   722  O O   . PRO A 1 121 ? 13.466  9.426   12.029  1.00 78.09  ? 101 PRO A O   1 
ATOM   723  C CB  . PRO A 1 121 ? 14.661  6.536   12.231  1.00 78.68  ? 101 PRO A CB  1 
ATOM   724  C CG  . PRO A 1 121 ? 15.795  5.568   12.091  1.00 80.67  ? 101 PRO A CG  1 
ATOM   725  C CD  . PRO A 1 121 ? 17.033  6.395   12.308  1.00 79.49  ? 101 PRO A CD  1 
ATOM   726  N N   . THR A 1 122 ? 15.349  9.712   13.237  1.00 80.12  ? 102 THR A N   1 
ATOM   727  C CA  . THR A 1 122 ? 14.866  10.960  13.828  1.00 80.32  ? 102 THR A CA  1 
ATOM   728  C C   . THR A 1 122 ? 15.023  12.147  12.887  1.00 80.09  ? 102 THR A C   1 
ATOM   729  O O   . THR A 1 122 ? 14.522  13.238  13.189  1.00 81.59  ? 102 THR A O   1 
ATOM   730  C CB  . THR A 1 122 ? 15.592  11.264  15.147  1.00 82.43  ? 102 THR A CB  1 
ATOM   731  O OG1 . THR A 1 122 ? 16.783  12.017  14.886  1.00 82.26  ? 102 THR A OG1 1 
ATOM   732  C CG2 . THR A 1 122 ? 15.960  9.972   15.878  1.00 80.14  ? 102 THR A CG2 1 
ATOM   733  N N   . ASP A 1 123 ? 15.719  11.964  11.771  1.00 81.75  ? 103 ASP A N   1 
ATOM   734  C CA  . ASP A 1 123 ? 15.818  12.973  10.731  1.00 83.00  ? 103 ASP A CA  1 
ATOM   735  C C   . ASP A 1 123 ? 14.688  12.761  9.733   1.00 80.24  ? 103 ASP A C   1 
ATOM   736  O O   . ASP A 1 123 ? 14.329  11.625  9.413   1.00 82.77  ? 103 ASP A O   1 
ATOM   737  C CB  . ASP A 1 123 ? 17.179  12.887  10.035  1.00 83.45  ? 103 ASP A CB  1 
ATOM   738  C CG  . ASP A 1 123 ? 17.455  14.071  9.126   1.00 84.21  ? 103 ASP A CG  1 
ATOM   739  O OD1 . ASP A 1 123 ? 16.722  15.079  9.206   1.00 83.30  ? 103 ASP A OD1 1 
ATOM   740  O OD2 . ASP A 1 123 ? 18.412  13.987  8.326   1.00 85.66  ? 103 ASP A OD2 1 
ATOM   741  N N   . TYR A 1 124 ? 14.119  13.859  9.253   1.00 80.98  ? 104 TYR A N   1 
ATOM   742  C CA  . TYR A 1 124 ? 12.909  13.802  8.445   1.00 84.15  ? 104 TYR A CA  1 
ATOM   743  C C   . TYR A 1 124 ? 13.183  13.803  6.945   1.00 83.08  ? 104 TYR A C   1 
ATOM   744  O O   . TYR A 1 124 ? 12.575  13.011  6.216   1.00 77.37  ? 104 TYR A O   1 
ATOM   745  C CB  . TYR A 1 124 ? 11.992  14.976  8.819   1.00 79.90  ? 104 TYR A CB  1 
ATOM   746  C CG  . TYR A 1 124 ? 10.705  15.073  8.025   1.00 82.39  ? 104 TYR A CG  1 
ATOM   747  C CD1 . TYR A 1 124 ? 9.698   14.117  8.163   1.00 80.11  ? 104 TYR A CD1 1 
ATOM   748  C CD2 . TYR A 1 124 ? 10.487  16.138  7.156   1.00 82.16  ? 104 TYR A CD2 1 
ATOM   749  C CE1 . TYR A 1 124 ? 8.517   14.212  7.439   1.00 78.23  ? 104 TYR A CE1 1 
ATOM   750  C CE2 . TYR A 1 124 ? 9.311   16.241  6.431   1.00 80.97  ? 104 TYR A CE2 1 
ATOM   751  C CZ  . TYR A 1 124 ? 8.331   15.277  6.573   1.00 80.50  ? 104 TYR A CZ  1 
ATOM   752  O OH  . TYR A 1 124 ? 7.168   15.392  5.846   1.00 81.43  ? 104 TYR A OH  1 
ATOM   753  N N   . GLU A 1 125 ? 14.111  14.649  6.481   1.00 83.99  ? 105 GLU A N   1 
ATOM   754  C CA  . GLU A 1 125 ? 14.275  14.905  5.048   1.00 84.77  ? 105 GLU A CA  1 
ATOM   755  C C   . GLU A 1 125 ? 14.573  13.660  4.222   1.00 78.81  ? 105 GLU A C   1 
ATOM   756  O O   . GLU A 1 125 ? 13.893  13.445  3.200   1.00 75.40  ? 105 GLU A O   1 
ATOM   757  C CB  . GLU A 1 125 ? 15.367  15.963  4.841   1.00 87.47  ? 105 GLU A CB  1 
ATOM   758  C CG  . GLU A 1 125 ? 15.108  17.270  5.564   1.00 92.81  ? 105 GLU A CG  1 
ATOM   759  C CD  . GLU A 1 125 ? 13.927  18.020  4.984   1.00 98.95  ? 105 GLU A CD  1 
ATOM   760  O OE1 . GLU A 1 125 ? 13.892  18.192  3.743   1.00 107.63 ? 105 GLU A OE1 1 
ATOM   761  O OE2 . GLU A 1 125 ? 13.031  18.422  5.762   1.00 96.54  ? 105 GLU A OE2 1 
ATOM   762  N N   . PRO A 1 126 ? 15.562  12.827  4.564   1.00 77.15  ? 106 PRO A N   1 
ATOM   763  C CA  . PRO A 1 126 ? 15.856  11.678  3.691   1.00 73.68  ? 106 PRO A CA  1 
ATOM   764  C C   . PRO A 1 126 ? 14.699  10.709  3.599   1.00 72.72  ? 106 PRO A C   1 
ATOM   765  O O   . PRO A 1 126 ? 14.366  10.238  2.505   1.00 70.63  ? 106 PRO A O   1 
ATOM   766  C CB  . PRO A 1 126 ? 17.082  11.038  4.359   1.00 75.04  ? 106 PRO A CB  1 
ATOM   767  C CG  . PRO A 1 126 ? 17.629  12.084  5.276   1.00 79.41  ? 106 PRO A CG  1 
ATOM   768  C CD  . PRO A 1 126 ? 16.446  12.850  5.742   1.00 80.26  ? 106 PRO A CD  1 
ATOM   769  N N   . PHE A 1 127 ? 14.081  10.394  4.737   1.00 72.97  ? 107 PHE A N   1 
ATOM   770  C CA  . PHE A 1 127 ? 12.950  9.477   4.746   1.00 71.56  ? 107 PHE A CA  1 
ATOM   771  C C   . PHE A 1 127 ? 11.801  10.021  3.906   1.00 69.86  ? 107 PHE A C   1 
ATOM   772  O O   . PHE A 1 127 ? 11.201  9.290   3.103   1.00 65.83  ? 107 PHE A O   1 
ATOM   773  C CB  . PHE A 1 127 ? 12.507  9.219   6.186   1.00 69.23  ? 107 PHE A CB  1 
ATOM   774  C CG  . PHE A 1 127 ? 11.054  8.869   6.324   1.00 65.06  ? 107 PHE A CG  1 
ATOM   775  C CD1 . PHE A 1 127 ? 10.595  7.613   5.980   1.00 62.49  ? 107 PHE A CD1 1 
ATOM   776  C CD2 . PHE A 1 127 ? 10.150  9.797   6.804   1.00 67.02  ? 107 PHE A CD2 1 
ATOM   777  C CE1 . PHE A 1 127 ? 9.263   7.286   6.109   1.00 63.95  ? 107 PHE A CE1 1 
ATOM   778  C CE2 . PHE A 1 127 ? 8.813   9.472   6.939   1.00 68.11  ? 107 PHE A CE2 1 
ATOM   779  C CZ  . PHE A 1 127 ? 8.369   8.215   6.586   1.00 63.36  ? 107 PHE A CZ  1 
ATOM   780  N N   . GLN A 1 128 ? 11.489  11.311  4.071   1.00 68.53  ? 108 GLN A N   1 
ATOM   781  C CA  . GLN A 1 128 ? 10.423  11.936  3.294   1.00 70.57  ? 108 GLN A CA  1 
ATOM   782  C C   . GLN A 1 128 ? 10.700  11.837  1.796   1.00 70.85  ? 108 GLN A C   1 
ATOM   783  O O   . GLN A 1 128 ? 9.832   11.420  1.019   1.00 67.76  ? 108 GLN A O   1 
ATOM   784  C CB  . GLN A 1 128 ? 10.253  13.397  3.716   1.00 73.02  ? 108 GLN A CB  1 
ATOM   785  C CG  . GLN A 1 128 ? 8.916   14.016  3.311   1.00 71.02  ? 108 GLN A CG  1 
ATOM   786  C CD  . GLN A 1 128 ? 9.026   15.473  2.878   1.00 75.92  ? 108 GLN A CD  1 
ATOM   787  O OE1 . GLN A 1 128 ? 9.858   15.823  2.036   1.00 77.08  ? 108 GLN A OE1 1 
ATOM   788  N NE2 . GLN A 1 128 ? 8.179   16.327  3.447   1.00 74.95  ? 108 GLN A NE2 1 
ATOM   789  N N   . GLU A 1 129 ? 11.913  12.212  1.372   1.00 71.59  ? 109 GLU A N   1 
ATOM   790  C CA  . GLU A 1 129 ? 12.223  12.204  -0.057  1.00 71.24  ? 109 GLU A CA  1 
ATOM   791  C C   . GLU A 1 129 ? 12.223  10.789  -0.626  1.00 69.98  ? 109 GLU A C   1 
ATOM   792  O O   . GLU A 1 129 ? 11.745  10.568  -1.746  1.00 68.93  ? 109 GLU A O   1 
ATOM   793  C CB  . GLU A 1 129 ? 13.565  12.887  -0.310  1.00 76.44  ? 109 GLU A CB  1 
ATOM   794  C CG  . GLU A 1 129 ? 13.511  14.403  -0.175  1.00 86.59  ? 109 GLU A CG  1 
ATOM   795  C CD  . GLU A 1 129 ? 14.810  15.077  -0.595  1.00 98.65  ? 109 GLU A CD  1 
ATOM   796  O OE1 . GLU A 1 129 ? 15.800  14.354  -0.855  1.00 97.08  ? 109 GLU A OE1 1 
ATOM   797  O OE2 . GLU A 1 129 ? 14.836  16.329  -0.664  1.00 98.74  ? 109 GLU A OE2 1 
ATOM   798  N N   . ALA A 1 130 ? 12.747  9.817   0.128   1.00 70.70  ? 110 ALA A N   1 
ATOM   799  C CA  . ALA A 1 130 ? 12.745  8.437   -0.348  1.00 68.31  ? 110 ALA A CA  1 
ATOM   800  C C   . ALA A 1 130 ? 11.322  7.902   -0.491  1.00 68.80  ? 110 ALA A C   1 
ATOM   801  O O   . ALA A 1 130 ? 10.992  7.249   -1.492  1.00 67.47  ? 110 ALA A O   1 
ATOM   802  C CB  . ALA A 1 130 ? 13.564  7.556   0.595   1.00 64.56  ? 110 ALA A CB  1 
ATOM   803  N N   . LEU A 1 131 ? 10.456  8.189   0.486   1.00 65.51  ? 111 LEU A N   1 
ATOM   804  C CA  . LEU A 1 131 ? 9.075   7.721   0.391   1.00 63.65  ? 111 LEU A CA  1 
ATOM   805  C C   . LEU A 1 131 ? 8.341   8.405   -0.755  1.00 66.29  ? 111 LEU A C   1 
ATOM   806  O O   . LEU A 1 131 ? 7.498   7.785   -1.417  1.00 61.80  ? 111 LEU A O   1 
ATOM   807  C CB  . LEU A 1 131 ? 8.345   7.948   1.714   1.00 59.24  ? 111 LEU A CB  1 
ATOM   808  C CG  . LEU A 1 131 ? 6.910   7.418   1.807   1.00 63.74  ? 111 LEU A CG  1 
ATOM   809  C CD1 . LEU A 1 131 ? 6.838   5.953   1.384   1.00 63.66  ? 111 LEU A CD1 1 
ATOM   810  C CD2 . LEU A 1 131 ? 6.368   7.582   3.230   1.00 65.89  ? 111 LEU A CD2 1 
ATOM   811  N N   . ILE A 1 132 ? 8.666   9.672   -1.025  1.00 65.41  ? 112 ILE A N   1 
ATOM   812  C CA  . ILE A 1 132 ? 8.031   10.354  -2.146  1.00 64.20  ? 112 ILE A CA  1 
ATOM   813  C C   . ILE A 1 132 ? 8.511   9.768   -3.467  1.00 64.91  ? 112 ILE A C   1 
ATOM   814  O O   . ILE A 1 132 ? 7.723   9.602   -4.404  1.00 67.28  ? 112 ILE A O   1 
ATOM   815  C CB  . ILE A 1 132 ? 8.276   11.869  -2.064  1.00 66.47  ? 112 ILE A CB  1 
ATOM   816  C CG1 . ILE A 1 132 ? 7.518   12.455  -0.872  1.00 63.58  ? 112 ILE A CG1 1 
ATOM   817  C CG2 . ILE A 1 132 ? 7.840   12.553  -3.353  1.00 58.34  ? 112 ILE A CG2 1 
ATOM   818  C CD1 . ILE A 1 132 ? 7.790   13.927  -0.621  1.00 65.43  ? 112 ILE A CD1 1 
ATOM   819  N N   . GLU A 1 133 ? 9.799   9.435   -3.567  1.00 63.40  ? 113 GLU A N   1 
ATOM   820  C CA  . GLU A 1 133 ? 10.283  8.766   -4.774  1.00 71.49  ? 113 GLU A CA  1 
ATOM   821  C C   . GLU A 1 133 ? 9.571   7.429   -4.970  1.00 70.38  ? 113 GLU A C   1 
ATOM   822  O O   . GLU A 1 133 ? 9.166   7.082   -6.090  1.00 70.53  ? 113 GLU A O   1 
ATOM   823  C CB  . GLU A 1 133 ? 11.804  8.579   -4.712  1.00 70.05  ? 113 GLU A CB  1 
ATOM   824  C CG  . GLU A 1 133 ? 12.341  7.609   -5.772  1.00 77.60  ? 113 GLU A CG  1 
ATOM   825  C CD  . GLU A 1 133 ? 13.856  7.694   -5.983  1.00 90.57  ? 113 GLU A CD  1 
ATOM   826  O OE1 . GLU A 1 133 ? 14.530  8.461   -5.251  1.00 90.53  ? 113 GLU A OE1 1 
ATOM   827  O OE2 . GLU A 1 133 ? 14.369  6.988   -6.888  1.00 91.31  ? 113 GLU A OE2 1 
ATOM   828  N N   . GLU A 1 134 ? 9.372   6.693   -3.873  1.00 67.64  ? 114 GLU A N   1 
ATOM   829  C CA  . GLU A 1 134 ? 8.667   5.415   -3.919  1.00 66.50  ? 114 GLU A CA  1 
ATOM   830  C C   . GLU A 1 134 ? 7.224   5.581   -4.400  1.00 65.66  ? 114 GLU A C   1 
ATOM   831  O O   . GLU A 1 134 ? 6.751   4.830   -5.270  1.00 69.65  ? 114 GLU A O   1 
ATOM   832  C CB  . GLU A 1 134 ? 8.714   4.788   -2.529  1.00 66.11  ? 114 GLU A CB  1 
ATOM   833  C CG  . GLU A 1 134 ? 8.215   3.386   -2.446  1.00 69.10  ? 114 GLU A CG  1 
ATOM   834  C CD  . GLU A 1 134 ? 9.292   2.366   -2.733  1.00 69.39  ? 114 GLU A CD  1 
ATOM   835  O OE1 . GLU A 1 134 ? 10.346  2.375   -2.053  1.00 66.28  ? 114 GLU A OE1 1 
ATOM   836  O OE2 . GLU A 1 134 ? 9.073   1.557   -3.650  1.00 72.27  ? 114 GLU A OE2 1 
ATOM   837  N N   . ILE A 1 135 ? 6.514   6.569   -3.859  1.00 63.02  ? 115 ILE A N   1 
ATOM   838  C CA  . ILE A 1 135 ? 5.110   6.760   -4.219  1.00 63.51  ? 115 ILE A CA  1 
ATOM   839  C C   . ILE A 1 135 ? 4.984   7.262   -5.653  1.00 67.09  ? 115 ILE A C   1 
ATOM   840  O O   . ILE A 1 135 ? 4.055   6.880   -6.378  1.00 63.54  ? 115 ILE A O   1 
ATOM   841  C CB  . ILE A 1 135 ? 4.428   7.715   -3.221  1.00 63.52  ? 115 ILE A CB  1 
ATOM   842  C CG1 . ILE A 1 135 ? 4.437   7.112   -1.815  1.00 59.44  ? 115 ILE A CG1 1 
ATOM   843  C CG2 . ILE A 1 135 ? 3.009   8.047   -3.659  1.00 61.47  ? 115 ILE A CG2 1 
ATOM   844  C CD1 . ILE A 1 135 ? 3.904   5.718   -1.751  1.00 61.68  ? 115 ILE A CD1 1 
ATOM   845  N N   . GLU A 1 136 ? 5.909   8.124   -6.087  1.00 64.79  ? 116 GLU A N   1 
ATOM   846  C CA  . GLU A 1 136 ? 5.873   8.602   -7.464  1.00 66.45  ? 116 GLU A CA  1 
ATOM   847  C C   . GLU A 1 136 ? 6.135   7.468   -8.446  1.00 66.22  ? 116 GLU A C   1 
ATOM   848  O O   . GLU A 1 136 ? 5.471   7.377   -9.488  1.00 68.63  ? 116 GLU A O   1 
ATOM   849  C CB  . GLU A 1 136 ? 6.882   9.733   -7.654  1.00 67.68  ? 116 GLU A CB  1 
ATOM   850  C CG  . GLU A 1 136 ? 6.425   11.049  -7.053  1.00 62.00  ? 116 GLU A CG  1 
ATOM   851  C CD  . GLU A 1 136 ? 5.088   11.496  -7.620  1.00 71.98  ? 116 GLU A CD  1 
ATOM   852  O OE1 . GLU A 1 136 ? 4.879   11.333  -8.842  1.00 73.53  ? 116 GLU A OE1 1 
ATOM   853  O OE2 . GLU A 1 136 ? 4.239   11.995  -6.847  1.00 73.76  ? 116 GLU A OE2 1 
ATOM   854  N N   . ALA A 1 137 ? 7.080   6.582   -8.125  1.00 63.28  ? 117 ALA A N   1 
ATOM   855  C CA  . ALA A 1 137 ? 7.285   5.394   -8.952  1.00 69.49  ? 117 ALA A CA  1 
ATOM   856  C C   . ALA A 1 137 ? 6.021   4.533   -9.018  1.00 69.68  ? 117 ALA A C   1 
ATOM   857  O O   . ALA A 1 137 ? 5.669   4.014   -10.084 1.00 64.86  ? 117 ALA A O   1 
ATOM   858  C CB  . ALA A 1 137 ? 8.467   4.582   -8.416  1.00 64.80  ? 117 ALA A CB  1 
ATOM   859  N N   . LEU A 1 138 ? 5.325   4.363   -7.886  1.00 67.43  ? 118 LEU A N   1 
ATOM   860  C CA  . LEU A 1 138 ? 4.085   3.583   -7.915  1.00 68.06  ? 118 LEU A CA  1 
ATOM   861  C C   . LEU A 1 138 ? 3.015   4.251   -8.774  1.00 67.29  ? 118 LEU A C   1 
ATOM   862  O O   . LEU A 1 138 ? 2.270   3.571   -9.492  1.00 64.11  ? 118 LEU A O   1 
ATOM   863  C CB  . LEU A 1 138 ? 3.557   3.369   -6.505  1.00 62.39  ? 118 LEU A CB  1 
ATOM   864  C CG  . LEU A 1 138 ? 3.998   2.075   -5.839  1.00 67.59  ? 118 LEU A CG  1 
ATOM   865  C CD1 . LEU A 1 138 ? 3.678   2.149   -4.362  1.00 66.83  ? 118 LEU A CD1 1 
ATOM   866  C CD2 . LEU A 1 138 ? 3.288   0.905   -6.477  1.00 66.50  ? 118 LEU A CD2 1 
ATOM   867  N N   . LYS A 1 139 ? 2.898   5.578   -8.686  1.00 64.30  ? 119 LYS A N   1 
ATOM   868  C CA  . LYS A 1 139 ? 1.926   6.292   -9.510  1.00 65.96  ? 119 LYS A CA  1 
ATOM   869  C C   . LYS A 1 139 ? 2.232   6.100   -10.990 1.00 70.12  ? 119 LYS A C   1 
ATOM   870  O O   . LYS A 1 139 ? 1.334   5.845   -11.803 1.00 69.88  ? 119 LYS A O   1 
ATOM   871  C CB  . LYS A 1 139 ? 1.930   7.781   -9.153  1.00 68.29  ? 119 LYS A CB  1 
ATOM   872  C CG  . LYS A 1 139 ? 1.151   8.141   -7.899  1.00 70.15  ? 119 LYS A CG  1 
ATOM   873  C CD  . LYS A 1 139 ? 1.517   9.531   -7.394  1.00 67.23  ? 119 LYS A CD  1 
ATOM   874  C CE  . LYS A 1 139 ? 1.417   10.584  -8.492  1.00 70.47  ? 119 LYS A CE  1 
ATOM   875  N NZ  . LYS A 1 139 ? 1.565   11.961  -7.953  1.00 68.56  ? 119 LYS A NZ  1 
ATOM   876  N N   . LYS A 1 140 ? 3.508   6.230   -11.351 1.00 71.47  ? 120 LYS A N   1 
ATOM   877  C CA  . LYS A 1 140 ? 3.929   6.000   -12.728 1.00 74.40  ? 120 LYS A CA  1 
ATOM   878  C C   . LYS A 1 140 ? 3.550   4.597   -13.185 1.00 73.73  ? 120 LYS A C   1 
ATOM   879  O O   . LYS A 1 140 ? 2.910   4.425   -14.228 1.00 78.07  ? 120 LYS A O   1 
ATOM   880  C CB  . LYS A 1 140 ? 5.438   6.233   -12.846 1.00 74.56  ? 120 LYS A CB  1 
ATOM   881  C CG  . LYS A 1 140 ? 6.017   6.069   -14.232 1.00 78.62  ? 120 LYS A CG  1 
ATOM   882  C CD  . LYS A 1 140 ? 7.507   6.346   -14.188 1.00 82.19  ? 120 LYS A CD  1 
ATOM   883  C CE  . LYS A 1 140 ? 8.143   6.255   -15.557 1.00 90.74  ? 120 LYS A CE  1 
ATOM   884  N NZ  . LYS A 1 140 ? 9.624   6.449   -15.482 1.00 91.88  ? 120 LYS A NZ  1 
ATOM   885  N N   . LEU A 1 141 ? 3.913   3.580   -12.399 1.00 69.98  ? 121 LEU A N   1 
ATOM   886  C CA  . LEU A 1 141 ? 3.597   2.204   -12.777 1.00 70.60  ? 121 LEU A CA  1 
ATOM   887  C C   . LEU A 1 141 ? 2.098   2.001   -12.961 1.00 68.96  ? 121 LEU A C   1 
ATOM   888  O O   . LEU A 1 141 ? 1.660   1.402   -13.949 1.00 71.92  ? 121 LEU A O   1 
ATOM   889  C CB  . LEU A 1 141 ? 4.126   1.220   -11.739 1.00 68.70  ? 121 LEU A CB  1 
ATOM   890  C CG  . LEU A 1 141 ? 3.734   -0.219  -12.088 1.00 67.90  ? 121 LEU A CG  1 
ATOM   891  C CD1 . LEU A 1 141 ? 4.295   -0.599  -13.449 1.00 67.80  ? 121 LEU A CD1 1 
ATOM   892  C CD2 . LEU A 1 141 ? 4.187   -1.208  -11.034 1.00 65.87  ? 121 LEU A CD2 1 
ATOM   893  N N   . ILE A 1 142 ? 1.295   2.481   -12.013 1.00 69.00  ? 122 ILE A N   1 
ATOM   894  C CA  . ILE A 1 142 ? -0.144  2.242   -12.086 1.00 67.85  ? 122 ILE A CA  1 
ATOM   895  C C   . ILE A 1 142 ? -0.735  2.938   -13.301 1.00 70.43  ? 122 ILE A C   1 
ATOM   896  O O   . ILE A 1 142 ? -1.574  2.372   -14.010 1.00 69.88  ? 122 ILE A O   1 
ATOM   897  C CB  . ILE A 1 142 ? -0.829  2.686   -10.782 1.00 67.89  ? 122 ILE A CB  1 
ATOM   898  C CG1 . ILE A 1 142 ? -0.416  1.766   -9.630  1.00 68.52  ? 122 ILE A CG1 1 
ATOM   899  C CG2 . ILE A 1 142 ? -2.341  2.672   -10.940 1.00 64.42  ? 122 ILE A CG2 1 
ATOM   900  C CD1 . ILE A 1 142 ? -0.827  2.284   -8.267  1.00 65.02  ? 122 ILE A CD1 1 
ATOM   901  N N   . ARG A 1 143 ? -0.294  4.169   -13.576 1.00 70.33  ? 123 ARG A N   1 
ATOM   902  C CA  . ARG A 1 143 ? -0.762  4.862   -14.774 1.00 74.86  ? 123 ARG A CA  1 
ATOM   903  C C   . ARG A 1 143 ? -0.450  4.062   -16.040 1.00 78.22  ? 123 ARG A C   1 
ATOM   904  O O   . ARG A 1 143 ? -1.267  4.009   -16.965 1.00 78.27  ? 123 ARG A O   1 
ATOM   905  C CB  . ARG A 1 143 ? -0.133  6.252   -14.845 1.00 76.80  ? 123 ARG A CB  1 
ATOM   906  C CG  . ARG A 1 143 ? -0.973  7.296   -15.556 1.00 80.88  ? 123 ARG A CG  1 
ATOM   907  C CD  . ARG A 1 143 ? -0.193  8.596   -15.709 1.00 80.19  ? 123 ARG A CD  1 
ATOM   908  N NE  . ARG A 1 143 ? 0.378   9.049   -14.442 1.00 84.64  ? 123 ARG A NE  1 
ATOM   909  C CZ  . ARG A 1 143 ? 1.673   9.045   -14.151 1.00 83.09  ? 123 ARG A CZ  1 
ATOM   910  N NH1 . ARG A 1 143 ? 2.577   8.609   -15.016 1.00 83.56  ? 123 ARG A NH1 1 
ATOM   911  N NH2 . ARG A 1 143 ? 2.074   9.497   -12.965 1.00 79.25  ? 123 ARG A NH2 1 
ATOM   912  N N   . GLN A 1 144 ? 0.726   3.430   -16.095 1.00 78.57  ? 124 GLN A N   1 
ATOM   913  C CA  . GLN A 1 144 ? 1.159   2.629   -17.236 1.00 79.24  ? 124 GLN A CA  1 
ATOM   914  C C   . GLN A 1 144 ? 0.772   1.171   -17.106 1.00 80.17  ? 124 GLN A C   1 
ATOM   915  O O   . GLN A 1 144 ? 1.366   0.320   -17.781 1.00 79.64  ? 124 GLN A O   1 
ATOM   916  C CB  . GLN A 1 144 ? 2.677   2.721   -17.415 1.00 79.46  ? 124 GLN A CB  1 
ATOM   917  C CG  . GLN A 1 144 ? 3.141   3.813   -18.355 1.00 90.64  ? 124 GLN A CG  1 
ATOM   918  C CD  . GLN A 1 144 ? 4.654   3.978   -18.346 1.00 99.85  ? 124 GLN A CD  1 
ATOM   919  O OE1 . GLN A 1 144 ? 5.299   3.858   -17.298 1.00 94.73  ? 124 GLN A OE1 1 
ATOM   920  N NE2 . GLN A 1 144 ? 5.229   4.250   -19.519 1.00 101.76 ? 124 GLN A NE2 1 
ATOM   921  N N   . SER A 1 145 ? -0.190  0.862   -16.248 1.00 75.75  ? 125 SER A N   1 
ATOM   922  C CA  . SER A 1 145 ? -0.444  -0.544  -15.999 1.00 75.53  ? 125 SER A CA  1 
ATOM   923  C C   . SER A 1 145 ? -1.609  -1.046  -16.840 1.00 77.15  ? 125 SER A C   1 
ATOM   924  O O   . SER A 1 145 ? -2.603  -0.330  -17.025 1.00 74.06  ? 125 SER A O   1 
ATOM   925  C CB  . SER A 1 145 ? -0.751  -0.781  -14.519 1.00 73.93  ? 125 SER A CB  1 
ATOM   926  O OG  . SER A 1 145 ? -1.080  -2.137  -14.278 1.00 72.39  ? 125 SER A OG  1 
ATOM   927  N N   . PRO A 1 146 ? -1.496  -2.273  -17.356 1.00 73.83  ? 126 PRO A N   1 
ATOM   928  C CA  . PRO A 1 146 ? -2.609  -2.853  -18.118 1.00 77.34  ? 126 PRO A CA  1 
ATOM   929  C C   . PRO A 1 146 ? -3.755  -3.339  -17.253 1.00 80.82  ? 126 PRO A C   1 
ATOM   930  O O   . PRO A 1 146 ? -4.867  -3.499  -17.775 1.00 81.94  ? 126 PRO A O   1 
ATOM   931  C CB  . PRO A 1 146 ? -1.954  -4.028  -18.854 1.00 75.71  ? 126 PRO A CB  1 
ATOM   932  C CG  . PRO A 1 146 ? -0.818  -4.421  -17.953 1.00 77.17  ? 126 PRO A CG  1 
ATOM   933  C CD  . PRO A 1 146 ? -0.301  -3.134  -17.365 1.00 69.81  ? 126 PRO A CD  1 
ATOM   934  N N   . VAL A 1 147 ? -3.522  -3.584  -15.969 1.00 76.67  ? 127 VAL A N   1 
ATOM   935  C CA  . VAL A 1 147 ? -4.545  -4.101  -15.065 1.00 73.23  ? 127 VAL A CA  1 
ATOM   936  C C   . VAL A 1 147 ? -4.798  -3.049  -13.989 1.00 74.66  ? 127 VAL A C   1 
ATOM   937  O O   . VAL A 1 147 ? -3.966  -2.153  -13.766 1.00 74.06  ? 127 VAL A O   1 
ATOM   938  C CB  . VAL A 1 147 ? -4.139  -5.461  -14.453 1.00 76.14  ? 127 VAL A CB  1 
ATOM   939  C CG1 . VAL A 1 147 ? -4.205  -6.549  -15.507 1.00 78.75  ? 127 VAL A CG1 1 
ATOM   940  C CG2 . VAL A 1 147 ? -2.740  -5.381  -13.844 1.00 75.45  ? 127 VAL A CG2 1 
ATOM   941  N N   . PRO A 1 148 ? -5.941  -3.120  -13.316 1.00 73.73  ? 128 PRO A N   1 
ATOM   942  C CA  . PRO A 1 148 ? -6.237  -2.145  -12.259 1.00 73.63  ? 128 PRO A CA  1 
ATOM   943  C C   . PRO A 1 148 ? -5.599  -2.517  -10.924 1.00 71.07  ? 128 PRO A C   1 
ATOM   944  O O   . PRO A 1 148 ? -5.191  -3.657  -10.681 1.00 65.97  ? 128 PRO A O   1 
ATOM   945  C CB  . PRO A 1 148 ? -7.766  -2.190  -12.166 1.00 75.30  ? 128 PRO A CB  1 
ATOM   946  C CG  . PRO A 1 148 ? -8.096  -3.596  -12.533 1.00 75.68  ? 128 PRO A CG  1 
ATOM   947  C CD  . PRO A 1 148 ? -7.103  -3.982  -13.603 1.00 72.26  ? 128 PRO A CD  1 
ATOM   948  N N   . TRP A 1 149 ? -5.544  -1.509  -10.046 1.00 69.97  ? 129 TRP A N   1 
ATOM   949  C CA  . TRP A 1 149 ? -4.891  -1.595  -8.748  1.00 67.97  ? 129 TRP A CA  1 
ATOM   950  C C   . TRP A 1 149 ? -5.844  -1.155  -7.644  1.00 65.74  ? 129 TRP A C   1 
ATOM   951  O O   . TRP A 1 149 ? -6.553  -0.153  -7.787  1.00 66.11  ? 129 TRP A O   1 
ATOM   952  C CB  . TRP A 1 149 ? -3.641  -0.706  -8.711  1.00 66.27  ? 129 TRP A CB  1 
ATOM   953  C CG  . TRP A 1 149 ? -2.470  -1.199  -9.500  1.00 67.84  ? 129 TRP A CG  1 
ATOM   954  C CD1 . TRP A 1 149 ? -2.407  -1.394  -10.851 1.00 68.31  ? 129 TRP A CD1 1 
ATOM   955  C CD2 . TRP A 1 149 ? -1.173  -1.524  -8.987  1.00 65.31  ? 129 TRP A CD2 1 
ATOM   956  N NE1 . TRP A 1 149 ? -1.155  -1.839  -11.207 1.00 66.49  ? 129 TRP A NE1 1 
ATOM   957  C CE2 . TRP A 1 149 ? -0.379  -1.925  -10.082 1.00 68.15  ? 129 TRP A CE2 1 
ATOM   958  C CE3 . TRP A 1 149 ? -0.610  -1.527  -7.710  1.00 63.71  ? 129 TRP A CE3 1 
ATOM   959  C CZ2 . TRP A 1 149 ? 0.948   -2.320  -9.935  1.00 65.98  ? 129 TRP A CZ2 1 
ATOM   960  C CZ3 . TRP A 1 149 ? 0.708   -1.922  -7.566  1.00 66.53  ? 129 TRP A CZ3 1 
ATOM   961  C CH2 . TRP A 1 149 ? 1.473   -2.311  -8.675  1.00 63.42  ? 129 TRP A CH2 1 
ATOM   962  N N   . VAL A 1 150 ? -5.863  -1.907  -6.545  1.00 62.95  ? 130 VAL A N   1 
ATOM   963  C CA  . VAL A 1 150 ? -6.420  -1.440  -5.284  1.00 61.61  ? 130 VAL A CA  1 
ATOM   964  C C   . VAL A 1 150 ? -5.298  -1.461  -4.256  1.00 63.52  ? 130 VAL A C   1 
ATOM   965  O O   . VAL A 1 150 ? -4.589  -2.469  -4.114  1.00 62.14  ? 130 VAL A O   1 
ATOM   966  C CB  . VAL A 1 150 ? -7.633  -2.272  -4.825  1.00 60.66  ? 130 VAL A CB  1 
ATOM   967  C CG1 . VAL A 1 150 ? -7.250  -3.706  -4.550  1.00 61.90  ? 130 VAL A CG1 1 
ATOM   968  C CG2 . VAL A 1 150 ? -8.257  -1.637  -3.592  1.00 62.82  ? 130 VAL A CG2 1 
ATOM   969  N N   . LEU A 1 151 ? -5.107  -0.337  -3.577  1.00 58.73  ? 131 LEU A N   1 
ATOM   970  C CA  . LEU A 1 151 ? -4.008  -0.155  -2.637  1.00 61.69  ? 131 LEU A CA  1 
ATOM   971  C C   . LEU A 1 151 ? -4.569  0.029   -1.230  1.00 59.13  ? 131 LEU A C   1 
ATOM   972  O O   . LEU A 1 151 ? -5.600  0.680   -1.041  1.00 58.87  ? 131 LEU A O   1 
ATOM   973  C CB  . LEU A 1 151 ? -3.139  1.054   -3.032  1.00 56.74  ? 131 LEU A CB  1 
ATOM   974  C CG  . LEU A 1 151 ? -2.333  1.080   -4.346  1.00 62.45  ? 131 LEU A CG  1 
ATOM   975  C CD1 . LEU A 1 151 ? -3.207  1.241   -5.585  1.00 62.04  ? 131 LEU A CD1 1 
ATOM   976  C CD2 . LEU A 1 151 ? -1.305  2.193   -4.315  1.00 61.37  ? 131 LEU A CD2 1 
ATOM   977  N N   . VAL A 1 152 ? -3.897  -0.553  -0.242  1.00 59.05  ? 132 VAL A N   1 
ATOM   978  C CA  . VAL A 1 152 ? -4.336  -0.502  1.147   1.00 58.45  ? 132 VAL A CA  1 
ATOM   979  C C   . VAL A 1 152 ? -3.376  0.380   1.926   1.00 60.07  ? 132 VAL A C   1 
ATOM   980  O O   . VAL A 1 152 ? -2.155  0.198   1.846   1.00 62.92  ? 132 VAL A O   1 
ATOM   981  C CB  . VAL A 1 152 ? -4.400  -1.908  1.764   1.00 63.94  ? 132 VAL A CB  1 
ATOM   982  C CG1 . VAL A 1 152 ? -4.961  -1.848  3.174   1.00 61.49  ? 132 VAL A CG1 1 
ATOM   983  C CG2 . VAL A 1 152 ? -5.228  -2.830  0.887   1.00 60.63  ? 132 VAL A CG2 1 
ATOM   984  N N   . SER A 1 153 ? -3.921  1.329   2.682   1.00 61.29  ? 133 SER A N   1 
ATOM   985  C CA  . SER A 1 153 ? -3.121  2.213   3.513   1.00 56.10  ? 133 SER A CA  1 
ATOM   986  C C   . SER A 1 153 ? -3.868  2.479   4.809   1.00 58.61  ? 133 SER A C   1 
ATOM   987  O O   . SER A 1 153 ? -5.052  2.165   4.944   1.00 62.36  ? 133 SER A O   1 
ATOM   988  C CB  . SER A 1 153 ? -2.801  3.527   2.794   1.00 56.91  ? 133 SER A CB  1 
ATOM   989  O OG  . SER A 1 153 ? -1.739  4.196   3.448   1.00 61.16  ? 133 SER A OG  1 
ATOM   990  N N   . SER A 1 154 ? -3.166  3.059   5.778   1.00 60.73  ? 134 SER A N   1 
ATOM   991  C CA  . SER A 1 154 ? -3.741  3.337   7.085   1.00 60.04  ? 134 SER A CA  1 
ATOM   992  C C   . SER A 1 154 ? -3.892  4.833   7.297   1.00 57.54  ? 134 SER A C   1 
ATOM   993  O O   . SER A 1 154 ? -3.121  5.632   6.767   1.00 56.94  ? 134 SER A O   1 
ATOM   994  C CB  . SER A 1 154 ? -2.878  2.762   8.208   1.00 55.83  ? 134 SER A CB  1 
ATOM   995  O OG  . SER A 1 154 ? -2.755  1.368   8.058   1.00 60.09  ? 134 SER A OG  1 
ATOM   996  N N   . GLU A 1 155 ? -4.897  5.197   8.082   1.00 58.79  ? 135 GLU A N   1 
ATOM   997  C CA  . GLU A 1 155 ? -5.058  6.554   8.585   1.00 57.17  ? 135 GLU A CA  1 
ATOM   998  C C   . GLU A 1 155 ? -4.500  6.600   10.003  1.00 59.33  ? 135 GLU A C   1 
ATOM   999  O O   . GLU A 1 155 ? -4.974  5.868   10.880  1.00 57.50  ? 135 GLU A O   1 
ATOM   1000 C CB  . GLU A 1 155 ? -6.525  6.975   8.581   1.00 58.34  ? 135 GLU A CB  1 
ATOM   1001 C CG  . GLU A 1 155 ? -6.742  8.325   9.227   1.00 63.84  ? 135 GLU A CG  1 
ATOM   1002 C CD  . GLU A 1 155 ? -6.017  9.435   8.484   1.00 62.85  ? 135 GLU A CD  1 
ATOM   1003 O OE1 . GLU A 1 155 ? -6.241  9.568   7.266   1.00 65.39  ? 135 GLU A OE1 1 
ATOM   1004 O OE2 . GLU A 1 155 ? -5.213  10.164  9.107   1.00 60.69  ? 135 GLU A OE2 1 
ATOM   1005 N N   . THR A 1 156 ? -3.487  7.446   10.220  1.00 55.80  ? 136 THR A N   1 
ATOM   1006 C CA  . THR A 1 156 ? -2.814  7.526   11.508  1.00 59.90  ? 136 THR A CA  1 
ATOM   1007 C C   . THR A 1 156 ? -2.719  8.945   12.046  1.00 60.86  ? 136 THR A C   1 
ATOM   1008 O O   . THR A 1 156 ? -2.134  9.140   13.121  1.00 59.27  ? 136 THR A O   1 
ATOM   1009 C CB  . THR A 1 156 ? -1.390  6.942   11.427  1.00 62.03  ? 136 THR A CB  1 
ATOM   1010 O OG1 . THR A 1 156 ? -0.562  7.791   10.618  1.00 55.93  ? 136 THR A OG1 1 
ATOM   1011 C CG2 . THR A 1 156 ? -1.403  5.535   10.833  1.00 59.84  ? 136 THR A CG2 1 
ATOM   1012 N N   . GLY A 1 157 ? -3.277  9.931   11.348  1.00 55.39  ? 137 GLY A N   1 
ATOM   1013 C CA  . GLY A 1 157 ? -3.119  11.323  11.701  1.00 53.84  ? 137 GLY A CA  1 
ATOM   1014 C C   . GLY A 1 157 ? -4.226  11.945  12.526  1.00 57.26  ? 137 GLY A C   1 
ATOM   1015 O O   . GLY A 1 157 ? -4.194  13.160  12.746  1.00 60.57  ? 137 GLY A O   1 
ATOM   1016 N N   . MET A 1 158 ? -5.197  11.171  13.008  1.00 57.31  ? 138 MET A N   1 
ATOM   1017 C CA  . MET A 1 158 ? -6.313  11.756  13.739  1.00 59.35  ? 138 MET A CA  1 
ATOM   1018 C C   . MET A 1 158 ? -6.252  11.471  15.235  1.00 60.15  ? 138 MET A C   1 
ATOM   1019 O O   . MET A 1 158 ? -7.280  11.517  15.917  1.00 61.38  ? 138 MET A O   1 
ATOM   1020 C CB  . MET A 1 158 ? -7.631  11.274  13.140  1.00 55.13  ? 138 MET A CB  1 
ATOM   1021 C CG  . MET A 1 158 ? -7.789  11.690  11.683  1.00 60.34  ? 138 MET A CG  1 
ATOM   1022 S SD  . MET A 1 158 ? -9.170  10.827  10.930  1.00 74.40  ? 138 MET A SD  1 
ATOM   1023 C CE  . MET A 1 158 ? -8.898  11.148  9.188   1.00 73.02  ? 138 MET A CE  1 
ATOM   1024 N N   . GLY A 1 159 ? -5.066  11.189  15.767  1.00 60.87  ? 139 GLY A N   1 
ATOM   1025 C CA  . GLY A 1 159 ? -4.886  10.964  17.180  1.00 63.78  ? 139 GLY A CA  1 
ATOM   1026 C C   . GLY A 1 159 ? -4.202  12.137  17.854  1.00 69.85  ? 139 GLY A C   1 
ATOM   1027 O O   . GLY A 1 159 ? -3.965  13.192  17.259  1.00 70.86  ? 139 GLY A O   1 
ATOM   1028 N N   . ILE A 1 160 ? -3.890  11.938  19.134  1.00 72.33  ? 140 ILE A N   1 
ATOM   1029 C CA  . ILE A 1 160 ? -3.124  12.940  19.855  1.00 82.74  ? 140 ILE A CA  1 
ATOM   1030 C C   . ILE A 1 160 ? -1.746  13.064  19.214  1.00 91.87  ? 140 ILE A C   1 
ATOM   1031 O O   . ILE A 1 160 ? -1.193  12.092  18.680  1.00 94.01  ? 140 ILE A O   1 
ATOM   1032 C CB  . ILE A 1 160 ? -3.017  12.575  21.346  1.00 86.27  ? 140 ILE A CB  1 
ATOM   1033 C CG1 . ILE A 1 160 ? -2.307  11.221  21.520  1.00 87.98  ? 140 ILE A CG1 1 
ATOM   1034 C CG2 . ILE A 1 160 ? -4.408  12.557  21.982  1.00 80.64  ? 140 ILE A CG2 1 
ATOM   1035 C CD1 . ILE A 1 160 ? -0.806  11.319  21.788  1.00 93.17  ? 140 ILE A CD1 1 
ATOM   1036 N N   . SER A 1 161 ? -1.184  14.273  19.262  1.00 95.53  ? 141 SER A N   1 
ATOM   1037 C CA  . SER A 1 161 ? 0.144   14.512  18.699  1.00 101.86 ? 141 SER A CA  1 
ATOM   1038 C C   . SER A 1 161 ? 1.181   13.728  19.504  1.00 107.01 ? 141 SER A C   1 
ATOM   1039 O O   . SER A 1 161 ? 1.409   14.010  20.688  1.00 104.18 ? 141 SER A O   1 
ATOM   1040 C CB  . SER A 1 161 ? 0.462   16.008  18.678  1.00 105.64 ? 141 SER A CB  1 
ATOM   1041 O OG  . SER A 1 161 ? 0.390   16.598  19.970  1.00 104.02 ? 141 SER A OG  1 
ATOM   1042 N N   . GLN A 1 162 ? 1.793   12.727  18.875  1.00 106.89 ? 142 GLN A N   1 
ATOM   1043 C CA  . GLN A 1 162 ? 2.761   11.922  19.595  1.00 104.00 ? 142 GLN A CA  1 
ATOM   1044 C C   . GLN A 1 162 ? 4.038   12.722  19.828  1.00 104.51 ? 142 GLN A C   1 
ATOM   1045 O O   . GLN A 1 162 ? 4.339   13.694  19.128  1.00 103.24 ? 142 GLN A O   1 
ATOM   1046 C CB  . GLN A 1 162 ? 3.064   10.624  18.848  1.00 100.54 ? 142 GLN A CB  1 
ATOM   1047 C CG  . GLN A 1 162 ? 3.677   9.562   19.748  1.00 99.81  ? 142 GLN A CG  1 
ATOM   1048 C CD  . GLN A 1 162 ? 2.978   9.488   21.102  1.00 106.91 ? 142 GLN A CD  1 
ATOM   1049 O OE1 . GLN A 1 162 ? 1.748   9.398   21.179  1.00 107.23 ? 142 GLN A OE1 1 
ATOM   1050 N NE2 . GLN A 1 162 ? 3.761   9.539   22.178  1.00 105.93 ? 142 GLN A NE2 1 
ATOM   1051 N N   . SER A 1 163 ? 4.783   12.309  20.848  1.00 102.79 ? 143 SER A N   1 
ATOM   1052 C CA  . SER A 1 163 ? 5.969   13.035  21.275  1.00 101.94 ? 143 SER A CA  1 
ATOM   1053 C C   . SER A 1 163 ? 7.202   12.653  20.462  1.00 98.00  ? 143 SER A C   1 
ATOM   1054 O O   . SER A 1 163 ? 8.000   13.527  20.099  1.00 93.18  ? 143 SER A O   1 
ATOM   1055 C CB  . SER A 1 163 ? 6.210   12.783  22.767  1.00 103.47 ? 143 SER A CB  1 
ATOM   1056 O OG  . SER A 1 163 ? 4.974   12.665  23.461  1.00 104.31 ? 143 SER A OG  1 
ATOM   1057 N N   . ASP A 1 164 ? 7.356   11.363  20.161  1.00 94.70  ? 144 ASP A N   1 
ATOM   1058 C CA  . ASP A 1 164 ? 8.545   10.866  19.478  1.00 91.05  ? 144 ASP A CA  1 
ATOM   1059 C C   . ASP A 1 164 ? 8.729   11.536  18.116  1.00 88.81  ? 144 ASP A C   1 
ATOM   1060 O O   . ASP A 1 164 ? 7.791   11.614  17.320  1.00 88.01  ? 144 ASP A O   1 
ATOM   1061 C CB  . ASP A 1 164 ? 8.430   9.352   19.314  1.00 89.57  ? 144 ASP A CB  1 
ATOM   1062 C CG  . ASP A 1 164 ? 9.649   8.743   18.669  1.00 89.44  ? 144 ASP A CG  1 
ATOM   1063 O OD1 . ASP A 1 164 ? 10.718  9.387   18.687  1.00 95.37  ? 144 ASP A OD1 1 
ATOM   1064 O OD2 . ASP A 1 164 ? 9.537   7.619   18.138  1.00 90.75  ? 144 ASP A OD2 1 
ATOM   1065 N N   . ALA A 1 165 ? 9.951   12.015  17.849  1.00 85.49  ? 145 ALA A N   1 
ATOM   1066 C CA  . ALA A 1 165 ? 10.230  12.672  16.574  1.00 83.89  ? 145 ALA A CA  1 
ATOM   1067 C C   . ALA A 1 165 ? 10.193  11.682  15.415  1.00 81.55  ? 145 ALA A C   1 
ATOM   1068 O O   . ALA A 1 165 ? 9.657   11.988  14.345  1.00 77.56  ? 145 ALA A O   1 
ATOM   1069 C CB  . ALA A 1 165 ? 11.582  13.379  16.630  1.00 82.18  ? 145 ALA A CB  1 
ATOM   1070 N N   . GLU A 1 166 ? 10.771  10.497  15.605  1.00 79.30  ? 146 GLU A N   1 
ATOM   1071 C CA  . GLU A 1 166 ? 10.664  9.447   14.601  1.00 79.28  ? 146 GLU A CA  1 
ATOM   1072 C C   . GLU A 1 166 ? 9.203   9.136   14.290  1.00 80.76  ? 146 GLU A C   1 
ATOM   1073 O O   . GLU A 1 166 ? 8.813   9.021   13.120  1.00 76.32  ? 146 GLU A O   1 
ATOM   1074 C CB  . GLU A 1 166 ? 11.398  8.209   15.107  1.00 77.63  ? 146 GLU A CB  1 
ATOM   1075 C CG  . GLU A 1 166 ? 11.513  7.067   14.137  1.00 77.66  ? 146 GLU A CG  1 
ATOM   1076 C CD  . GLU A 1 166 ? 12.395  5.969   14.694  1.00 83.32  ? 146 GLU A CD  1 
ATOM   1077 O OE1 . GLU A 1 166 ? 13.300  6.298   15.493  1.00 80.97  ? 146 GLU A OE1 1 
ATOM   1078 O OE2 . GLU A 1 166 ? 12.182  4.785   14.349  1.00 87.31  ? 146 GLU A OE2 1 
ATOM   1079 N N   . THR A 1 167 ? 8.376   9.040   15.331  1.00 80.72  ? 147 THR A N   1 
ATOM   1080 C CA  . THR A 1 167 ? 6.961   8.733   15.158  1.00 77.13  ? 147 THR A CA  1 
ATOM   1081 C C   . THR A 1 167 ? 6.215   9.875   14.469  1.00 76.70  ? 147 THR A C   1 
ATOM   1082 O O   . THR A 1 167 ? 5.411   9.636   13.557  1.00 75.86  ? 147 THR A O   1 
ATOM   1083 C CB  . THR A 1 167 ? 6.346   8.409   16.521  1.00 81.20  ? 147 THR A CB  1 
ATOM   1084 O OG1 . THR A 1 167 ? 6.738   7.088   16.921  1.00 80.25  ? 147 THR A OG1 1 
ATOM   1085 C CG2 . THR A 1 167 ? 4.837   8.503   16.480  1.00 80.66  ? 147 THR A CG2 1 
ATOM   1086 N N   . ARG A 1 168 ? 6.451   11.119  14.893  1.00 74.09  ? 148 ARG A N   1 
ATOM   1087 C CA  . ARG A 1 168 ? 5.808   12.249  14.223  1.00 80.21  ? 148 ARG A CA  1 
ATOM   1088 C C   . ARG A 1 168 ? 6.192   12.305  12.750  1.00 76.87  ? 148 ARG A C   1 
ATOM   1089 O O   . ARG A 1 168 ? 5.340   12.550  11.885  1.00 71.18  ? 148 ARG A O   1 
ATOM   1090 C CB  . ARG A 1 168 ? 6.172   13.568  14.906  1.00 79.89  ? 148 ARG A CB  1 
ATOM   1091 C CG  . ARG A 1 168 ? 5.646   13.739  16.317  1.00 88.77  ? 148 ARG A CG  1 
ATOM   1092 C CD  . ARG A 1 168 ? 5.900   15.160  16.813  1.00 90.03  ? 148 ARG A CD  1 
ATOM   1093 N NE  . ARG A 1 168 ? 7.072   15.744  16.172  1.00 86.94  ? 148 ARG A NE  1 
ATOM   1094 C CZ  . ARG A 1 168 ? 8.296   15.715  16.676  1.00 89.16  ? 148 ARG A CZ  1 
ATOM   1095 N NH1 . ARG A 1 168 ? 8.541   15.170  17.856  1.00 90.71  ? 148 ARG A NH1 1 
ATOM   1096 N NH2 . ARG A 1 168 ? 9.300   16.244  15.978  1.00 92.77  ? 148 ARG A NH2 1 
ATOM   1097 N N   . HIS A 1 169 ? 7.475   12.083  12.448  1.00 75.54  ? 149 HIS A N   1 
ATOM   1098 C CA  . HIS A 1 169 ? 7.925   12.086  11.061  1.00 73.27  ? 149 HIS A CA  1 
ATOM   1099 C C   . HIS A 1 169 ? 7.254   10.977  10.265  1.00 70.98  ? 149 HIS A C   1 
ATOM   1100 O O   . HIS A 1 169 ? 6.813   11.199  9.133   1.00 68.47  ? 149 HIS A O   1 
ATOM   1101 C CB  . HIS A 1 169 ? 9.443   11.946  11.007  1.00 71.98  ? 149 HIS A CB  1 
ATOM   1102 C CG  . HIS A 1 169 ? 10.171  13.084  11.643  1.00 77.86  ? 149 HIS A CG  1 
ATOM   1103 N ND1 . HIS A 1 169 ? 9.566   14.293  11.915  1.00 78.06  ? 149 HIS A ND1 1 
ATOM   1104 C CD2 . HIS A 1 169 ? 11.452  13.198  12.069  1.00 78.11  ? 149 HIS A CD2 1 
ATOM   1105 C CE1 . HIS A 1 169 ? 10.444  15.104  12.478  1.00 80.52  ? 149 HIS A CE1 1 
ATOM   1106 N NE2 . HIS A 1 169 ? 11.594  14.464  12.584  1.00 82.12  ? 149 HIS A NE2 1 
ATOM   1107 N N   . TYR A 1 170 ? 7.166   9.778   10.838  1.00 66.93  ? 150 TYR A N   1 
ATOM   1108 C CA  . TYR A 1 170 ? 6.501   8.680   10.149  1.00 68.20  ? 150 TYR A CA  1 
ATOM   1109 C C   . TYR A 1 170 ? 5.052   9.023   9.842   1.00 68.22  ? 150 TYR A C   1 
ATOM   1110 O O   . TYR A 1 170 ? 4.561   8.764   8.740   1.00 65.15  ? 150 TYR A O   1 
ATOM   1111 C CB  . TYR A 1 170 ? 6.562   7.417   10.999  1.00 72.05  ? 150 TYR A CB  1 
ATOM   1112 C CG  . TYR A 1 170 ? 5.691   6.302   10.476  1.00 68.87  ? 150 TYR A CG  1 
ATOM   1113 C CD1 . TYR A 1 170 ? 6.177   5.405   9.535   1.00 68.91  ? 150 TYR A CD1 1 
ATOM   1114 C CD2 . TYR A 1 170 ? 4.387   6.145   10.920  1.00 68.52  ? 150 TYR A CD2 1 
ATOM   1115 C CE1 . TYR A 1 170 ? 5.392   4.384   9.053   1.00 68.55  ? 150 TYR A CE1 1 
ATOM   1116 C CE2 . TYR A 1 170 ? 3.592   5.129   10.443  1.00 71.41  ? 150 TYR A CE2 1 
ATOM   1117 C CZ  . TYR A 1 170 ? 4.102   4.250   9.511   1.00 71.60  ? 150 TYR A CZ  1 
ATOM   1118 O OH  . TYR A 1 170 ? 3.322   3.229   9.031   1.00 69.92  ? 150 TYR A OH  1 
ATOM   1119 N N   . CYS A 1 171 ? 4.341   9.553   10.835  1.00 67.05  ? 151 CYS A N   1 
ATOM   1120 C CA  . CYS A 1 171 ? 2.942   9.915   10.652  1.00 66.35  ? 151 CYS A CA  1 
ATOM   1121 C C   . CYS A 1 171 ? 2.783   10.944  9.539   1.00 67.50  ? 151 CYS A C   1 
ATOM   1122 O O   . CYS A 1 171 ? 1.909   10.806  8.664   1.00 65.91  ? 151 CYS A O   1 
ATOM   1123 C CB  . CYS A 1 171 ? 2.388   10.446  11.973  1.00 68.52  ? 151 CYS A CB  1 
ATOM   1124 S SG  . CYS A 1 171 ? 0.689   10.964  11.926  1.00 67.36  ? 151 CYS A SG  1 
ATOM   1125 N N   . ASP A 1 172 ? 3.644   11.967  9.546   1.00 63.87  ? 152 ASP A N   1 
ATOM   1126 C CA  . ASP A 1 172 ? 3.627   12.987  8.501   1.00 68.07  ? 152 ASP A CA  1 
ATOM   1127 C C   . ASP A 1 172 ? 3.888   12.379  7.120   1.00 66.76  ? 152 ASP A C   1 
ATOM   1128 O O   . ASP A 1 172 ? 3.206   12.707  6.136   1.00 63.57  ? 152 ASP A O   1 
ATOM   1129 C CB  . ASP A 1 172 ? 4.670   14.053  8.845   1.00 70.97  ? 152 ASP A CB  1 
ATOM   1130 C CG  . ASP A 1 172 ? 4.438   15.359  8.126   1.00 77.28  ? 152 ASP A CG  1 
ATOM   1131 O OD1 . ASP A 1 172 ? 4.779   15.452  6.928   1.00 78.48  ? 152 ASP A OD1 1 
ATOM   1132 O OD2 . ASP A 1 172 ? 3.908   16.297  8.763   1.00 82.62  ? 152 ASP A OD2 1 
ATOM   1133 N N   . GLY A 1 173 ? 4.858   11.472  7.030   1.00 64.14  ? 153 GLY A N   1 
ATOM   1134 C CA  . GLY A 1 173 ? 5.196   10.894  5.742   1.00 66.14  ? 153 GLY A CA  1 
ATOM   1135 C C   . GLY A 1 173 ? 4.113   9.984   5.195   1.00 65.53  ? 153 GLY A C   1 
ATOM   1136 O O   . GLY A 1 173 ? 3.780   10.046  4.005   1.00 64.45  ? 153 GLY A O   1 
ATOM   1137 N N   . LEU A 1 174 ? 3.565   9.112   6.043   1.00 60.13  ? 154 LEU A N   1 
ATOM   1138 C CA  . LEU A 1 174 ? 2.451   8.291   5.599   1.00 60.44  ? 154 LEU A CA  1 
ATOM   1139 C C   . LEU A 1 174 ? 1.300   9.165   5.117   1.00 60.90  ? 154 LEU A C   1 
ATOM   1140 O O   . LEU A 1 174 ? 0.678   8.864   4.094   1.00 59.38  ? 154 LEU A O   1 
ATOM   1141 C CB  . LEU A 1 174 ? 1.992   7.350   6.714   1.00 62.21  ? 154 LEU A CB  1 
ATOM   1142 C CG  . LEU A 1 174 ? 0.797   6.440   6.371   1.00 56.83  ? 154 LEU A CG  1 
ATOM   1143 C CD1 . LEU A 1 174 ? 1.114   5.528   5.180   1.00 58.02  ? 154 LEU A CD1 1 
ATOM   1144 C CD2 . LEU A 1 174 ? 0.358   5.605   7.569   1.00 59.35  ? 154 LEU A CD2 1 
ATOM   1145 N N   . GLY A 1 175 ? 1.010   10.261  5.828   1.00 61.22  ? 155 GLY A N   1 
ATOM   1146 C CA  . GLY A 1 175 ? -0.099  11.110  5.415   1.00 61.43  ? 155 GLY A CA  1 
ATOM   1147 C C   . GLY A 1 175 ? 0.142   11.775  4.072   1.00 63.79  ? 155 GLY A C   1 
ATOM   1148 O O   . GLY A 1 175 ? -0.779  11.919  3.256   1.00 60.90  ? 155 GLY A O   1 
ATOM   1149 N N   . ILE A 1 176 ? 1.387   12.182  3.819   1.00 61.43  ? 156 ILE A N   1 
ATOM   1150 C CA  . ILE A 1 176 ? 1.721   12.745  2.516   1.00 62.81  ? 156 ILE A CA  1 
ATOM   1151 C C   . ILE A 1 176 ? 1.545   11.697  1.421   1.00 61.57  ? 156 ILE A C   1 
ATOM   1152 O O   . ILE A 1 176 ? 0.989   11.979  0.347   1.00 62.76  ? 156 ILE A O   1 
ATOM   1153 C CB  . ILE A 1 176 ? 3.150   13.311  2.540   1.00 61.50  ? 156 ILE A CB  1 
ATOM   1154 C CG1 . ILE A 1 176 ? 3.202   14.562  3.431   1.00 71.32  ? 156 ILE A CG1 1 
ATOM   1155 C CG2 . ILE A 1 176 ? 3.615   13.604  1.133   1.00 60.83  ? 156 ILE A CG2 1 
ATOM   1156 C CD1 . ILE A 1 176 ? 4.602   15.133  3.655   1.00 69.28  ? 156 ILE A CD1 1 
ATOM   1157 N N   . ALA A 1 177 ? 2.033   10.479  1.671   1.00 57.55  ? 157 ALA A N   1 
ATOM   1158 C CA  . ALA A 1 177 ? 1.858   9.395   0.713   1.00 59.30  ? 157 ALA A CA  1 
ATOM   1159 C C   . ALA A 1 177 ? 0.384   9.154   0.418   1.00 61.40  ? 157 ALA A C   1 
ATOM   1160 O O   . ALA A 1 177 ? -0.001  8.935   -0.739  1.00 62.17  ? 157 ALA A O   1 
ATOM   1161 C CB  . ALA A 1 177 ? 2.513   8.121   1.249   1.00 59.50  ? 157 ALA A CB  1 
ATOM   1162 N N   . ASN A 1 178 ? -0.457  9.202   1.457   1.00 58.64  ? 158 ASN A N   1 
ATOM   1163 C CA  . ASN A 1 178 ? -1.882  8.976   1.260   1.00 59.43  ? 158 ASN A CA  1 
ATOM   1164 C C   . ASN A 1 178 ? -2.504  10.093  0.432   1.00 62.41  ? 158 ASN A C   1 
ATOM   1165 O O   . ASN A 1 178 ? -3.374  9.835   -0.402  1.00 63.19  ? 158 ASN A O   1 
ATOM   1166 C CB  . ASN A 1 178 ? -2.591  8.831   2.608   1.00 58.33  ? 158 ASN A CB  1 
ATOM   1167 C CG  . ASN A 1 178 ? -2.361  7.468   3.247   1.00 58.98  ? 158 ASN A CG  1 
ATOM   1168 O OD1 . ASN A 1 178 ? -1.733  6.589   2.658   1.00 56.81  ? 158 ASN A OD1 1 
ATOM   1169 N ND2 . ASN A 1 178 ? -2.850  7.299   4.470   1.00 56.63  ? 158 ASN A ND2 1 
ATOM   1170 N N   . GLN A 1 179 ? -2.068  11.335  0.634   1.00 61.71  ? 159 GLN A N   1 
ATOM   1171 C CA  . GLN A 1 179 ? -2.552  12.417  -0.219  1.00 63.04  ? 159 GLN A CA  1 
ATOM   1172 C C   . GLN A 1 179 ? -2.191  12.169  -1.683  1.00 66.80  ? 159 GLN A C   1 
ATOM   1173 O O   . GLN A 1 179 ? -3.048  12.269  -2.575  1.00 66.26  ? 159 GLN A O   1 
ATOM   1174 C CB  . GLN A 1 179 ? -1.981  13.755  0.244   1.00 65.49  ? 159 GLN A CB  1 
ATOM   1175 C CG  . GLN A 1 179 ? -2.614  14.320  1.497   1.00 68.23  ? 159 GLN A CG  1 
ATOM   1176 C CD  . GLN A 1 179 ? -2.154  15.738  1.765   1.00 68.82  ? 159 GLN A CD  1 
ATOM   1177 O OE1 . GLN A 1 179 ? -1.415  15.992  2.716   1.00 70.55  ? 159 GLN A OE1 1 
ATOM   1178 N NE2 . GLN A 1 179 ? -2.577  16.671  0.915   1.00 69.77  ? 159 GLN A NE2 1 
ATOM   1179 N N   . LEU A 1 180 ? -0.915  11.863  -1.951  1.00 63.22  ? 160 LEU A N   1 
ATOM   1180 C CA  . LEU A 1 180 ? -0.487  11.663  -3.337  1.00 67.83  ? 160 LEU A CA  1 
ATOM   1181 C C   . LEU A 1 180 ? -1.277  10.536  -3.992  1.00 64.79  ? 160 LEU A C   1 
ATOM   1182 O O   . LEU A 1 180 ? -1.771  10.681  -5.123  1.00 67.58  ? 160 LEU A O   1 
ATOM   1183 C CB  . LEU A 1 180 ? 1.017   11.371  -3.397  1.00 62.17  ? 160 LEU A CB  1 
ATOM   1184 C CG  . LEU A 1 180 ? 1.987   12.501  -3.043  1.00 63.95  ? 160 LEU A CG  1 
ATOM   1185 C CD1 . LEU A 1 180 ? 3.412   11.973  -3.004  1.00 61.73  ? 160 LEU A CD1 1 
ATOM   1186 C CD2 . LEU A 1 180 ? 1.886   13.675  -4.019  1.00 59.78  ? 160 LEU A CD2 1 
ATOM   1187 N N   . LEU A 1 181 ? -1.444  9.419   -3.273  1.00 62.29  ? 161 LEU A N   1 
ATOM   1188 C CA  . LEU A 1 181 ? -2.171  8.279   -3.822  1.00 64.16  ? 161 LEU A CA  1 
ATOM   1189 C C   . LEU A 1 181 ? -3.649  8.595   -4.028  1.00 65.96  ? 161 LEU A C   1 
ATOM   1190 O O   . LEU A 1 181 ? -4.237  8.199   -5.042  1.00 67.41  ? 161 LEU A O   1 
ATOM   1191 C CB  . LEU A 1 181 ? -2.011  7.070   -2.910  1.00 62.62  ? 161 LEU A CB  1 
ATOM   1192 C CG  . LEU A 1 181 ? -0.594  6.528   -2.802  1.00 64.06  ? 161 LEU A CG  1 
ATOM   1193 C CD1 . LEU A 1 181 ? -0.552  5.398   -1.797  1.00 61.18  ? 161 LEU A CD1 1 
ATOM   1194 C CD2 . LEU A 1 181 ? -0.134  6.054   -4.157  1.00 66.06  ? 161 LEU A CD2 1 
ATOM   1195 N N   . ALA A 1 182 ? -4.274  9.285   -3.075  1.00 63.66  ? 162 ALA A N   1 
ATOM   1196 C CA  . ALA A 1 182 ? -5.685  9.618   -3.220  1.00 67.03  ? 162 ALA A CA  1 
ATOM   1197 C C   . ALA A 1 182 ? -5.906  10.508  -4.429  1.00 68.29  ? 162 ALA A C   1 
ATOM   1198 O O   . ALA A 1 182 ? -6.900  10.360  -5.148  1.00 65.55  ? 162 ALA A O   1 
ATOM   1199 C CB  . ALA A 1 182 ? -6.191  10.303  -1.952  1.00 63.28  ? 162 ALA A CB  1 
ATOM   1200 N N   . LYS A 1 183 ? -4.980  11.436  -4.669  1.00 68.61  ? 163 LYS A N   1 
ATOM   1201 C CA  . LYS A 1 183 ? -5.111  12.322  -5.816  1.00 70.28  ? 163 LYS A CA  1 
ATOM   1202 C C   . LYS A 1 183 ? -4.961  11.554  -7.122  1.00 71.44  ? 163 LYS A C   1 
ATOM   1203 O O   . LYS A 1 183 ? -5.708  11.796  -8.076  1.00 71.12  ? 163 LYS A O   1 
ATOM   1204 C CB  . LYS A 1 183 ? -4.081  13.450  -5.727  1.00 68.54  ? 163 LYS A CB  1 
ATOM   1205 C CG  . LYS A 1 183 ? -4.357  14.629  -6.654  1.00 78.00  ? 163 LYS A CG  1 
ATOM   1206 C CD  . LYS A 1 183 ? -3.264  15.688  -6.531  1.00 84.08  ? 163 LYS A CD  1 
ATOM   1207 C CE  . LYS A 1 183 ? -3.593  16.950  -7.318  1.00 76.39  ? 163 LYS A CE  1 
ATOM   1208 N NZ  . LYS A 1 183 ? -2.383  17.822  -7.436  1.00 79.96  ? 163 LYS A NZ  1 
ATOM   1209 N N   . SER A 1 184 ? -4.006  10.621  -7.192  1.00 68.73  ? 164 SER A N   1 
ATOM   1210 C CA  . SER A 1 184 ? -3.870  9.864   -8.434  1.00 70.56  ? 164 SER A CA  1 
ATOM   1211 C C   . SER A 1 184 ? -4.956  8.811   -8.613  1.00 72.05  ? 164 SER A C   1 
ATOM   1212 O O   . SER A 1 184 ? -5.241  8.424   -9.753  1.00 76.42  ? 164 SER A O   1 
ATOM   1213 C CB  . SER A 1 184 ? -2.500  9.201   -8.509  1.00 71.00  ? 164 SER A CB  1 
ATOM   1214 O OG  . SER A 1 184 ? -1.576  10.084  -9.112  1.00 80.79  ? 164 SER A OG  1 
ATOM   1215 N N   . ALA A 1 185 ? -5.572  8.346   -7.532  1.00 66.41  ? 165 ALA A N   1 
ATOM   1216 C CA  . ALA A 1 185 ? -6.528  7.254   -7.626  1.00 69.77  ? 165 ALA A CA  1 
ATOM   1217 C C   . ALA A 1 185 ? -7.854  7.718   -8.221  1.00 72.36  ? 165 ALA A C   1 
ATOM   1218 O O   . ALA A 1 185 ? -8.242  8.887   -8.111  1.00 70.49  ? 165 ALA A O   1 
ATOM   1219 C CB  . ALA A 1 185 ? -6.777  6.628   -6.253  1.00 65.68  ? 165 ALA A CB  1 
ATOM   1220 N N   . ASP A 1 186 ? -8.555  6.772   -8.847  1.00 67.82  ? 166 ASP A N   1 
ATOM   1221 C CA  . ASP A 1 186 ? -9.881  7.058   -9.378  1.00 70.32  ? 166 ASP A CA  1 
ATOM   1222 C C   . ASP A 1 186 ? -10.945 6.914   -8.302  1.00 70.08  ? 166 ASP A C   1 
ATOM   1223 O O   . ASP A 1 186 ? -11.892 7.709   -8.255  1.00 71.52  ? 166 ASP A O   1 
ATOM   1224 C CB  . ASP A 1 186 ? -10.181 6.135   -10.561 1.00 72.11  ? 166 ASP A CB  1 
ATOM   1225 C CG  . ASP A 1 186 ? -9.101  6.190   -11.629 1.00 71.57  ? 166 ASP A CG  1 
ATOM   1226 O OD1 . ASP A 1 186 ? -9.028  7.203   -12.355 1.00 74.40  ? 166 ASP A OD1 1 
ATOM   1227 O OD2 . ASP A 1 186 ? -8.302  5.234   -11.722 1.00 71.49  ? 166 ASP A OD2 1 
ATOM   1228 N N   . GLU A 1 187 ? -10.811 5.921   -7.421  1.00 69.31  ? 167 GLU A N   1 
ATOM   1229 C CA  . GLU A 1 187 ? -11.758 5.764   -6.319  1.00 72.27  ? 167 GLU A CA  1 
ATOM   1230 C C   . GLU A 1 187 ? -11.013 5.675   -4.991  1.00 70.05  ? 167 GLU A C   1 
ATOM   1231 O O   . GLU A 1 187 ? -9.974  5.014   -4.896  1.00 68.05  ? 167 GLU A O   1 
ATOM   1232 C CB  . GLU A 1 187 ? -12.654 4.529   -6.520  1.00 72.12  ? 167 GLU A CB  1 
ATOM   1233 C CG  . GLU A 1 187 ? -13.641 4.672   -7.686  1.00 76.81  ? 167 GLU A CG  1 
ATOM   1234 C CD  . GLU A 1 187 ? -14.536 3.459   -7.867  1.00 80.11  ? 167 GLU A CD  1 
ATOM   1235 O OE1 . GLU A 1 187 ? -14.450 2.528   -7.039  1.00 77.51  ? 167 GLU A OE1 1 
ATOM   1236 O OE2 . GLU A 1 187 ? -15.328 3.437   -8.837  1.00 86.15  ? 167 GLU A OE2 1 
ATOM   1237 N N   . VAL A 1 188 ? -11.551 6.349   -3.971  1.00 65.88  ? 168 VAL A N   1 
ATOM   1238 C CA  . VAL A 1 188 ? -10.938 6.438   -2.649  1.00 64.00  ? 168 VAL A CA  1 
ATOM   1239 C C   . VAL A 1 188 ? -12.005 6.146   -1.603  1.00 67.18  ? 168 VAL A C   1 
ATOM   1240 O O   . VAL A 1 188 ? -13.037 6.824   -1.554  1.00 67.90  ? 168 VAL A O   1 
ATOM   1241 C CB  . VAL A 1 188 ? -10.306 7.816   -2.394  1.00 65.93  ? 168 VAL A CB  1 
ATOM   1242 C CG1 . VAL A 1 188 ? -9.866  7.925   -0.950  1.00 64.10  ? 168 VAL A CG1 1 
ATOM   1243 C CG2 . VAL A 1 188 ? -9.129  8.040   -3.319  1.00 63.12  ? 168 VAL A CG2 1 
ATOM   1244 N N   . TYR A 1 189 ? -11.757 5.143   -0.772  1.00 68.20  ? 169 TYR A N   1 
ATOM   1245 C CA  . TYR A 1 189 ? -12.681 4.734   0.271   1.00 64.74  ? 169 TYR A CA  1 
ATOM   1246 C C   . TYR A 1 189 ? -12.002 4.860   1.626   1.00 66.79  ? 169 TYR A C   1 
ATOM   1247 O O   . TYR A 1 189 ? -10.810 4.557   1.770   1.00 60.99  ? 169 TYR A O   1 
ATOM   1248 C CB  . TYR A 1 189 ? -13.158 3.301   0.057   1.00 66.33  ? 169 TYR A CB  1 
ATOM   1249 C CG  . TYR A 1 189 ? -13.941 3.110   -1.227  1.00 70.34  ? 169 TYR A CG  1 
ATOM   1250 C CD1 . TYR A 1 189 ? -15.313 3.354   -1.273  1.00 70.75  ? 169 TYR A CD1 1 
ATOM   1251 C CD2 . TYR A 1 189 ? -13.310 2.697   -2.391  1.00 69.11  ? 169 TYR A CD2 1 
ATOM   1252 C CE1 . TYR A 1 189 ? -16.036 3.182   -2.446  1.00 73.26  ? 169 TYR A CE1 1 
ATOM   1253 C CE2 . TYR A 1 189 ? -14.020 2.523   -3.566  1.00 74.44  ? 169 TYR A CE2 1 
ATOM   1254 C CZ  . TYR A 1 189 ? -15.381 2.765   -3.591  1.00 76.21  ? 169 TYR A CZ  1 
ATOM   1255 O OH  . TYR A 1 189 ? -16.080 2.589   -4.761  1.00 75.52  ? 169 TYR A OH  1 
ATOM   1256 N N   . PHE A 1 190 ? -12.775 5.319   2.605   1.00 64.05  ? 170 PHE A N   1 
ATOM   1257 C CA  . PHE A 1 190 ? -12.321 5.512   3.973   1.00 59.09  ? 170 PHE A CA  1 
ATOM   1258 C C   . PHE A 1 190 ? -13.161 4.608   4.859   1.00 63.44  ? 170 PHE A C   1 
ATOM   1259 O O   . PHE A 1 190 ? -14.387 4.722   4.875   1.00 64.33  ? 170 PHE A O   1 
ATOM   1260 C CB  . PHE A 1 190 ? -12.467 6.980   4.376   1.00 63.29  ? 170 PHE A CB  1 
ATOM   1261 C CG  . PHE A 1 190 ? -12.174 7.256   5.814   1.00 64.52  ? 170 PHE A CG  1 
ATOM   1262 C CD1 . PHE A 1 190 ? -10.871 7.205   6.297   1.00 65.86  ? 170 PHE A CD1 1 
ATOM   1263 C CD2 . PHE A 1 190 ? -13.197 7.594   6.684   1.00 62.96  ? 170 PHE A CD2 1 
ATOM   1264 C CE1 . PHE A 1 190 ? -10.597 7.473   7.628   1.00 62.54  ? 170 PHE A CE1 1 
ATOM   1265 C CE2 . PHE A 1 190 ? -12.933 7.868   8.010   1.00 64.87  ? 170 PHE A CE2 1 
ATOM   1266 C CZ  . PHE A 1 190 ? -11.631 7.806   8.484   1.00 63.23  ? 170 PHE A CZ  1 
ATOM   1267 N N   . MET A 1 191 ? -12.512 3.705   5.581   1.00 65.36  ? 171 MET A N   1 
ATOM   1268 C CA  . MET A 1 191 ? -13.199 2.629   6.283   1.00 63.45  ? 171 MET A CA  1 
ATOM   1269 C C   . MET A 1 191 ? -13.482 3.028   7.725   1.00 63.78  ? 171 MET A C   1 
ATOM   1270 O O   . MET A 1 191 ? -12.590 3.516   8.426   1.00 66.22  ? 171 MET A O   1 
ATOM   1271 C CB  . MET A 1 191 ? -12.361 1.351   6.243   1.00 60.43  ? 171 MET A CB  1 
ATOM   1272 C CG  . MET A 1 191 ? -11.951 0.925   4.845   1.00 61.89  ? 171 MET A CG  1 
ATOM   1273 S SD  . MET A 1 191 ? -13.340 0.544   3.744   1.00 64.29  ? 171 MET A SD  1 
ATOM   1274 C CE  . MET A 1 191 ? -14.201 -0.704  4.700   1.00 63.92  ? 171 MET A CE  1 
ATOM   1275 N N   . VAL A 1 192 ? -14.726 2.828   8.157   1.00 64.43  ? 172 VAL A N   1 
ATOM   1276 C CA  . VAL A 1 192 ? -15.141 3.022   9.541   1.00 64.30  ? 172 VAL A CA  1 
ATOM   1277 C C   . VAL A 1 192 ? -15.863 1.750   9.956   1.00 65.44  ? 172 VAL A C   1 
ATOM   1278 O O   . VAL A 1 192 ? -16.918 1.426   9.396   1.00 63.99  ? 172 VAL A O   1 
ATOM   1279 C CB  . VAL A 1 192 ? -16.058 4.240   9.726   1.00 62.61  ? 172 VAL A CB  1 
ATOM   1280 C CG1 . VAL A 1 192 ? -16.461 4.374   11.186  1.00 63.15  ? 172 VAL A CG1 1 
ATOM   1281 C CG2 . VAL A 1 192 ? -15.381 5.503   9.246   1.00 67.09  ? 172 VAL A CG2 1 
ATOM   1282 N N   . ALA A 1 193 ? -15.292 1.022   10.916  1.00 64.63  ? 173 ALA A N   1 
ATOM   1283 C CA  . ALA A 1 193 ? -15.917 -0.168  11.499  1.00 63.29  ? 173 ALA A CA  1 
ATOM   1284 C C   . ALA A 1 193 ? -16.347 -1.165  10.423  1.00 65.90  ? 173 ALA A C   1 
ATOM   1285 O O   . ALA A 1 193 ? -17.438 -1.736  10.475  1.00 61.77  ? 173 ALA A O   1 
ATOM   1286 C CB  . ALA A 1 193 ? -17.100 0.213   12.389  1.00 60.40  ? 173 ALA A CB  1 
ATOM   1287 N N   . GLY A 1 194 ? -15.475 -1.382  9.442   1.00 66.03  ? 174 GLY A N   1 
ATOM   1288 C CA  . GLY A 1 194 ? -15.733 -2.323  8.375   1.00 64.28  ? 174 GLY A CA  1 
ATOM   1289 C C   . GLY A 1 194 ? -16.542 -1.780  7.217   1.00 69.20  ? 174 GLY A C   1 
ATOM   1290 O O   . GLY A 1 194 ? -16.599 -2.431  6.166   1.00 71.21  ? 174 GLY A O   1 
ATOM   1291 N N   . LEU A 1 195 ? -17.161 -0.613  7.362   1.00 68.37  ? 175 LEU A N   1 
ATOM   1292 C CA  . LEU A 1 195 ? -17.981 -0.135  6.266   1.00 65.66  ? 175 LEU A CA  1 
ATOM   1293 C C   . LEU A 1 195 ? -17.320 1.043   5.568   1.00 67.49  ? 175 LEU A C   1 
ATOM   1294 O O   . LEU A 1 195 ? -16.687 1.881   6.220   1.00 66.96  ? 175 LEU A O   1 
ATOM   1295 C CB  . LEU A 1 195 ? -19.365 0.285   6.760   1.00 65.25  ? 175 LEU A CB  1 
ATOM   1296 C CG  . LEU A 1 195 ? -20.051 -0.691  7.714   1.00 70.77  ? 175 LEU A CG  1 
ATOM   1297 C CD1 . LEU A 1 195 ? -21.325 -0.072  8.260   1.00 69.65  ? 175 LEU A CD1 1 
ATOM   1298 C CD2 . LEU A 1 195 ? -20.344 -2.010  7.016   1.00 68.70  ? 175 LEU A CD2 1 
ATOM   1299 N N   . PRO A 1 196 ? -17.452 1.130   4.250   1.00 68.32  ? 176 PRO A N   1 
ATOM   1300 C CA  . PRO A 1 196 ? -16.776 2.196   3.500   1.00 64.25  ? 176 PRO A CA  1 
ATOM   1301 C C   . PRO A 1 196 ? -17.579 3.476   3.362   1.00 67.11  ? 176 PRO A C   1 
ATOM   1302 O O   . PRO A 1 196 ? -18.774 3.447   3.062   1.00 69.63  ? 176 PRO A O   1 
ATOM   1303 C CB  . PRO A 1 196 ? -16.554 1.554   2.123   1.00 69.78  ? 176 PRO A CB  1 
ATOM   1304 C CG  . PRO A 1 196 ? -17.719 0.616   1.975   1.00 71.36  ? 176 PRO A CG  1 
ATOM   1305 C CD  . PRO A 1 196 ? -18.005 0.088   3.366   1.00 69.73  ? 176 PRO A CD  1 
ATOM   1306 N N   . LEU A 1 197 ? -16.922 4.607   3.580   1.00 67.95  ? 177 LEU A N   1 
ATOM   1307 C CA  . LEU A 1 197 ? -17.418 5.906   3.167   1.00 66.40  ? 177 LEU A CA  1 
ATOM   1308 C C   . LEU A 1 197 ? -16.703 6.281   1.875   1.00 67.96  ? 177 LEU A C   1 
ATOM   1309 O O   . LEU A 1 197 ? -15.471 6.179   1.788   1.00 66.57  ? 177 LEU A O   1 
ATOM   1310 C CB  . LEU A 1 197 ? -17.168 6.965   4.244   1.00 67.86  ? 177 LEU A CB  1 
ATOM   1311 C CG  . LEU A 1 197 ? -17.931 6.938   5.566   1.00 64.42  ? 177 LEU A CG  1 
ATOM   1312 C CD1 . LEU A 1 197 ? -17.287 7.921   6.533   1.00 62.46  ? 177 LEU A CD1 1 
ATOM   1313 C CD2 . LEU A 1 197 ? -19.399 7.286   5.355   1.00 66.03  ? 177 LEU A CD2 1 
ATOM   1314 N N   . THR A 1 198 ? -17.474 6.688   0.874   1.00 65.80  ? 178 THR A N   1 
ATOM   1315 C CA  . THR A 1 198 ? -16.903 7.072   -0.406  1.00 65.16  ? 178 THR A CA  1 
ATOM   1316 C C   . THR A 1 198 ? -16.347 8.478   -0.295  1.00 66.92  ? 178 THR A C   1 
ATOM   1317 O O   . THR A 1 198 ? -17.087 9.424   0.001   1.00 72.37  ? 178 THR A O   1 
ATOM   1318 C CB  . THR A 1 198 ? -17.955 7.009   -1.505  1.00 63.63  ? 178 THR A CB  1 
ATOM   1319 O OG1 . THR A 1 198 ? -18.519 5.695   -1.545  1.00 65.33  ? 178 THR A OG1 1 
ATOM   1320 C CG2 . THR A 1 198 ? -17.320 7.335   -2.842  1.00 66.49  ? 178 THR A CG2 1 
ATOM   1321 N N   . VAL A 1 199 ? -15.049 8.621   -0.516  1.00 64.37  ? 179 VAL A N   1 
ATOM   1322 C CA  . VAL A 1 199 ? -14.425 9.931   -0.533  1.00 65.52  ? 179 VAL A CA  1 
ATOM   1323 C C   . VAL A 1 199 ? -14.386 10.498  -1.945  1.00 68.43  ? 179 VAL A C   1 
ATOM   1324 O O   . VAL A 1 199 ? -14.543 11.703  -2.143  1.00 69.25  ? 179 VAL A O   1 
ATOM   1325 C CB  . VAL A 1 199 ? -13.015 9.808   0.070   1.00 64.34  ? 179 VAL A CB  1 
ATOM   1326 C CG1 . VAL A 1 199 ? -12.378 11.165  0.207   1.00 66.54  ? 179 VAL A CG1 1 
ATOM   1327 C CG2 . VAL A 1 199 ? -13.083 9.109   1.418   1.00 63.74  ? 179 VAL A CG2 1 
ATOM   1328 N N   . LYS A 1 200 ? -14.192 9.633   -2.936  1.00 69.86  ? 180 LYS A N   1 
ATOM   1329 C CA  . LYS A 1 200 ? -13.988 10.042  -4.317  1.00 72.45  ? 180 LYS A CA  1 
ATOM   1330 C C   . LYS A 1 200 ? -14.445 8.911   -5.223  1.00 75.22  ? 180 LYS A C   1 
ATOM   1331 O O   . LYS A 1 200 ? -14.051 7.759   -5.016  1.00 74.94  ? 180 LYS A O   1 
ATOM   1332 C CB  . LYS A 1 200 ? -12.514 10.369  -4.557  1.00 69.03  ? 180 LYS A CB  1 
ATOM   1333 C CG  . LYS A 1 200 ? -12.113 10.710  -5.977  1.00 67.62  ? 180 LYS A CG  1 
ATOM   1334 C CD  . LYS A 1 200 ? -10.606 10.916  -5.976  1.00 69.51  ? 180 LYS A CD  1 
ATOM   1335 C CE  . LYS A 1 200 ? -10.062 11.309  -7.317  1.00 71.39  ? 180 LYS A CE  1 
ATOM   1336 N NZ  . LYS A 1 200 ? -8.573  11.272  -7.268  1.00 69.45  ? 180 LYS A NZ  1 
ATOM   1337 N N   . LYS A 1 201 ? -15.285 9.232   -6.207  1.00 76.20  ? 181 LYS A N   1 
ATOM   1338 C CA  . LYS A 1 201 ? -15.691 8.250   -7.207  1.00 80.05  ? 181 LYS A CA  1 
ATOM   1339 C C   . LYS A 1 201 ? -15.909 8.956   -8.533  1.00 85.52  ? 181 LYS A C   1 
ATOM   1340 O O   . LYS A 1 201 ? -16.587 9.987   -8.587  1.00 90.06  ? 181 LYS A O   1 
ATOM   1341 C CB  . LYS A 1 201 ? -16.966 7.509   -6.797  1.00 85.25  ? 181 LYS A CB  1 
ATOM   1342 C CG  . LYS A 1 201 ? -17.360 6.392   -7.758  1.00 87.72  ? 181 LYS A CG  1 
ATOM   1343 C CD  . LYS A 1 201 ? -18.534 5.591   -7.216  1.00 88.94  ? 181 LYS A CD  1 
ATOM   1344 C CE  . LYS A 1 201 ? -18.516 4.158   -7.733  1.00 90.25  ? 181 LYS A CE  1 
ATOM   1345 N NZ  . LYS A 1 201 ? -19.202 3.228   -6.786  1.00 89.62  ? 181 LYS A NZ  1 
ATOM   1346 N N   . GLY A 1 202 ? -15.329 8.405   -9.591  1.00 87.60  ? 182 GLY A N   1 
ATOM   1347 C CA  . GLY A 1 202 ? -15.549 8.923   -10.925 1.00 93.92  ? 182 GLY A CA  1 
ATOM   1348 C C   . GLY A 1 202 ? -16.946 8.601   -11.415 1.00 101.74 ? 182 GLY A C   1 
ATOM   1349 O O   . GLY A 1 202 ? -17.520 7.570   -11.052 1.00 102.08 ? 182 GLY A O   1 
ATOM   1350 O OXT . GLY A 1 202 ? -17.536 9.365   -12.182 1.00 109.22 ? 182 GLY A OXT 1 
HETATM 1351 C C1  . GOL B 2 .   ? -7.117  -3.958  9.231   1.00 66.01  ? 201 GOL A C1  1 
HETATM 1352 O O1  . GOL B 2 .   ? -7.915  -2.824  9.326   1.00 60.95  ? 201 GOL A O1  1 
HETATM 1353 C C2  . GOL B 2 .   ? -8.062  -5.087  8.888   1.00 66.49  ? 201 GOL A C2  1 
HETATM 1354 O O2  . GOL B 2 .   ? -8.537  -4.942  7.600   1.00 70.70  ? 201 GOL A O2  1 
HETATM 1355 C C3  . GOL B 2 .   ? -9.178  -4.940  9.939   1.00 69.03  ? 201 GOL A C3  1 
HETATM 1356 O O3  . GOL B 2 .   ? -9.891  -6.127  10.058  1.00 74.86  ? 201 GOL A O3  1 
HETATM 1357 O O   . HOH C 3 .   ? -10.637 3.518   10.150  1.00 66.46  ? 301 HOH A O   1 
HETATM 1358 O O   . HOH C 3 .   ? 7.778   2.176   -5.589  1.00 60.96  ? 302 HOH A O   1 
HETATM 1359 O O   . HOH C 3 .   ? -0.926  9.643   -11.497 1.00 70.90  ? 303 HOH A O   1 
HETATM 1360 O O   . HOH C 3 .   ? 3.693   7.401   23.623  1.00 98.18  ? 304 HOH A O   1 
HETATM 1361 O O   . HOH C 3 .   ? 19.100  1.913   9.355   1.00 65.96  ? 305 HOH A O   1 
HETATM 1362 O O   . HOH C 3 .   ? -4.122  9.520   5.680   1.00 66.50  ? 306 HOH A O   1 
HETATM 1363 O O   . HOH C 3 .   ? -2.444  11.081  15.193  1.00 61.68  ? 307 HOH A O   1 
HETATM 1364 O O   . HOH C 3 .   ? -5.028  12.776  8.508   1.00 62.57  ? 308 HOH A O   1 
HETATM 1365 O O   . HOH C 3 .   ? -13.380 -0.888  13.913  1.00 61.70  ? 309 HOH A O   1 
HETATM 1366 O O   . HOH C 3 .   ? -7.729  9.426   -11.548 1.00 73.93  ? 310 HOH A O   1 
HETATM 1367 O O   . HOH C 3 .   ? -0.842  11.321  9.037   1.00 60.40  ? 311 HOH A O   1 
HETATM 1368 O O   . HOH C 3 .   ? 12.999  -1.802  -13.221 1.00 75.90  ? 312 HOH A O   1 
HETATM 1369 O O   . HOH C 3 .   ? 10.298  8.369   -8.430  1.00 73.78  ? 313 HOH A O   1 
HETATM 1370 O O   . HOH C 3 .   ? -5.552  -3.733  11.898  1.00 63.25  ? 314 HOH A O   1 
HETATM 1371 O O   . HOH C 3 .   ? 6.055   2.465   12.853  1.00 78.19  ? 315 HOH A O   1 
HETATM 1372 O O   . HOH C 3 .   ? 16.647  -2.099  2.994   1.00 80.55  ? 316 HOH A O   1 
HETATM 1373 O O   . HOH C 3 .   ? -6.341  11.083  -10.996 1.00 74.32  ? 317 HOH A O   1 
HETATM 1374 O O   . HOH C 3 .   ? 15.908  4.318   -8.148  1.00 76.16  ? 318 HOH A O   1 
HETATM 1375 O O   . HOH C 3 .   ? -1.540  18.736  17.818  1.00 75.28  ? 319 HOH A O   1 
HETATM 1376 O O   . HOH C 3 .   ? -2.869  8.472   19.250  0.33 73.90  ? 320 HOH A O   1 
HETATM 1377 O O   . HOH C 3 .   ? -4.064  6.067   -12.294 1.00 72.36  ? 321 HOH A O   1 
HETATM 1378 O O   . HOH C 3 .   ? 0.680   16.924  -0.996  1.00 75.52  ? 322 HOH A O   1 
HETATM 1379 O O   . HOH C 3 .   ? -17.785 -1.656  -5.469  1.00 74.31  ? 323 HOH A O   1 
HETATM 1380 O O   . HOH C 3 .   ? 8.468   9.988   -11.827 1.00 79.64  ? 324 HOH A O   1 
HETATM 1381 O O   . HOH C 3 .   ? 10.144  11.284  -9.805  1.00 81.74  ? 325 HOH A O   1 
# 
